data_7NK4
#
_entry.id   7NK4
#
_cell.length_a   1.00
_cell.length_b   1.00
_cell.length_c   1.00
_cell.angle_alpha   90.00
_cell.angle_beta   90.00
_cell.angle_gamma   90.00
#
_symmetry.space_group_name_H-M   'P 1'
#
loop_
_entity.id
_entity.type
_entity.pdbx_description
1 polymer 'Polymerase acidic protein'
2 polymer 'RNA-directed RNA polymerase catalytic subunit'
3 polymer 'Polymerase basic protein 2,Polymerase basic protein 2'
4 polymer "RNA (5'-R(P*GP*GP*CP*CP*UP*GP*CP*U)-3')"
5 polymer "RNA (5'-R(P*AP*GP*UP*AP*GP*AP*AP*AP*CP*AP*AP*GP*GP*CP*C)-3')"
6 polymer 'Nanobody 8203'
#
loop_
_entity_poly.entity_id
_entity_poly.type
_entity_poly.pdbx_seq_one_letter_code
_entity_poly.pdbx_strand_id
1 'polypeptide(L)'
;MEDFVRQCFNPMIVELAEKAMKEYGEDLKIETNKFAAICTHLEVCFMYSDFHFINERGESIIVESGDPNALLKHRFEIIE
GRDRTMAWTVVNSICNTTGAEKPKFLPDLYDYKENRFIEIGVTRREVHIYYLEKANKIKSEKTHIHIFSFTGEEMATKAD
YTLDEESRARIKTRLFTIRQEMASRGLWDSFRQSERGEETIEERFEITGTMRRLADQSLPPNFSSLENFRAYVDGFEPNG
YIEGKLSQMSKEVNARIEPFLKTTPRPLRLPDGPPCSQRSKFLLMDALKLSIEDPSHEGEGIPLYDAIKCMRTFFGWKEP
NVVKPHEKGINPNYLLAWKQVLAELQDIENEEKIPKTKNMKKTSQLKWALGENMAPEKVDFDDCKDVSDLKQYDSDEPEL
RSLASWIQSEFNKACELTDSSWIELDEIGEDVAPIEHIASMRRNYFTAEVSHCRATEYIMKGVYINTALLNASCAAMDDF
QLIPMISKCRTKEGRRKTNLYGFIIKGRSHLRNDTDVVNFVSMEFSLTDPRLEPHKWEKYCVLEIGDMLLRSAIGQVSRP
MFLYVRTNGTSKIKMKWGMEMRRCLLQSLQQIESMIEAESSVKEKDMTKEFFENKSETWPIGESPKGVEEGSIGKVCRTL
LAKSVFNSLYASPQLEGFSAESRKLLLIVQALRDNLEPGTFDLGGLYEAIEECLINDPWVLLNASWFNSFLTHALR
;
A
2 'polypeptide(L)'
;MDVNPTLLFLKVPAQNAISTTFPYTGDPPYSHGTGTGYTMDTVNRTHQYSEKGRWTTNTETGAPQLNPIDGPLPEDNEPS
GYAQTDCVLEAMAFLEESHPGIFENSCLETMEVVQQTRVDKLTQGRQTYDWTLNRNQPAATALANTIEVFRSNGLTANES
GRLIDFLKDVMESMDKEEMEITTHFQRKRRVRDNMTKKMVTQRTIGKKKQRLNKRSYLIRALTLNTMTKDAERGKLKRRA
IATPGMQIRGFVYFVETLARSICEKLEQSGLPVGGNEKKAKLANVVRKMMTNSQDTELSFTITGDNTKWNENQNPRMFLA
MITYITRNQPEWFRNVLSIAPIMFSNKMARLGKGYMFESKSMKLRTQIPAEMLASIDLKYFNDSTRKKIEKIRPLLIDGT
ASLSPGMMMGMFNMLSTVLGVSILNLGQKRYTKTTYWWDGLQSSDDFALIVNAPNHEGIQAGVDRFYRTCKLLGINMSKK
KSYINRTGTFEFTSFFYRYGFVANFSMELPSFGVSGINESADMSIGVTVIKNNMINNDLGPATAQMALQLFIKDYRYTYR
CHRGDTQIQTRRSFEIKKLWEQTRSKAGLLVSDGGPNLYNIRNLHIPEVCLKWELMDEDYQGRLCNPLNPFVSHKEIESV
NNAVMMPAHGPAKNMEYDAVATTHSWIPKRNRSILNTSQRGILEDEQMYQKCCNLFEKFFPSSSYRRPVGISSMVEAMVS
RARIDARIDFESGRIKKEEFAEIMKICSTIEELRRQK
;
B
3 'polypeptide(L)'
;MERIKELRDLMSQSRTREILTKTTVDHMAIIKKYTSGRQEKNPALRMKWMMAMKYPITADKRIMEMIPERNEQGQTLWSK
TNDAGSDRVMVSPLAVTWWNRNGPTTSAVHYPKIYKTYFEKVERLKHGTFGPVHFRNQVKIRRRVDINPGHADLSAKEAQ
DVIMEVVFPNEVGARILTSESQLTITKEKKEELQDCKISPLMVAYMLERELVRKTRFLPVAGGTSSVYIEVLHLTQGTCW
EQMYTPGGEVRNDDVDQSLIIAARNIVRRATVSADPLASLLEMCHSTQIGGIRMVDILRQNPTEEQAVDICKAAMGLRIS
SSFSFGGFTFKRTSGSSVKREEEVLTGNLQTLKIRVHEGYEEFTMVGRRATAILRKATRRLIQLIVSGRDEQSIAEAIIV
AMVFSQEDCMIKAVRGDLNFVNRANQRLNPMHQLLRHFQKDAKVLFQNWGIEPIDNVMGMIGILPDMTPSTEMSMRGVRV
SKMGVDEYSSTERVVVSIDRFLRVRDQRGNVLLSPEEVSETQGTEKLTITYSSSMMWEVNGPESVLVNTYQWIIRNWETV
KIQWSQNPTMLYNKMEFEPFQSLVPKAARGQYSGFVRTLFQQMRDVLGTFDTVQIIKLLPFAAAPPKQSRMQFSSLTVNV
RGSGMRILVRGNSPVFNYNKATKRLTVLGKDAGALTEDPDEGTAGVESAVLRGFLILGKEDRRYGPALSINELSNLAKGE
KANVLIGQGDVVLVMKRKRDSSILTDSQTATKRIRMAINENLYFQGELKTAALAQHDEAVDNKFNKEQQNAFYEILHLPN
LNEEQRNAFIQSLKDDPSQSANLLAEAKKLNDAQAPKVDNKFNKEQQNAFYEILHLPNLNEEQRNAFIQSLKADPSQSAN
LLAEAKKLNGAQAPKVDANSAGKST
;
C
4 'polyribonucleotide' GGCCUGCUUUUGCUAUU E
5 'polyribonucleotide' AGUAGAAACAAGGCC D
6 'polypeptide(L)'
;QVQLQESGGGLVQAGGSLRLSCAAPGRILTLSRYVMGWFRQAPGKEREFVAAISPGTTDTDYADSVKGRFTISRDNAKNT
VYLEMSSLKPEDTAVYVCAAGAASSGTVYRVYGLYNYRGQGTQVTVSSHHHHHHEPEA
;
F
#
# COMPACT_ATOMS: atom_id res chain seq x y z
N MET A 1 -17.32 41.68 31.69
CA MET A 1 -18.16 42.04 30.51
C MET A 1 -18.97 40.83 30.02
N GLU A 2 -18.39 39.65 30.17
CA GLU A 2 -19.06 38.42 29.76
C GLU A 2 -20.37 38.19 30.51
N ASP A 3 -20.55 38.81 31.68
CA ASP A 3 -21.80 38.68 32.39
C ASP A 3 -22.97 39.17 31.55
N PHE A 4 -22.73 40.16 30.69
CA PHE A 4 -23.80 40.65 29.81
C PHE A 4 -24.29 39.57 28.86
N VAL A 5 -23.37 38.81 28.25
CA VAL A 5 -23.79 37.73 27.37
C VAL A 5 -24.29 36.52 28.13
N ARG A 6 -23.90 36.37 29.40
CA ARG A 6 -24.59 35.42 30.27
C ARG A 6 -26.06 35.80 30.44
N GLN A 7 -26.32 37.09 30.66
CA GLN A 7 -27.66 37.53 31.04
C GLN A 7 -28.60 37.60 29.85
N CYS A 8 -28.29 38.45 28.87
CA CYS A 8 -29.32 38.88 27.93
C CYS A 8 -29.57 37.84 26.83
N PHE A 9 -28.57 37.53 26.04
CA PHE A 9 -28.79 36.82 24.79
C PHE A 9 -29.18 35.36 25.03
N ASN A 10 -29.94 34.82 24.08
CA ASN A 10 -30.45 33.47 24.18
C ASN A 10 -29.32 32.45 24.02
N PRO A 11 -29.54 31.21 24.45
CA PRO A 11 -28.48 30.19 24.28
C PRO A 11 -28.03 30.03 22.84
N MET A 12 -28.96 29.76 21.93
CA MET A 12 -28.62 29.53 20.54
C MET A 12 -27.52 30.46 20.04
N ILE A 13 -27.69 31.76 20.25
CA ILE A 13 -26.70 32.70 19.73
C ILE A 13 -25.38 32.59 20.49
N VAL A 14 -25.43 32.35 21.80
CA VAL A 14 -24.17 32.35 22.56
C VAL A 14 -23.32 31.15 22.16
N GLU A 15 -23.92 29.97 21.97
CA GLU A 15 -23.09 28.86 21.50
C GLU A 15 -22.71 29.00 20.03
N LEU A 16 -23.54 29.63 19.20
CA LEU A 16 -23.10 29.92 17.84
C LEU A 16 -21.86 30.80 17.86
N ALA A 17 -21.88 31.85 18.69
CA ALA A 17 -20.74 32.74 18.80
C ALA A 17 -19.54 32.03 19.44
N GLU A 18 -19.77 31.09 20.35
CA GLU A 18 -18.67 30.34 20.93
C GLU A 18 -17.99 29.44 19.91
N LYS A 19 -18.76 28.80 19.04
CA LYS A 19 -18.15 28.02 17.96
C LYS A 19 -17.45 28.91 16.95
N ALA A 20 -18.01 30.08 16.64
CA ALA A 20 -17.28 31.04 15.81
C ALA A 20 -16.00 31.49 16.49
N MET A 21 -16.01 31.53 17.82
CA MET A 21 -14.82 31.88 18.59
C MET A 21 -13.76 30.80 18.41
N LYS A 22 -14.16 29.53 18.56
CA LYS A 22 -13.24 28.42 18.32
C LYS A 22 -12.76 28.36 16.87
N GLU A 23 -13.54 28.88 15.93
CA GLU A 23 -13.20 28.80 14.51
C GLU A 23 -11.77 29.25 14.23
N TYR A 24 -11.45 30.50 14.55
CA TYR A 24 -10.15 31.06 14.22
C TYR A 24 -9.12 30.87 15.33
N GLY A 25 -9.47 30.17 16.40
CA GLY A 25 -8.46 29.65 17.33
C GLY A 25 -7.94 30.60 18.37
N GLU A 26 -8.61 31.73 18.61
CA GLU A 26 -8.19 32.63 19.69
C GLU A 26 -9.07 32.40 20.92
N ASP A 27 -8.50 32.71 22.08
CA ASP A 27 -9.14 32.41 23.35
C ASP A 27 -10.00 33.57 23.82
N LEU A 28 -11.13 33.22 24.46
CA LEU A 28 -12.13 34.20 24.85
C LEU A 28 -11.77 34.95 26.12
N LYS A 29 -10.86 34.43 26.94
CA LYS A 29 -10.56 35.07 28.21
C LYS A 29 -9.72 36.33 28.04
N ILE A 30 -8.95 36.43 26.95
CA ILE A 30 -8.07 37.58 26.77
C ILE A 30 -8.82 38.79 26.24
N GLU A 31 -9.73 38.61 25.28
CA GLU A 31 -10.47 39.73 24.71
C GLU A 31 -11.88 39.25 24.40
N THR A 32 -12.86 39.75 25.16
CA THR A 32 -14.25 39.33 25.04
C THR A 32 -15.12 40.33 24.31
N ASN A 33 -14.71 41.60 24.20
CA ASN A 33 -15.53 42.58 23.51
C ASN A 33 -15.82 42.17 22.07
N LYS A 34 -14.87 41.47 21.42
CA LYS A 34 -15.13 40.94 20.09
C LYS A 34 -16.29 39.96 20.12
N PHE A 35 -16.33 39.11 21.16
CA PHE A 35 -17.42 38.15 21.28
C PHE A 35 -18.77 38.87 21.33
N ALA A 36 -18.87 39.89 22.18
CA ALA A 36 -20.12 40.64 22.29
C ALA A 36 -20.47 41.33 20.97
N ALA A 37 -19.49 41.99 20.36
CA ALA A 37 -19.77 42.74 19.13
C ALA A 37 -20.27 41.82 18.02
N ILE A 38 -19.56 40.71 17.79
CA ILE A 38 -19.97 39.82 16.71
C ILE A 38 -21.22 39.04 17.07
N CYS A 39 -21.50 38.79 18.35
CA CYS A 39 -22.76 38.14 18.69
C CYS A 39 -23.93 39.09 18.49
N THR A 40 -23.73 40.39 18.73
CA THR A 40 -24.76 41.37 18.39
C THR A 40 -24.95 41.46 16.88
N HIS A 41 -23.85 41.39 16.12
CA HIS A 41 -23.96 41.33 14.66
C HIS A 41 -24.80 40.12 14.24
N LEU A 42 -24.51 38.96 14.84
CA LEU A 42 -25.26 37.75 14.52
C LEU A 42 -26.72 37.88 14.94
N GLU A 43 -26.98 38.53 16.07
CA GLU A 43 -28.35 38.73 16.53
C GLU A 43 -29.13 39.61 15.57
N VAL A 44 -28.52 40.70 15.11
CA VAL A 44 -29.22 41.55 14.15
C VAL A 44 -29.43 40.77 12.85
N CYS A 45 -28.48 39.92 12.49
CA CYS A 45 -28.68 39.07 11.31
C CYS A 45 -29.92 38.21 11.46
N PHE A 46 -30.05 37.49 12.58
CA PHE A 46 -31.27 36.70 12.80
C PHE A 46 -32.50 37.60 12.75
N MET A 47 -32.55 38.58 13.65
CA MET A 47 -33.77 39.35 13.85
C MET A 47 -34.19 40.06 12.57
N TYR A 48 -33.23 40.31 11.68
CA TYR A 48 -33.49 40.89 10.38
C TYR A 48 -33.97 39.86 9.38
N SER A 49 -33.50 38.61 9.51
CA SER A 49 -33.88 37.56 8.57
C SER A 49 -35.19 36.89 8.97
N ASP A 50 -35.33 36.50 10.24
CA ASP A 50 -36.52 35.80 10.68
C ASP A 50 -37.73 36.73 10.63
N PHE A 51 -38.90 36.15 10.87
CA PHE A 51 -40.16 36.90 10.87
C PHE A 51 -40.45 37.48 9.49
N HIS A 52 -39.71 37.03 8.47
CA HIS A 52 -39.84 37.56 7.12
C HIS A 52 -39.95 36.40 6.15
N PHE A 53 -41.14 36.20 5.59
CA PHE A 53 -41.41 35.07 4.71
C PHE A 53 -41.91 35.59 3.35
N ILE A 54 -41.89 34.72 2.36
CA ILE A 54 -42.36 35.03 1.02
C ILE A 54 -43.25 33.90 0.52
N ASN A 55 -44.20 34.26 -0.33
CA ASN A 55 -45.02 33.30 -1.06
C ASN A 55 -44.70 33.42 -2.55
N GLU A 56 -45.46 32.71 -3.39
CA GLU A 56 -45.17 32.65 -4.82
C GLU A 56 -45.02 34.03 -5.44
N ARG A 57 -45.58 35.07 -4.83
CA ARG A 57 -45.38 36.44 -5.30
C ARG A 57 -44.03 36.96 -4.81
N GLY A 58 -43.82 38.26 -4.97
CA GLY A 58 -42.74 38.94 -4.28
C GLY A 58 -43.25 39.39 -2.92
N GLU A 59 -43.17 40.68 -2.63
CA GLU A 59 -43.98 41.31 -1.58
C GLU A 59 -44.08 40.42 -0.35
N SER A 60 -42.93 40.18 0.28
CA SER A 60 -42.79 39.22 1.36
C SER A 60 -43.98 39.26 2.32
N ILE A 61 -44.44 38.07 2.69
CA ILE A 61 -45.46 37.93 3.74
C ILE A 61 -44.75 37.95 5.09
N ILE A 62 -45.16 38.86 5.96
CA ILE A 62 -44.55 39.03 7.27
C ILE A 62 -45.54 38.53 8.32
N VAL A 63 -45.13 37.50 9.07
CA VAL A 63 -45.95 36.92 10.12
C VAL A 63 -45.13 36.84 11.39
N GLU A 64 -45.72 37.25 12.52
CA GLU A 64 -45.03 37.19 13.79
C GLU A 64 -44.71 35.75 14.21
N SER A 65 -45.46 34.78 13.70
CA SER A 65 -45.22 33.37 14.02
C SER A 65 -45.62 32.53 12.82
N GLY A 66 -44.69 31.71 12.33
CA GLY A 66 -44.97 30.86 11.19
C GLY A 66 -46.06 29.84 11.47
N ASP A 67 -47.17 29.94 10.74
CA ASP A 67 -48.28 29.02 10.93
C ASP A 67 -47.98 27.68 10.25
N PRO A 68 -48.62 26.60 10.70
CA PRO A 68 -48.39 25.29 10.08
C PRO A 68 -48.86 25.28 8.63
N ASN A 69 -47.90 25.13 7.72
CA ASN A 69 -48.20 25.14 6.29
C ASN A 69 -46.95 24.87 5.47
N ALA A 70 -47.12 24.68 4.16
CA ALA A 70 -45.97 24.64 3.26
C ALA A 70 -45.41 26.04 3.00
N LEU A 71 -46.12 27.08 3.47
CA LEU A 71 -45.72 28.47 3.22
C LEU A 71 -44.86 29.00 4.36
N LEU A 72 -43.68 28.39 4.51
CA LEU A 72 -42.70 28.79 5.51
C LEU A 72 -41.41 29.30 4.89
N LYS A 73 -41.44 29.70 3.62
CA LYS A 73 -40.27 30.27 2.96
C LYS A 73 -39.77 31.48 3.74
N HIS A 74 -38.46 31.62 3.84
CA HIS A 74 -37.82 32.73 4.54
C HIS A 74 -37.39 33.79 3.53
N ARG A 75 -37.71 35.05 3.82
CA ARG A 75 -37.36 36.13 2.90
C ARG A 75 -35.86 36.23 2.74
N PHE A 76 -35.13 36.33 3.84
CA PHE A 76 -33.68 36.42 3.83
C PHE A 76 -33.11 35.16 4.43
N GLU A 77 -32.17 34.53 3.71
CA GLU A 77 -31.56 33.29 4.17
C GLU A 77 -30.11 33.57 4.57
N ILE A 78 -29.74 33.08 5.75
CA ILE A 78 -28.54 33.59 6.43
C ILE A 78 -27.29 32.92 5.86
N ILE A 79 -26.21 33.69 5.80
CA ILE A 79 -24.91 33.21 5.37
C ILE A 79 -24.06 32.87 6.59
N GLU A 80 -23.86 33.86 7.46
CA GLU A 80 -23.04 33.69 8.65
C GLU A 80 -23.78 32.78 9.63
N GLY A 81 -23.16 32.51 10.78
CA GLY A 81 -23.67 31.48 11.66
C GLY A 81 -23.27 30.09 11.22
N ARG A 82 -22.30 30.00 10.30
CA ARG A 82 -21.86 28.74 9.73
C ARG A 82 -20.34 28.76 9.66
N ASP A 83 -19.75 27.60 9.41
CA ASP A 83 -18.30 27.53 9.25
C ASP A 83 -17.88 28.13 7.91
N ARG A 84 -16.60 28.48 7.82
CA ARG A 84 -16.09 29.09 6.59
C ARG A 84 -16.32 28.16 5.40
N THR A 85 -16.09 26.87 5.58
CA THR A 85 -16.30 25.93 4.49
C THR A 85 -17.74 25.95 4.01
N MET A 86 -18.69 25.93 4.94
CA MET A 86 -20.09 25.97 4.53
C MET A 86 -20.50 27.36 4.04
N ALA A 87 -19.94 28.42 4.62
CA ALA A 87 -20.27 29.76 4.12
C ALA A 87 -19.88 29.88 2.66
N TRP A 88 -18.70 29.38 2.31
CA TRP A 88 -18.28 29.40 0.91
C TRP A 88 -19.05 28.39 0.08
N THR A 89 -19.49 27.29 0.69
CA THR A 89 -20.38 26.36 -0.01
C THR A 89 -21.67 27.07 -0.43
N VAL A 90 -22.31 27.79 0.49
CA VAL A 90 -23.52 28.51 0.17
C VAL A 90 -23.24 29.61 -0.84
N VAL A 91 -22.10 30.31 -0.71
CA VAL A 91 -21.78 31.35 -1.67
C VAL A 91 -21.70 30.76 -3.08
N ASN A 92 -20.94 29.68 -3.24
CA ASN A 92 -20.77 29.08 -4.56
C ASN A 92 -22.08 28.52 -5.09
N SER A 93 -22.88 27.89 -4.23
CA SER A 93 -24.15 27.33 -4.67
C SER A 93 -25.08 28.43 -5.17
N ILE A 94 -25.16 29.53 -4.43
CA ILE A 94 -26.01 30.64 -4.83
C ILE A 94 -25.53 31.23 -6.15
N CYS A 95 -24.21 31.39 -6.30
CA CYS A 95 -23.68 31.94 -7.54
C CYS A 95 -24.00 31.03 -8.72
N ASN A 96 -23.87 29.71 -8.54
CA ASN A 96 -24.11 28.78 -9.63
C ASN A 96 -25.59 28.60 -9.95
N THR A 97 -26.48 28.82 -8.97
CA THR A 97 -27.90 28.68 -9.24
C THR A 97 -28.55 30.02 -9.60
N THR A 98 -28.12 31.11 -8.97
CA THR A 98 -28.68 32.43 -9.26
C THR A 98 -28.01 33.11 -10.45
N GLY A 99 -26.88 32.59 -10.93
CA GLY A 99 -26.18 33.22 -12.03
C GLY A 99 -25.61 34.56 -11.67
N ALA A 100 -25.46 34.83 -10.38
CA ALA A 100 -24.93 36.09 -9.90
C ALA A 100 -23.41 36.04 -9.84
N GLU A 101 -22.81 37.14 -9.36
CA GLU A 101 -21.37 37.23 -9.25
C GLU A 101 -20.91 36.78 -7.86
N LYS A 102 -19.74 36.16 -7.81
CA LYS A 102 -19.23 35.61 -6.56
C LYS A 102 -18.45 36.69 -5.80
N PRO A 103 -18.88 37.07 -4.60
CA PRO A 103 -18.08 38.00 -3.80
C PRO A 103 -16.83 37.33 -3.24
N LYS A 104 -15.84 38.17 -2.92
CA LYS A 104 -14.57 37.67 -2.42
C LYS A 104 -14.54 37.56 -0.90
N PHE A 105 -15.48 38.20 -0.20
CA PHE A 105 -15.59 38.14 1.25
C PHE A 105 -16.93 37.54 1.64
N LEU A 106 -17.14 37.41 2.95
CA LEU A 106 -18.32 36.72 3.47
C LEU A 106 -19.52 37.65 3.48
N PRO A 107 -20.60 37.33 2.76
CA PRO A 107 -21.85 38.08 2.96
C PRO A 107 -22.61 37.59 4.20
N ASP A 108 -23.80 38.13 4.44
CA ASP A 108 -24.58 37.77 5.62
C ASP A 108 -25.95 37.19 5.30
N LEU A 109 -26.53 37.51 4.15
CA LEU A 109 -27.90 37.11 3.85
C LEU A 109 -28.08 37.09 2.34
N TYR A 110 -29.08 36.34 1.88
CA TYR A 110 -29.49 36.39 0.48
C TYR A 110 -30.99 36.61 0.39
N ASP A 111 -31.40 37.36 -0.64
CA ASP A 111 -32.79 37.70 -0.90
C ASP A 111 -33.16 37.42 -2.35
N TYR A 112 -34.44 37.07 -2.54
CA TYR A 112 -34.95 36.67 -3.85
C TYR A 112 -35.40 37.85 -4.69
N LYS A 113 -36.28 38.70 -4.14
CA LYS A 113 -36.83 39.83 -4.88
C LYS A 113 -35.76 40.48 -5.73
N GLU A 114 -34.69 40.90 -5.08
CA GLU A 114 -33.55 41.55 -5.70
C GLU A 114 -32.42 40.58 -6.02
N ASN A 115 -32.60 39.30 -5.70
CA ASN A 115 -31.70 38.22 -6.10
C ASN A 115 -30.25 38.58 -5.80
N ARG A 116 -29.96 38.86 -4.53
CA ARG A 116 -28.61 39.26 -4.20
C ARG A 116 -28.36 39.22 -2.70
N PHE A 117 -27.12 39.54 -2.34
CA PHE A 117 -26.58 39.39 -0.99
C PHE A 117 -26.77 40.65 -0.17
N ILE A 118 -26.69 40.47 1.16
CA ILE A 118 -26.70 41.56 2.12
C ILE A 118 -25.57 41.29 3.11
N GLU A 119 -24.72 42.28 3.32
CA GLU A 119 -23.61 42.19 4.28
C GLU A 119 -23.93 43.17 5.42
N ILE A 120 -24.61 42.66 6.45
CA ILE A 120 -25.02 43.52 7.56
C ILE A 120 -23.86 43.69 8.53
N GLY A 121 -23.56 44.93 8.86
CA GLY A 121 -22.59 45.21 9.91
C GLY A 121 -22.99 46.44 10.70
N VAL A 122 -23.14 46.28 12.01
CA VAL A 122 -23.49 47.37 12.91
C VAL A 122 -22.26 47.64 13.76
N THR A 123 -21.59 48.76 13.49
CA THR A 123 -20.37 49.12 14.19
C THR A 123 -20.64 50.25 15.18
N ARG A 124 -19.72 50.40 16.12
CA ARG A 124 -19.85 51.45 17.13
C ARG A 124 -19.79 52.83 16.48
N ARG A 125 -18.87 53.00 15.53
CA ARG A 125 -18.73 54.28 14.85
C ARG A 125 -19.95 54.55 13.98
N GLU A 126 -20.10 55.81 13.57
CA GLU A 126 -21.25 56.21 12.77
C GLU A 126 -21.19 55.54 11.39
N VAL A 127 -22.36 55.42 10.76
CA VAL A 127 -22.49 54.61 9.55
C VAL A 127 -21.72 55.22 8.39
N HIS A 128 -21.84 56.52 8.20
CA HIS A 128 -21.42 57.15 6.94
C HIS A 128 -19.91 57.07 6.68
N ILE A 129 -19.17 56.43 7.56
CA ILE A 129 -17.76 56.12 7.31
C ILE A 129 -17.53 54.62 7.18
N TYR A 130 -18.11 53.83 8.10
CA TYR A 130 -17.97 52.38 8.05
C TYR A 130 -18.53 51.82 6.75
N TYR A 131 -19.60 52.41 6.24
CA TYR A 131 -20.22 51.95 5.01
C TYR A 131 -19.21 51.95 3.87
N LEU A 132 -18.69 53.13 3.52
CA LEU A 132 -17.71 53.21 2.44
C LEU A 132 -16.40 52.52 2.80
N GLU A 133 -16.07 52.37 4.09
CA GLU A 133 -14.91 51.57 4.43
C GLU A 133 -15.07 50.13 3.94
N LYS A 134 -16.10 49.44 4.43
CA LYS A 134 -16.33 48.08 3.95
C LYS A 134 -16.59 48.04 2.45
N ALA A 135 -17.11 49.13 1.87
CA ALA A 135 -17.31 49.17 0.43
C ALA A 135 -15.99 49.13 -0.32
N ASN A 136 -14.99 49.88 0.15
CA ASN A 136 -13.69 49.85 -0.53
C ASN A 136 -12.91 48.60 -0.15
N LYS A 137 -13.29 47.92 0.93
CA LYS A 137 -12.76 46.59 1.17
C LYS A 137 -13.25 45.58 0.13
N ILE A 138 -14.47 45.75 -0.36
CA ILE A 138 -15.07 44.82 -1.31
C ILE A 138 -15.00 45.43 -2.70
N LYS A 139 -14.51 44.65 -3.66
CA LYS A 139 -14.17 45.18 -4.98
C LYS A 139 -15.37 45.11 -5.92
N SER A 140 -15.76 46.25 -6.48
CA SER A 140 -16.76 46.31 -7.54
C SER A 140 -17.97 45.44 -7.20
N GLU A 141 -18.66 45.77 -6.11
CA GLU A 141 -19.68 44.90 -5.55
C GLU A 141 -21.07 45.35 -5.98
N LYS A 142 -21.86 44.39 -6.45
CA LYS A 142 -23.29 44.62 -6.69
C LYS A 142 -24.16 44.20 -5.52
N THR A 143 -23.67 43.33 -4.65
CA THR A 143 -24.35 43.08 -3.39
C THR A 143 -24.59 44.38 -2.65
N HIS A 144 -25.85 44.64 -2.34
CA HIS A 144 -26.21 45.84 -1.59
C HIS A 144 -25.74 45.71 -0.15
N ILE A 145 -25.27 46.83 0.40
CA ILE A 145 -24.73 46.88 1.75
C ILE A 145 -25.63 47.79 2.57
N HIS A 146 -25.89 47.40 3.82
CA HIS A 146 -26.73 48.18 4.72
C HIS A 146 -26.18 48.03 6.13
N ILE A 147 -25.97 49.15 6.83
CA ILE A 147 -25.38 49.17 8.15
C ILE A 147 -26.16 50.11 9.05
N PHE A 148 -26.27 49.75 10.34
CA PHE A 148 -26.76 50.62 11.38
C PHE A 148 -25.61 51.04 12.29
N SER A 149 -25.89 52.02 13.15
CA SER A 149 -24.96 52.42 14.21
C SER A 149 -25.75 52.91 15.40
N PHE A 150 -25.10 52.91 16.56
CA PHE A 150 -25.82 53.01 17.83
C PHE A 150 -26.67 54.28 17.93
N THR A 151 -26.25 55.36 17.27
CA THR A 151 -26.99 56.61 17.39
C THR A 151 -28.42 56.46 16.86
N GLY A 152 -28.66 55.46 16.01
CA GLY A 152 -30.00 55.17 15.52
C GLY A 152 -30.18 55.42 14.04
N GLU A 153 -29.11 55.84 13.37
CA GLU A 153 -29.19 56.22 11.98
C GLU A 153 -29.03 55.01 11.06
N GLU A 154 -29.65 55.07 9.89
CA GLU A 154 -29.54 54.07 8.85
C GLU A 154 -29.07 54.73 7.56
N MET A 155 -28.47 53.94 6.68
CA MET A 155 -28.05 54.45 5.39
C MET A 155 -27.90 53.28 4.42
N ALA A 156 -27.84 53.60 3.14
CA ALA A 156 -27.58 52.60 2.12
C ALA A 156 -27.42 53.26 0.76
N THR A 157 -26.67 52.62 -0.15
CA THR A 157 -26.58 53.11 -1.51
C THR A 157 -27.89 52.84 -2.24
N LYS A 158 -28.09 53.52 -3.37
CA LYS A 158 -29.35 53.51 -4.10
C LYS A 158 -30.51 54.05 -3.28
N ALA A 159 -30.24 54.61 -2.10
CA ALA A 159 -31.28 54.95 -1.14
C ALA A 159 -32.21 53.76 -0.88
N ASP A 160 -31.67 52.55 -1.02
CA ASP A 160 -32.47 51.34 -1.00
C ASP A 160 -32.54 50.77 0.41
N TYR A 161 -33.77 50.50 0.86
CA TYR A 161 -34.00 49.77 2.10
C TYR A 161 -35.00 48.67 1.79
N THR A 162 -34.59 47.42 2.00
CA THR A 162 -35.16 46.30 1.27
C THR A 162 -36.46 45.76 1.87
N LEU A 163 -36.86 46.16 3.06
CA LEU A 163 -38.10 45.61 3.64
C LEU A 163 -38.73 46.66 4.54
N ASP A 164 -39.72 46.21 5.33
CA ASP A 164 -40.57 47.08 6.14
C ASP A 164 -39.75 47.98 7.06
N GLU A 165 -40.28 49.17 7.36
CA GLU A 165 -39.63 50.10 8.26
C GLU A 165 -39.88 49.80 9.73
N GLU A 166 -41.00 49.13 10.05
CA GLU A 166 -41.22 48.74 11.44
C GLU A 166 -40.16 47.74 11.90
N SER A 167 -39.67 46.90 10.98
CA SER A 167 -38.55 46.02 11.30
C SER A 167 -37.30 46.83 11.65
N ARG A 168 -37.04 47.91 10.92
CA ARG A 168 -35.88 48.75 11.21
C ARG A 168 -36.06 49.51 12.53
N ALA A 169 -37.29 49.92 12.85
CA ALA A 169 -37.55 50.47 14.17
C ALA A 169 -37.25 49.44 15.24
N ARG A 170 -37.62 48.19 14.98
CA ARG A 170 -37.23 47.07 15.82
C ARG A 170 -35.71 47.03 16.01
N ILE A 171 -34.98 47.12 14.89
CA ILE A 171 -33.52 47.03 14.93
C ILE A 171 -32.95 48.12 15.82
N LYS A 172 -33.37 49.37 15.61
CA LYS A 172 -32.79 50.46 16.38
C LYS A 172 -33.27 50.49 17.83
N THR A 173 -34.48 49.97 18.11
CA THR A 173 -34.89 49.79 19.50
C THR A 173 -34.00 48.78 20.20
N ARG A 174 -33.70 47.67 19.51
CA ARG A 174 -32.76 46.67 20.01
C ARG A 174 -31.41 47.33 20.26
N LEU A 175 -31.03 48.20 19.32
CA LEU A 175 -29.73 48.87 19.35
C LEU A 175 -29.60 49.76 20.58
N PHE A 176 -30.57 50.64 20.81
CA PHE A 176 -30.51 51.49 21.99
C PHE A 176 -30.78 50.72 23.28
N THR A 177 -31.50 49.61 23.24
CA THR A 177 -31.55 48.73 24.40
C THR A 177 -30.14 48.29 24.77
N ILE A 178 -29.37 47.84 23.78
CA ILE A 178 -27.99 47.47 24.01
C ILE A 178 -27.24 48.65 24.62
N ARG A 179 -27.40 49.82 24.01
CA ARG A 179 -26.63 50.99 24.42
C ARG A 179 -26.92 51.40 25.85
N GLN A 180 -28.16 51.78 26.15
CA GLN A 180 -28.48 52.17 27.51
C GLN A 180 -28.68 50.98 28.44
N GLU A 181 -28.26 49.77 28.05
CA GLU A 181 -28.02 48.74 29.06
C GLU A 181 -26.55 48.71 29.45
N MET A 182 -25.63 48.82 28.47
CA MET A 182 -24.25 49.04 28.88
C MET A 182 -24.17 50.29 29.74
N ALA A 183 -25.08 51.24 29.53
CA ALA A 183 -25.13 52.42 30.39
C ALA A 183 -25.19 52.00 31.85
N SER A 184 -26.06 51.05 32.17
CA SER A 184 -26.04 50.44 33.50
C SER A 184 -24.75 49.67 33.76
N ARG A 185 -24.14 49.09 32.71
CA ARG A 185 -22.91 48.34 32.91
C ARG A 185 -21.68 49.26 32.92
N GLY A 186 -21.49 50.03 31.84
CA GLY A 186 -20.41 51.02 31.80
C GLY A 186 -19.15 50.60 31.07
N LEU A 187 -19.29 50.19 29.79
CA LEU A 187 -18.19 49.57 29.05
C LEU A 187 -17.52 50.47 28.02
N TRP A 188 -18.00 51.69 27.77
CA TRP A 188 -17.47 52.45 26.64
C TRP A 188 -16.05 52.94 26.83
N ASP A 189 -15.42 52.70 27.98
CA ASP A 189 -14.00 53.00 28.09
C ASP A 189 -13.19 52.22 27.07
N SER A 190 -13.75 51.11 26.57
CA SER A 190 -13.12 50.32 25.52
C SER A 190 -14.08 49.85 24.44
N PHE A 191 -15.39 50.03 24.62
CA PHE A 191 -16.36 49.42 23.71
C PHE A 191 -16.20 49.95 22.29
N ARG A 192 -16.01 51.26 22.15
CA ARG A 192 -15.85 51.84 20.82
C ARG A 192 -14.63 51.28 20.12
N GLN A 193 -13.51 51.16 20.84
CA GLN A 193 -12.24 50.69 20.29
C GLN A 193 -11.69 49.61 21.23
N SER A 194 -11.99 48.35 20.92
CA SER A 194 -11.48 47.22 21.68
C SER A 194 -10.77 46.18 20.82
N GLU A 195 -11.01 46.15 19.52
CA GLU A 195 -10.35 45.22 18.61
C GLU A 195 -9.56 46.01 17.59
N ARG A 196 -8.31 45.60 17.35
CA ARG A 196 -7.42 46.28 16.41
C ARG A 196 -6.85 45.34 15.37
N GLY A 197 -7.31 44.08 15.33
CA GLY A 197 -6.85 43.15 14.33
C GLY A 197 -5.52 42.51 14.69
N GLU A 198 -5.46 41.82 15.83
CA GLU A 198 -4.26 41.11 16.25
C GLU A 198 -4.31 39.67 15.78
N GLU A 199 -3.28 39.24 15.05
CA GLU A 199 -3.14 37.85 14.62
C GLU A 199 -1.68 37.46 14.77
N THR A 200 -1.40 36.69 15.82
CA THR A 200 -0.04 36.22 16.08
C THR A 200 -0.10 35.05 17.05
N ILE A 201 0.81 34.10 16.87
CA ILE A 201 0.87 32.93 17.74
C ILE A 201 2.25 32.31 17.59
N GLU A 202 2.74 31.71 18.66
CA GLU A 202 4.02 31.02 18.67
C GLU A 202 3.77 29.54 18.96
N GLU A 203 4.33 28.68 18.13
CA GLU A 203 4.15 27.25 18.31
C GLU A 203 5.03 26.75 19.45
N ARG A 204 4.45 25.99 20.36
CA ARG A 204 5.12 25.54 21.58
C ARG A 204 5.09 24.01 21.62
N PHE A 205 6.27 23.41 21.58
CA PHE A 205 6.43 21.95 21.67
C PHE A 205 7.43 21.70 22.80
N GLU A 206 6.92 21.59 24.02
CA GLU A 206 7.76 21.54 25.21
C GLU A 206 7.92 20.11 25.69
N ILE A 207 9.17 19.70 25.91
CA ILE A 207 9.46 18.41 26.51
C ILE A 207 9.44 18.58 28.03
N THR A 208 8.57 17.83 28.70
CA THR A 208 8.44 17.94 30.15
C THR A 208 7.85 16.65 30.69
N GLY A 209 7.95 16.49 32.01
CA GLY A 209 7.44 15.29 32.63
C GLY A 209 8.28 14.08 32.31
N THR A 210 7.62 12.92 32.25
CA THR A 210 8.34 11.67 32.03
C THR A 210 9.18 11.72 30.76
N MET A 211 8.61 12.27 29.68
CA MET A 211 9.34 12.30 28.43
C MET A 211 10.63 13.09 28.52
N ARG A 212 10.73 14.03 29.46
CA ARG A 212 12.00 14.73 29.68
C ARG A 212 13.03 13.81 30.31
N ARG A 213 12.62 13.02 31.31
CA ARG A 213 13.55 12.11 31.95
C ARG A 213 14.09 11.09 30.96
N LEU A 214 13.24 10.58 30.07
CA LEU A 214 13.72 9.70 29.01
C LEU A 214 14.79 10.39 28.17
N ALA A 215 14.61 11.68 27.91
CA ALA A 215 15.62 12.42 27.16
C ALA A 215 16.94 12.50 27.93
N ASP A 216 16.87 12.51 29.26
CA ASP A 216 18.07 12.54 30.08
C ASP A 216 18.78 11.18 30.12
N GLN A 217 18.14 10.12 29.67
CA GLN A 217 18.72 8.79 29.66
C GLN A 217 19.04 8.30 28.25
N SER A 218 19.08 9.20 27.27
CA SER A 218 19.38 8.86 25.89
C SER A 218 20.53 9.71 25.39
N LEU A 219 21.51 9.96 26.23
CA LEU A 219 22.68 10.76 25.93
C LEU A 219 23.94 9.91 25.99
N PRO A 220 25.07 10.44 25.52
CA PRO A 220 26.34 9.72 25.68
C PRO A 220 26.61 9.41 27.13
N PRO A 221 27.59 8.54 27.41
CA PRO A 221 27.74 8.05 28.79
C PRO A 221 28.01 9.14 29.81
N ASN A 222 28.76 10.19 29.44
CA ASN A 222 29.22 11.20 30.39
C ASN A 222 28.43 12.50 30.27
N PHE A 223 27.13 12.42 30.02
CA PHE A 223 26.25 13.58 30.00
C PHE A 223 25.09 13.35 30.96
N SER A 224 24.61 14.44 31.55
CA SER A 224 23.60 14.37 32.61
C SER A 224 22.23 14.89 32.20
N SER A 225 22.14 15.77 31.21
CA SER A 225 20.86 16.34 30.83
C SER A 225 20.89 16.73 29.36
N LEU A 226 19.71 16.72 28.74
CA LEU A 226 19.61 17.12 27.35
C LEU A 226 20.03 18.57 27.15
N GLU A 227 19.76 19.43 28.14
CA GLU A 227 20.21 20.81 28.05
C GLU A 227 21.73 20.88 27.92
N ASN A 228 22.45 20.16 28.78
CA ASN A 228 23.90 20.21 28.75
C ASN A 228 24.44 19.63 27.44
N PHE A 229 23.86 18.53 26.96
CA PHE A 229 24.34 17.93 25.72
C PHE A 229 24.10 18.85 24.54
N ARG A 230 22.93 19.50 24.48
CA ARG A 230 22.68 20.43 23.39
C ARG A 230 23.61 21.63 23.47
N ALA A 231 23.88 22.13 24.68
CA ALA A 231 24.84 23.22 24.81
C ALA A 231 26.22 22.80 24.31
N TYR A 232 26.65 21.59 24.68
CA TYR A 232 27.94 21.09 24.21
C TYR A 232 27.96 20.96 22.69
N VAL A 233 26.89 20.46 22.10
CA VAL A 233 26.83 20.32 20.65
C VAL A 233 26.92 21.69 19.97
N ASP A 234 26.15 22.66 20.49
CA ASP A 234 26.20 24.00 19.92
C ASP A 234 27.58 24.61 20.05
N GLY A 235 28.27 24.36 21.16
CA GLY A 235 29.62 24.85 21.35
C GLY A 235 30.70 24.00 20.71
N PHE A 236 30.34 22.86 20.12
CA PHE A 236 31.32 21.98 19.52
C PHE A 236 31.77 22.52 18.17
N GLU A 237 33.07 22.42 17.90
CA GLU A 237 33.64 22.77 16.61
C GLU A 237 34.72 21.75 16.28
N PRO A 238 34.95 21.47 15.00
CA PRO A 238 35.96 20.45 14.65
C PRO A 238 37.36 20.91 15.00
N ASN A 239 38.07 20.07 15.76
CA ASN A 239 39.43 20.36 16.19
C ASN A 239 40.30 19.11 16.04
N GLY A 240 40.14 18.41 14.92
CA GLY A 240 40.95 17.23 14.65
C GLY A 240 40.81 16.15 15.70
N TYR A 241 39.58 15.64 15.88
CA TYR A 241 39.32 14.56 16.82
C TYR A 241 39.33 13.19 16.16
N ILE A 242 38.97 13.10 14.88
CA ILE A 242 39.05 11.82 14.18
C ILE A 242 40.50 11.38 14.05
N GLU A 243 41.41 12.33 13.79
CA GLU A 243 42.82 11.98 13.65
C GLU A 243 43.38 11.42 14.95
N GLY A 244 43.02 12.02 16.08
CA GLY A 244 43.56 11.56 17.35
C GLY A 244 43.17 10.12 17.65
N LYS A 245 41.89 9.80 17.47
CA LYS A 245 41.43 8.44 17.72
C LYS A 245 41.95 7.46 16.68
N LEU A 246 42.11 7.92 15.42
CA LEU A 246 42.71 7.05 14.41
C LEU A 246 44.14 6.69 14.80
N SER A 247 44.90 7.67 15.28
CA SER A 247 46.26 7.39 15.75
C SER A 247 46.26 6.50 16.98
N GLN A 248 45.33 6.72 17.91
CA GLN A 248 45.29 5.92 19.13
C GLN A 248 44.71 4.54 18.90
N MET A 249 43.82 4.39 17.91
CA MET A 249 43.20 3.10 17.66
C MET A 249 44.26 2.06 17.30
N SER A 250 44.05 0.83 17.74
CA SER A 250 44.99 -0.24 17.47
C SER A 250 45.14 -0.46 15.97
N LYS A 251 46.36 -0.76 15.55
CA LYS A 251 46.64 -0.96 14.14
C LYS A 251 46.16 -2.30 13.62
N GLU A 252 45.78 -3.22 14.50
CA GLU A 252 45.22 -4.50 14.05
C GLU A 252 43.86 -4.30 13.38
N VAL A 253 43.23 -3.15 13.54
CA VAL A 253 41.98 -2.83 12.85
C VAL A 253 42.37 -2.34 11.45
N ASN A 254 42.39 -3.26 10.49
CA ASN A 254 42.82 -2.93 9.14
C ASN A 254 41.96 -3.69 8.14
N ALA A 255 42.06 -3.29 6.88
CA ALA A 255 41.34 -3.90 5.77
C ALA A 255 42.33 -4.31 4.68
N ARG A 256 43.39 -5.01 5.10
CA ARG A 256 44.45 -5.39 4.17
C ARG A 256 43.89 -6.19 3.00
N ILE A 257 44.39 -5.89 1.82
CA ILE A 257 43.91 -6.51 0.59
C ILE A 257 44.78 -7.73 0.29
N GLU A 258 44.14 -8.90 0.19
CA GLU A 258 44.84 -10.12 -0.18
C GLU A 258 44.78 -10.29 -1.69
N PRO A 259 45.91 -10.32 -2.39
CA PRO A 259 45.86 -10.48 -3.85
C PRO A 259 45.16 -11.77 -4.25
N PHE A 260 44.41 -11.71 -5.34
CA PHE A 260 43.67 -12.85 -5.88
C PHE A 260 44.35 -13.27 -7.18
N LEU A 261 45.02 -14.42 -7.15
CA LEU A 261 45.77 -14.92 -8.28
C LEU A 261 45.14 -16.22 -8.79
N LYS A 262 45.75 -16.77 -9.84
CA LYS A 262 45.24 -18.01 -10.42
C LYS A 262 45.31 -19.16 -9.42
N THR A 263 46.33 -19.19 -8.59
CA THR A 263 46.54 -20.28 -7.63
C THR A 263 45.79 -20.07 -6.33
N THR A 264 45.10 -18.94 -6.16
CA THR A 264 44.42 -18.63 -4.91
C THR A 264 43.14 -19.44 -4.75
N PRO A 265 42.20 -19.39 -5.70
CA PRO A 265 40.90 -20.04 -5.49
C PRO A 265 41.05 -21.56 -5.45
N ARG A 266 40.41 -22.17 -4.46
CA ARG A 266 40.38 -23.61 -4.29
C ARG A 266 39.01 -24.15 -4.64
N PRO A 267 38.93 -25.41 -5.08
CA PRO A 267 37.61 -25.98 -5.43
C PRO A 267 36.68 -26.02 -4.23
N LEU A 268 35.40 -25.77 -4.49
CA LEU A 268 34.40 -25.82 -3.43
C LEU A 268 34.20 -27.26 -2.97
N ARG A 269 34.23 -27.46 -1.66
CA ARG A 269 34.04 -28.78 -1.09
C ARG A 269 32.57 -29.16 -1.08
N LEU A 270 32.27 -30.38 -1.49
CA LEU A 270 30.90 -30.85 -1.49
C LEU A 270 30.64 -31.72 -0.26
N PRO A 271 29.43 -31.70 0.30
CA PRO A 271 29.15 -32.54 1.47
C PRO A 271 29.20 -34.02 1.12
N ASP A 272 29.53 -34.82 2.13
CA ASP A 272 29.62 -36.26 1.99
C ASP A 272 28.54 -36.93 2.83
N GLY A 273 28.00 -38.03 2.29
CA GLY A 273 26.94 -38.75 2.95
C GLY A 273 26.23 -39.68 1.99
N PRO A 274 25.04 -40.14 2.36
CA PRO A 274 24.29 -41.01 1.47
C PRO A 274 23.96 -40.29 0.17
N PRO A 275 23.86 -41.02 -0.94
CA PRO A 275 23.60 -40.35 -2.22
C PRO A 275 22.33 -39.52 -2.18
N CYS A 276 22.25 -38.57 -3.12
CA CYS A 276 21.10 -37.68 -3.20
C CYS A 276 19.94 -38.38 -3.89
N SER A 277 18.73 -38.10 -3.41
CA SER A 277 17.52 -38.74 -3.91
C SER A 277 16.76 -37.81 -4.84
N GLN A 278 15.68 -38.33 -5.41
CA GLN A 278 14.84 -37.57 -6.32
C GLN A 278 13.80 -36.77 -5.54
N ARG A 279 13.61 -35.51 -5.93
CA ARG A 279 12.67 -34.63 -5.25
C ARG A 279 11.55 -34.12 -6.14
N SER A 280 11.61 -34.35 -7.45
CA SER A 280 10.61 -33.81 -8.37
C SER A 280 9.22 -34.34 -8.03
N LYS A 281 8.19 -33.62 -8.45
CA LYS A 281 6.81 -34.04 -8.25
C LYS A 281 6.32 -34.99 -9.34
N PHE A 282 7.15 -35.27 -10.34
CA PHE A 282 6.79 -36.21 -11.39
C PHE A 282 8.08 -36.70 -12.05
N LEU A 283 7.97 -37.83 -12.73
CA LEU A 283 9.11 -38.37 -13.46
C LEU A 283 9.46 -37.48 -14.63
N LEU A 284 10.76 -37.21 -14.81
CA LEU A 284 11.26 -36.35 -15.87
C LEU A 284 11.95 -37.15 -16.97
N MET A 285 12.94 -37.97 -16.61
CA MET A 285 13.70 -38.73 -17.59
C MET A 285 13.11 -40.11 -17.87
N ASP A 286 12.29 -40.65 -16.96
CA ASP A 286 11.78 -42.00 -17.05
C ASP A 286 10.28 -42.04 -17.32
N ALA A 287 9.73 -40.98 -17.90
CA ALA A 287 8.30 -40.94 -18.18
C ALA A 287 7.96 -41.79 -19.38
N LEU A 288 6.72 -42.28 -19.42
CA LEU A 288 6.19 -43.03 -20.54
C LEU A 288 4.85 -42.44 -20.92
N LYS A 289 4.52 -42.52 -22.21
CA LYS A 289 3.36 -41.83 -22.77
C LYS A 289 2.45 -42.83 -23.47
N LEU A 290 1.19 -42.86 -23.07
CA LEU A 290 0.14 -43.59 -23.77
C LEU A 290 -0.71 -42.58 -24.53
N SER A 291 -0.94 -42.85 -25.82
CA SER A 291 -1.45 -41.84 -26.73
C SER A 291 -2.67 -42.34 -27.49
N ILE A 292 -3.41 -41.39 -28.06
CA ILE A 292 -4.61 -41.69 -28.81
C ILE A 292 -4.60 -41.09 -30.21
N GLU A 293 -3.82 -40.03 -30.46
CA GLU A 293 -3.76 -39.39 -31.76
C GLU A 293 -5.07 -38.65 -32.09
N ASP A 294 -5.62 -37.97 -31.10
CA ASP A 294 -6.86 -37.21 -31.27
C ASP A 294 -6.55 -35.82 -31.80
N PRO A 295 -7.55 -35.13 -32.34
CA PRO A 295 -7.34 -33.78 -32.87
C PRO A 295 -7.58 -32.65 -31.88
N SER A 296 -7.81 -32.96 -30.60
CA SER A 296 -8.12 -31.93 -29.61
C SER A 296 -6.87 -31.13 -29.24
N HIS A 297 -7.11 -29.90 -28.78
CA HIS A 297 -6.03 -29.01 -28.35
C HIS A 297 -5.75 -29.20 -26.87
N GLU A 298 -4.74 -28.47 -26.36
CA GLU A 298 -4.26 -28.68 -25.01
C GLU A 298 -5.39 -28.66 -23.99
N GLY A 299 -6.07 -27.52 -23.86
CA GLY A 299 -7.15 -27.43 -22.90
C GLY A 299 -8.43 -28.09 -23.36
N GLU A 300 -8.59 -28.27 -24.67
CA GLU A 300 -9.80 -28.87 -25.21
C GLU A 300 -9.90 -30.33 -24.80
N GLY A 301 -11.09 -30.74 -24.37
CA GLY A 301 -11.37 -32.12 -24.04
C GLY A 301 -11.77 -32.27 -22.59
N ILE A 302 -12.05 -33.52 -22.22
CA ILE A 302 -12.42 -33.90 -20.87
C ILE A 302 -11.35 -34.85 -20.34
N PRO A 303 -10.82 -34.63 -19.12
CA PRO A 303 -9.64 -35.42 -18.71
C PRO A 303 -9.90 -36.91 -18.59
N LEU A 304 -10.93 -37.32 -17.87
CA LEU A 304 -11.10 -38.73 -17.54
C LEU A 304 -11.30 -39.58 -18.78
N TYR A 305 -12.13 -39.12 -19.72
CA TYR A 305 -12.37 -39.90 -20.93
C TYR A 305 -11.09 -40.04 -21.74
N ASP A 306 -10.32 -38.96 -21.87
CA ASP A 306 -9.07 -39.03 -22.59
C ASP A 306 -8.12 -40.00 -21.94
N ALA A 307 -8.02 -39.97 -20.60
CA ALA A 307 -7.13 -40.89 -19.90
C ALA A 307 -7.55 -42.33 -20.12
N ILE A 308 -8.84 -42.62 -20.01
CA ILE A 308 -9.32 -43.99 -20.19
C ILE A 308 -9.07 -44.45 -21.63
N LYS A 309 -9.33 -43.59 -22.60
CA LYS A 309 -9.10 -43.95 -23.99
C LYS A 309 -7.62 -44.21 -24.26
N CYS A 310 -6.74 -43.39 -23.69
CA CYS A 310 -5.31 -43.62 -23.85
C CYS A 310 -4.89 -44.94 -23.22
N MET A 311 -5.43 -45.24 -22.03
CA MET A 311 -5.02 -46.47 -21.34
C MET A 311 -5.54 -47.71 -22.04
N ARG A 312 -6.73 -47.64 -22.65
CA ARG A 312 -7.23 -48.76 -23.43
C ARG A 312 -6.41 -49.02 -24.69
N THR A 313 -5.59 -48.06 -25.12
CA THR A 313 -4.74 -48.25 -26.28
C THR A 313 -3.59 -49.22 -26.02
N PHE A 314 -3.33 -49.55 -24.76
CA PHE A 314 -2.25 -50.45 -24.39
C PHE A 314 -2.81 -51.79 -23.97
N PHE A 315 -2.21 -52.87 -24.46
CA PHE A 315 -2.60 -54.23 -24.12
C PHE A 315 -1.39 -54.97 -23.55
N GLY A 316 -1.65 -55.81 -22.55
CA GLY A 316 -0.58 -56.55 -21.89
C GLY A 316 -0.59 -56.36 -20.38
N TRP A 317 -1.72 -55.90 -19.85
CA TRP A 317 -1.84 -55.69 -18.42
C TRP A 317 -1.63 -56.99 -17.66
N LYS A 318 -0.89 -56.91 -16.56
CA LYS A 318 -0.65 -58.03 -15.67
C LYS A 318 -1.07 -57.65 -14.25
N GLU A 319 -1.33 -58.66 -13.44
CA GLU A 319 -1.66 -58.40 -12.05
C GLU A 319 -0.46 -57.73 -11.39
N PRO A 320 -0.63 -56.56 -10.77
CA PRO A 320 0.54 -55.83 -10.25
C PRO A 320 1.15 -56.55 -9.06
N ASN A 321 2.47 -56.41 -8.94
CA ASN A 321 3.20 -56.99 -7.82
C ASN A 321 4.36 -56.07 -7.46
N VAL A 322 4.83 -56.22 -6.22
CA VAL A 322 5.89 -55.35 -5.72
C VAL A 322 7.21 -55.70 -6.39
N VAL A 323 7.94 -54.67 -6.82
CA VAL A 323 9.26 -54.83 -7.40
C VAL A 323 10.27 -54.18 -6.46
N LYS A 324 10.10 -52.89 -6.20
CA LYS A 324 10.98 -52.17 -5.28
C LYS A 324 10.14 -51.49 -4.20
N PRO A 325 10.29 -51.86 -2.94
CA PRO A 325 9.44 -51.27 -1.89
C PRO A 325 9.84 -49.85 -1.56
N HIS A 326 8.91 -49.15 -0.89
CA HIS A 326 9.18 -47.80 -0.45
C HIS A 326 10.31 -47.74 0.57
N GLU A 327 10.53 -48.82 1.31
CA GLU A 327 11.54 -48.99 2.35
C GLU A 327 11.15 -48.26 3.64
N LYS A 328 10.08 -47.47 3.64
CA LYS A 328 9.60 -46.83 4.86
C LYS A 328 8.09 -46.85 5.02
N GLY A 329 7.33 -47.17 3.96
CA GLY A 329 5.90 -47.19 4.03
C GLY A 329 5.33 -48.59 3.95
N ILE A 330 4.06 -48.68 3.56
CA ILE A 330 3.35 -49.94 3.45
C ILE A 330 3.03 -50.12 1.97
N ASN A 331 3.90 -50.85 1.26
CA ASN A 331 3.71 -51.02 -0.18
C ASN A 331 2.38 -51.66 -0.54
N PRO A 332 1.87 -52.65 0.20
CA PRO A 332 0.54 -53.18 -0.12
C PRO A 332 -0.53 -52.10 -0.24
N ASN A 333 -0.42 -51.02 0.54
CA ASN A 333 -1.35 -49.92 0.37
C ASN A 333 -1.23 -49.31 -1.03
N TYR A 334 -0.01 -49.12 -1.53
CA TYR A 334 0.17 -48.61 -2.87
C TYR A 334 -0.41 -49.55 -3.91
N LEU A 335 -0.18 -50.86 -3.74
CA LEU A 335 -0.73 -51.85 -4.66
C LEU A 335 -2.26 -51.76 -4.70
N LEU A 336 -2.88 -51.73 -3.52
CA LEU A 336 -4.33 -51.68 -3.43
C LEU A 336 -4.85 -50.37 -4.00
N ALA A 337 -4.11 -49.27 -3.81
CA ALA A 337 -4.53 -48.00 -4.38
C ALA A 337 -4.51 -48.05 -5.90
N TRP A 338 -3.48 -48.67 -6.48
CA TRP A 338 -3.42 -48.79 -7.93
C TRP A 338 -4.60 -49.60 -8.46
N LYS A 339 -4.87 -50.74 -7.82
CA LYS A 339 -5.99 -51.56 -8.27
C LYS A 339 -7.32 -50.83 -8.08
N GLN A 340 -7.46 -50.07 -7.00
CA GLN A 340 -8.65 -49.26 -6.79
C GLN A 340 -8.83 -48.22 -7.89
N VAL A 341 -7.73 -47.57 -8.27
CA VAL A 341 -7.81 -46.58 -9.35
C VAL A 341 -8.27 -47.24 -10.63
N LEU A 342 -7.71 -48.41 -10.95
CA LEU A 342 -8.15 -49.11 -12.17
C LEU A 342 -9.62 -49.48 -12.09
N ALA A 343 -10.07 -50.00 -10.95
CA ALA A 343 -11.47 -50.42 -10.81
C ALA A 343 -12.41 -49.24 -10.98
N GLU A 344 -12.09 -48.10 -10.36
CA GLU A 344 -12.97 -46.96 -10.46
C GLU A 344 -12.92 -46.33 -11.84
N LEU A 345 -11.77 -46.43 -12.53
CA LEU A 345 -11.71 -45.99 -13.92
C LEU A 345 -12.67 -46.81 -14.77
N GLN A 346 -12.69 -48.13 -14.57
CA GLN A 346 -13.66 -48.95 -15.28
C GLN A 346 -15.09 -48.56 -14.90
N ASP A 347 -15.32 -48.30 -13.61
CA ASP A 347 -16.64 -47.89 -13.16
C ASP A 347 -17.13 -46.66 -13.90
N ILE A 348 -16.24 -45.68 -14.12
CA ILE A 348 -16.60 -44.53 -14.94
C ILE A 348 -16.85 -44.94 -16.37
N GLU A 349 -16.00 -45.83 -16.91
CA GLU A 349 -16.18 -46.23 -18.30
C GLU A 349 -17.56 -46.81 -18.53
N ASN A 350 -18.13 -47.49 -17.53
CA ASN A 350 -19.41 -48.16 -17.73
C ASN A 350 -20.56 -47.16 -17.88
N GLU A 351 -20.60 -46.14 -17.03
CA GLU A 351 -21.78 -45.30 -16.91
C GLU A 351 -21.95 -44.40 -18.13
N GLU A 352 -23.00 -43.57 -18.10
CA GLU A 352 -23.49 -42.86 -19.27
C GLU A 352 -22.49 -41.87 -19.85
N LYS A 353 -22.15 -40.82 -19.10
CA LYS A 353 -21.22 -39.80 -19.57
C LYS A 353 -20.10 -39.61 -18.56
N ILE A 354 -18.87 -39.60 -19.04
CA ILE A 354 -17.68 -39.52 -18.19
C ILE A 354 -17.78 -38.22 -17.40
N PRO A 355 -17.72 -38.26 -16.06
CA PRO A 355 -17.76 -37.00 -15.31
C PRO A 355 -16.52 -36.16 -15.59
N LYS A 356 -16.71 -34.83 -15.53
CA LYS A 356 -15.59 -33.93 -15.75
C LYS A 356 -14.52 -34.11 -14.67
N THR A 357 -14.95 -34.30 -13.42
CA THR A 357 -14.04 -34.53 -12.30
C THR A 357 -14.63 -35.62 -11.43
N LYS A 358 -13.79 -36.57 -11.01
CA LYS A 358 -14.25 -37.69 -10.21
C LYS A 358 -13.68 -37.61 -8.80
N ASN A 359 -14.50 -38.00 -7.83
CA ASN A 359 -14.08 -38.17 -6.45
C ASN A 359 -13.94 -39.66 -6.13
N MET A 360 -12.90 -40.01 -5.37
CA MET A 360 -12.63 -41.38 -5.01
C MET A 360 -13.08 -41.65 -3.57
N LYS A 361 -13.23 -42.94 -3.26
CA LYS A 361 -13.60 -43.36 -1.93
C LYS A 361 -12.42 -43.19 -0.96
N LYS A 362 -12.74 -42.88 0.28
CA LYS A 362 -11.72 -42.65 1.31
C LYS A 362 -11.50 -43.94 2.10
N THR A 363 -10.80 -44.87 1.45
CA THR A 363 -10.43 -46.11 2.09
C THR A 363 -9.20 -45.93 2.97
N SER A 364 -8.98 -46.88 3.88
CA SER A 364 -7.81 -46.83 4.75
C SER A 364 -6.53 -46.74 3.95
N GLN A 365 -6.51 -47.34 2.76
CA GLN A 365 -5.32 -47.33 1.92
C GLN A 365 -4.86 -45.91 1.65
N LEU A 366 -5.73 -45.10 1.03
CA LEU A 366 -5.39 -43.73 0.73
C LEU A 366 -5.45 -42.83 1.97
N LYS A 367 -6.14 -43.26 3.03
CA LYS A 367 -6.06 -42.54 4.30
C LYS A 367 -4.63 -42.54 4.81
N TRP A 368 -3.95 -43.69 4.73
CA TRP A 368 -2.54 -43.75 5.09
C TRP A 368 -1.67 -43.08 4.04
N ALA A 369 -1.93 -43.35 2.76
CA ALA A 369 -1.08 -42.80 1.71
C ALA A 369 -1.15 -41.29 1.64
N LEU A 370 -2.29 -40.69 1.97
CA LEU A 370 -2.46 -39.25 1.93
C LEU A 370 -2.24 -38.58 3.28
N GLY A 371 -1.87 -39.34 4.31
CA GLY A 371 -1.61 -38.77 5.62
C GLY A 371 -2.82 -38.06 6.19
N GLU A 372 -3.86 -38.82 6.52
CA GLU A 372 -5.10 -38.28 7.04
C GLU A 372 -5.20 -38.58 8.53
N ASN A 373 -5.67 -37.59 9.30
CA ASN A 373 -5.83 -37.72 10.75
C ASN A 373 -4.51 -38.03 11.43
N MET A 374 -3.41 -37.49 10.91
CA MET A 374 -2.09 -37.67 11.51
C MET A 374 -1.56 -36.42 12.17
N ALA A 375 -2.12 -35.25 11.86
CA ALA A 375 -1.70 -34.04 12.54
C ALA A 375 -2.06 -34.13 14.02
N PRO A 376 -1.12 -33.89 14.94
CA PRO A 376 -1.47 -33.95 16.35
C PRO A 376 -2.56 -32.95 16.69
N GLU A 377 -3.48 -33.37 17.56
CA GLU A 377 -4.57 -32.49 17.96
C GLU A 377 -4.04 -31.32 18.78
N LYS A 378 -4.56 -30.13 18.50
CA LYS A 378 -4.10 -28.93 19.17
C LYS A 378 -4.78 -28.79 20.52
N VAL A 379 -3.98 -28.58 21.57
CA VAL A 379 -4.47 -28.47 22.93
C VAL A 379 -3.80 -27.25 23.58
N ASP A 380 -4.11 -27.05 24.85
CA ASP A 380 -3.58 -25.93 25.63
C ASP A 380 -2.40 -26.36 26.48
N PHE A 381 -1.46 -25.44 26.70
CA PHE A 381 -0.27 -25.76 27.45
C PHE A 381 -0.59 -26.12 28.89
N ASP A 382 -1.56 -25.43 29.49
CA ASP A 382 -1.90 -25.68 30.89
C ASP A 382 -2.39 -27.10 31.12
N ASP A 383 -2.79 -27.82 30.07
CA ASP A 383 -3.26 -29.19 30.20
C ASP A 383 -2.20 -30.23 29.84
N CYS A 384 -1.09 -29.82 29.21
CA CYS A 384 -0.01 -30.72 28.83
C CYS A 384 1.32 -30.07 29.21
N LYS A 385 1.76 -30.29 30.45
CA LYS A 385 3.03 -29.74 30.90
C LYS A 385 3.88 -30.83 31.53
N ASP A 386 3.24 -31.86 32.09
CA ASP A 386 3.97 -32.95 32.74
C ASP A 386 4.39 -34.05 31.79
N VAL A 387 4.08 -33.92 30.50
CA VAL A 387 4.45 -34.93 29.51
C VAL A 387 5.94 -34.76 29.22
N SER A 388 6.73 -35.79 29.54
CA SER A 388 8.18 -35.70 29.36
C SER A 388 8.55 -35.53 27.89
N ASP A 389 7.85 -36.24 27.00
CA ASP A 389 8.15 -36.18 25.57
C ASP A 389 7.83 -34.84 24.94
N LEU A 390 7.14 -33.95 25.66
CA LEU A 390 6.74 -32.67 25.10
C LEU A 390 7.95 -31.77 24.93
N LYS A 391 8.22 -31.35 23.69
CA LYS A 391 9.38 -30.55 23.37
C LYS A 391 9.11 -29.76 22.09
N GLN A 392 10.10 -29.00 21.64
CA GLN A 392 9.96 -28.23 20.43
C GLN A 392 9.88 -29.12 19.20
N TYR A 393 9.44 -28.53 18.09
CA TYR A 393 9.55 -29.18 16.80
C TYR A 393 11.02 -29.35 16.42
N ASP A 394 11.31 -30.45 15.73
CA ASP A 394 12.68 -30.73 15.32
C ASP A 394 13.17 -29.62 14.41
N SER A 395 14.16 -28.85 14.88
CA SER A 395 14.71 -27.71 14.14
C SER A 395 16.23 -27.86 14.13
N ASP A 396 16.76 -28.45 13.07
CA ASP A 396 18.19 -28.65 12.92
C ASP A 396 18.54 -28.60 11.44
N GLU A 397 19.84 -28.58 11.16
CA GLU A 397 20.29 -28.55 9.78
C GLU A 397 19.85 -29.84 9.08
N PRO A 398 19.39 -29.75 7.83
CA PRO A 398 18.94 -30.96 7.13
C PRO A 398 20.04 -32.01 7.06
N GLU A 399 19.63 -33.23 6.74
CA GLU A 399 20.57 -34.33 6.59
C GLU A 399 21.53 -34.03 5.44
N LEU A 400 22.79 -34.42 5.62
CA LEU A 400 23.80 -34.23 4.58
C LEU A 400 23.76 -35.39 3.59
N ARG A 401 23.84 -35.06 2.31
CA ARG A 401 23.81 -36.06 1.25
C ARG A 401 24.79 -35.66 0.16
N SER A 402 25.51 -36.64 -0.37
CA SER A 402 26.49 -36.41 -1.41
C SER A 402 25.84 -36.49 -2.78
N LEU A 403 26.44 -35.81 -3.75
CA LEU A 403 25.92 -35.79 -5.10
C LEU A 403 26.04 -37.15 -5.76
N ALA A 404 25.09 -37.46 -6.64
CA ALA A 404 25.10 -38.68 -7.42
C ALA A 404 25.11 -38.31 -8.91
N SER A 405 25.43 -39.30 -9.74
CA SER A 405 25.60 -39.06 -11.17
C SER A 405 24.27 -39.05 -11.93
N TRP A 406 23.15 -39.35 -11.28
CA TRP A 406 21.88 -39.43 -11.99
C TRP A 406 21.35 -38.05 -12.37
N ILE A 407 21.58 -37.04 -11.53
CA ILE A 407 21.09 -35.71 -11.86
C ILE A 407 21.81 -35.15 -13.08
N GLN A 408 23.10 -35.47 -13.23
CA GLN A 408 23.83 -35.01 -14.41
C GLN A 408 23.24 -35.60 -15.68
N SER A 409 22.96 -36.90 -15.70
CA SER A 409 22.36 -37.52 -16.87
C SER A 409 20.94 -37.01 -17.11
N GLU A 410 20.20 -36.75 -16.03
CA GLU A 410 18.85 -36.22 -16.18
C GLU A 410 18.87 -34.85 -16.84
N PHE A 411 19.80 -33.98 -16.42
CA PHE A 411 19.95 -32.69 -17.09
C PHE A 411 20.43 -32.87 -18.52
N ASN A 412 21.33 -33.82 -18.76
CA ASN A 412 21.82 -34.05 -20.11
C ASN A 412 20.67 -34.39 -21.05
N LYS A 413 19.80 -35.31 -20.63
CA LYS A 413 18.67 -35.71 -21.48
C LYS A 413 17.51 -34.73 -21.40
N ALA A 414 17.54 -33.77 -20.48
CA ALA A 414 16.54 -32.71 -20.46
C ALA A 414 16.83 -31.63 -21.50
N CYS A 415 18.01 -31.63 -22.10
CA CYS A 415 18.37 -30.67 -23.14
C CYS A 415 18.35 -31.29 -24.53
N GLU A 416 17.86 -32.51 -24.66
CA GLU A 416 17.87 -33.22 -25.94
C GLU A 416 16.59 -32.96 -26.72
N LEU A 417 16.69 -33.05 -28.04
CA LEU A 417 15.54 -32.83 -28.90
C LEU A 417 14.56 -34.00 -28.76
N THR A 418 13.37 -33.82 -29.35
CA THR A 418 12.31 -34.81 -29.28
C THR A 418 11.62 -34.89 -30.63
N ASP A 419 10.69 -35.85 -30.76
CA ASP A 419 9.94 -36.05 -31.98
C ASP A 419 8.55 -35.41 -31.91
N SER A 420 8.41 -34.32 -31.19
CA SER A 420 7.12 -33.67 -31.01
C SER A 420 7.33 -32.19 -30.71
N SER A 421 6.27 -31.42 -30.88
CA SER A 421 6.26 -29.99 -30.55
C SER A 421 5.39 -29.83 -29.32
N TRP A 422 6.01 -29.39 -28.21
CA TRP A 422 5.36 -29.33 -26.92
C TRP A 422 4.89 -27.93 -26.54
N ILE A 423 4.93 -26.98 -27.47
CA ILE A 423 4.44 -25.63 -27.23
C ILE A 423 3.53 -25.24 -28.40
N GLU A 424 2.31 -24.85 -28.08
CA GLU A 424 1.36 -24.31 -29.06
C GLU A 424 1.02 -22.90 -28.60
N LEU A 425 1.73 -21.92 -29.16
CA LEU A 425 1.63 -20.56 -28.66
C LEU A 425 0.31 -19.91 -29.09
N ASP A 426 -0.03 -18.83 -28.40
CA ASP A 426 -1.29 -18.13 -28.62
C ASP A 426 -1.14 -17.18 -29.81
N GLU A 427 -2.13 -16.30 -29.98
CA GLU A 427 -2.16 -15.37 -31.09
C GLU A 427 -1.68 -13.99 -30.64
N ILE A 428 -1.15 -13.23 -31.59
CA ILE A 428 -0.72 -11.86 -31.35
C ILE A 428 -1.24 -10.98 -32.48
N GLY A 429 -1.30 -9.69 -32.22
CA GLY A 429 -1.71 -8.75 -33.24
C GLY A 429 -0.83 -8.85 -34.47
N GLU A 430 -1.43 -8.81 -35.66
CA GLU A 430 -0.66 -8.96 -36.88
C GLU A 430 0.44 -7.90 -36.94
N ASP A 431 1.65 -8.35 -37.26
CA ASP A 431 2.81 -7.46 -37.26
C ASP A 431 2.65 -6.37 -38.31
N VAL A 432 2.88 -5.12 -37.92
CA VAL A 432 2.74 -4.00 -38.81
C VAL A 432 4.07 -3.28 -39.05
N ALA A 433 4.99 -3.30 -38.10
CA ALA A 433 6.25 -2.60 -38.25
C ALA A 433 7.36 -3.57 -38.65
N PRO A 434 8.36 -3.12 -39.39
CA PRO A 434 9.47 -4.02 -39.73
C PRO A 434 10.16 -4.62 -38.51
N ILE A 435 10.30 -3.83 -37.45
CA ILE A 435 10.87 -4.37 -36.22
C ILE A 435 10.01 -5.51 -35.68
N GLU A 436 8.68 -5.38 -35.82
CA GLU A 436 7.81 -6.47 -35.41
C GLU A 436 8.04 -7.71 -36.27
N HIS A 437 8.29 -7.53 -37.56
CA HIS A 437 8.61 -8.68 -38.41
C HIS A 437 9.91 -9.34 -37.97
N ILE A 438 10.92 -8.54 -37.65
CA ILE A 438 12.19 -9.12 -37.17
C ILE A 438 11.95 -9.89 -35.87
N ALA A 439 11.17 -9.31 -34.96
CA ALA A 439 10.87 -9.98 -33.70
C ALA A 439 10.13 -11.29 -33.95
N SER A 440 9.16 -11.28 -34.86
CA SER A 440 8.41 -12.49 -35.15
C SER A 440 9.30 -13.58 -35.76
N MET A 441 10.20 -13.19 -36.66
CA MET A 441 11.11 -14.17 -37.24
C MET A 441 12.04 -14.76 -36.19
N ARG A 442 12.59 -13.91 -35.32
CA ARG A 442 13.42 -14.41 -34.22
C ARG A 442 12.63 -15.37 -33.35
N ARG A 443 11.39 -14.99 -33.00
CA ARG A 443 10.57 -15.81 -32.13
C ARG A 443 10.25 -17.15 -32.79
N ASN A 444 9.98 -17.14 -34.09
CA ASN A 444 9.73 -18.39 -34.80
C ASN A 444 10.98 -19.27 -34.79
N TYR A 445 12.15 -18.69 -34.97
CA TYR A 445 13.39 -19.48 -34.89
C TYR A 445 13.53 -20.12 -33.51
N PHE A 446 13.36 -19.34 -32.45
CA PHE A 446 13.51 -19.91 -31.12
C PHE A 446 12.45 -20.97 -30.83
N THR A 447 11.22 -20.75 -31.29
CA THR A 447 10.18 -21.76 -31.07
C THR A 447 10.52 -23.04 -31.81
N ALA A 448 11.01 -22.94 -33.04
CA ALA A 448 11.45 -24.13 -33.74
C ALA A 448 12.58 -24.83 -33.00
N GLU A 449 13.46 -24.07 -32.35
CA GLU A 449 14.57 -24.69 -31.64
C GLU A 449 14.15 -25.35 -30.33
N VAL A 450 13.24 -24.73 -29.58
CA VAL A 450 12.98 -25.17 -28.21
C VAL A 450 11.71 -26.03 -28.10
N SER A 451 10.79 -25.93 -29.05
CA SER A 451 9.55 -26.71 -28.96
C SER A 451 9.85 -28.20 -28.87
N HIS A 452 10.76 -28.69 -29.71
CA HIS A 452 11.19 -30.09 -29.64
C HIS A 452 12.31 -30.22 -28.63
N CYS A 453 11.94 -30.08 -27.36
CA CYS A 453 12.89 -30.17 -26.25
C CYS A 453 12.18 -30.75 -25.03
N ARG A 454 12.88 -31.63 -24.32
CA ARG A 454 12.28 -32.23 -23.13
C ARG A 454 11.99 -31.19 -22.07
N ALA A 455 12.71 -30.06 -22.08
CA ALA A 455 12.43 -29.00 -21.12
C ALA A 455 11.04 -28.43 -21.32
N THR A 456 10.61 -28.23 -22.56
CA THR A 456 9.27 -27.74 -22.82
C THR A 456 8.22 -28.76 -22.38
N GLU A 457 8.48 -30.05 -22.61
CA GLU A 457 7.55 -31.07 -22.15
C GLU A 457 7.43 -31.05 -20.63
N TYR A 458 8.56 -30.90 -19.93
CA TYR A 458 8.50 -30.79 -18.48
C TYR A 458 7.74 -29.54 -18.05
N ILE A 459 7.93 -28.44 -18.77
CA ILE A 459 7.21 -27.21 -18.45
C ILE A 459 5.72 -27.44 -18.54
N MET A 460 5.26 -28.02 -19.65
CA MET A 460 3.83 -28.28 -19.82
C MET A 460 3.31 -29.25 -18.78
N LYS A 461 4.06 -30.32 -18.51
CA LYS A 461 3.65 -31.28 -17.50
C LYS A 461 3.45 -30.59 -16.16
N GLY A 462 4.45 -29.83 -15.72
CA GLY A 462 4.35 -29.16 -14.42
C GLY A 462 3.21 -28.17 -14.37
N VAL A 463 3.07 -27.36 -15.43
CA VAL A 463 2.02 -26.35 -15.45
C VAL A 463 0.66 -27.02 -15.34
N TYR A 464 0.40 -28.03 -16.17
CA TYR A 464 -0.90 -28.70 -16.15
C TYR A 464 -1.15 -29.36 -14.81
N ILE A 465 -0.16 -30.09 -14.28
CA ILE A 465 -0.35 -30.83 -13.05
C ILE A 465 -0.65 -29.87 -11.90
N ASN A 466 0.15 -28.81 -11.79
CA ASN A 466 -0.05 -27.86 -10.70
C ASN A 466 -1.35 -27.10 -10.84
N THR A 467 -1.73 -26.73 -12.07
CA THR A 467 -3.02 -26.06 -12.26
C THR A 467 -4.17 -26.94 -11.82
N ALA A 468 -4.17 -28.20 -12.28
CA ALA A 468 -5.24 -29.11 -11.90
C ALA A 468 -5.26 -29.34 -10.39
N LEU A 469 -4.08 -29.51 -9.79
CA LEU A 469 -4.02 -29.76 -8.36
C LEU A 469 -4.52 -28.57 -7.56
N LEU A 470 -4.13 -27.36 -7.94
CA LEU A 470 -4.60 -26.17 -7.24
C LEU A 470 -6.10 -26.01 -7.39
N ASN A 471 -6.62 -26.18 -8.61
CA ASN A 471 -8.05 -26.03 -8.81
C ASN A 471 -8.85 -27.07 -8.02
N ALA A 472 -8.39 -28.31 -8.02
CA ALA A 472 -9.06 -29.35 -7.25
C ALA A 472 -9.00 -29.06 -5.76
N SER A 473 -7.84 -28.60 -5.27
CA SER A 473 -7.72 -28.29 -3.85
C SER A 473 -8.66 -27.17 -3.46
N CYS A 474 -8.78 -26.14 -4.31
CA CYS A 474 -9.66 -25.02 -3.98
C CYS A 474 -11.12 -25.39 -4.12
N ALA A 475 -11.46 -26.34 -4.99
CA ALA A 475 -12.85 -26.73 -5.20
C ALA A 475 -13.26 -27.87 -4.28
N ALA A 476 -12.59 -29.02 -4.40
CA ALA A 476 -12.90 -30.20 -3.59
C ALA A 476 -11.92 -30.27 -2.43
N MET A 477 -12.15 -29.42 -1.43
CA MET A 477 -11.23 -29.34 -0.29
C MET A 477 -11.25 -30.62 0.54
N ASP A 478 -12.43 -31.23 0.70
CA ASP A 478 -12.59 -32.33 1.62
C ASP A 478 -12.28 -33.69 1.01
N ASP A 479 -12.69 -33.93 -0.23
CA ASP A 479 -12.80 -35.28 -0.74
C ASP A 479 -11.68 -35.56 -1.73
N PHE A 480 -11.14 -36.78 -1.65
CA PHE A 480 -10.01 -37.16 -2.49
C PHE A 480 -10.43 -37.15 -3.96
N GLN A 481 -9.56 -36.63 -4.82
CA GLN A 481 -9.91 -36.44 -6.23
C GLN A 481 -8.88 -37.08 -7.14
N LEU A 482 -9.36 -37.65 -8.25
CA LEU A 482 -8.53 -38.29 -9.27
C LEU A 482 -8.27 -37.30 -10.40
N ILE A 483 -7.01 -37.20 -10.83
CA ILE A 483 -6.63 -36.31 -11.92
C ILE A 483 -5.62 -37.03 -12.81
N PRO A 484 -5.94 -37.36 -14.06
CA PRO A 484 -4.96 -38.02 -14.92
C PRO A 484 -3.95 -37.01 -15.48
N MET A 485 -2.67 -37.36 -15.43
CA MET A 485 -1.62 -36.52 -16.00
C MET A 485 -1.75 -36.55 -17.52
N ILE A 486 -2.11 -35.40 -18.09
CA ILE A 486 -2.36 -35.29 -19.53
C ILE A 486 -1.48 -34.21 -20.11
N SER A 487 -0.91 -34.50 -21.28
CA SER A 487 -0.16 -33.50 -22.02
C SER A 487 -0.36 -33.75 -23.52
N LYS A 488 -0.69 -32.71 -24.26
CA LYS A 488 -1.00 -32.85 -25.67
C LYS A 488 0.09 -32.21 -26.52
N CYS A 489 0.58 -32.97 -27.49
CA CYS A 489 1.66 -32.58 -28.37
C CYS A 489 1.21 -32.71 -29.83
N ARG A 490 2.13 -32.41 -30.75
CA ARG A 490 1.88 -32.52 -32.18
C ARG A 490 3.05 -33.22 -32.82
N THR A 491 2.76 -34.25 -33.63
CA THR A 491 3.79 -35.06 -34.23
C THR A 491 4.46 -34.32 -35.39
N LYS A 492 5.53 -34.92 -35.90
CA LYS A 492 6.21 -34.37 -37.07
C LYS A 492 5.26 -34.34 -38.27
N GLU A 493 4.45 -35.41 -38.43
CA GLU A 493 3.48 -35.44 -39.51
C GLU A 493 2.43 -34.34 -39.39
N GLY A 494 2.29 -33.74 -38.21
CA GLY A 494 1.32 -32.69 -37.97
C GLY A 494 0.07 -33.14 -37.22
N ARG A 495 -0.12 -34.45 -37.06
CA ARG A 495 -1.28 -34.94 -36.34
C ARG A 495 -1.16 -34.65 -34.85
N ARG A 496 -2.22 -34.09 -34.27
CA ARG A 496 -2.22 -33.83 -32.84
C ARG A 496 -2.35 -35.13 -32.06
N LYS A 497 -1.86 -35.12 -30.82
CA LYS A 497 -1.80 -36.33 -30.03
C LYS A 497 -1.91 -35.98 -28.56
N THR A 498 -2.49 -36.88 -27.78
CA THR A 498 -2.56 -36.77 -26.33
C THR A 498 -1.65 -37.80 -25.71
N ASN A 499 -1.21 -37.53 -24.49
CA ASN A 499 -0.29 -38.39 -23.77
C ASN A 499 -0.70 -38.45 -22.31
N LEU A 500 -0.75 -39.67 -21.76
CA LEU A 500 -1.16 -39.92 -20.39
C LEU A 500 0.01 -40.55 -19.64
N TYR A 501 0.67 -39.75 -18.80
CA TYR A 501 1.77 -40.27 -18.01
C TYR A 501 1.30 -41.13 -16.84
N GLY A 502 0.19 -40.75 -16.21
CA GLY A 502 -0.31 -41.50 -15.08
C GLY A 502 -1.46 -40.82 -14.38
N PHE A 503 -1.48 -40.87 -13.05
CA PHE A 503 -2.59 -40.32 -12.27
C PHE A 503 -2.06 -39.67 -11.00
N ILE A 504 -2.83 -38.73 -10.49
CA ILE A 504 -2.57 -38.06 -9.23
C ILE A 504 -3.84 -38.10 -8.39
N ILE A 505 -3.72 -38.54 -7.15
CA ILE A 505 -4.83 -38.51 -6.20
C ILE A 505 -4.54 -37.42 -5.20
N LYS A 506 -5.35 -36.36 -5.25
CA LYS A 506 -5.24 -35.27 -4.31
C LYS A 506 -6.07 -35.56 -3.06
N GLY A 507 -5.50 -35.25 -1.90
CA GLY A 507 -6.17 -35.46 -0.63
C GLY A 507 -6.71 -34.17 -0.04
N ARG A 508 -7.04 -34.25 1.25
CA ARG A 508 -7.57 -33.08 1.95
C ARG A 508 -6.63 -31.91 1.80
N SER A 509 -7.18 -30.77 1.39
CA SER A 509 -6.39 -29.59 1.02
C SER A 509 -6.97 -28.33 1.65
N HIS A 510 -7.28 -28.40 2.95
CA HIS A 510 -7.73 -27.23 3.69
C HIS A 510 -6.53 -26.34 3.99
N LEU A 511 -6.07 -25.65 2.95
CA LEU A 511 -4.84 -24.86 3.01
C LEU A 511 -5.18 -23.43 3.41
N ARG A 512 -4.73 -23.04 4.60
CA ARG A 512 -4.94 -21.67 5.08
C ARG A 512 -3.72 -20.80 4.80
N ASN A 513 -2.57 -21.18 5.32
CA ASN A 513 -1.34 -20.41 5.07
C ASN A 513 -0.72 -20.82 3.75
N ASP A 514 0.12 -19.93 3.21
CA ASP A 514 0.82 -20.22 1.97
C ASP A 514 1.79 -21.38 2.11
N THR A 515 2.14 -21.77 3.34
CA THR A 515 3.06 -22.88 3.57
C THR A 515 2.36 -24.18 3.93
N ASP A 516 1.05 -24.14 4.18
CA ASP A 516 0.32 -25.37 4.48
C ASP A 516 0.45 -26.35 3.33
N VAL A 517 0.53 -27.64 3.68
CA VAL A 517 0.87 -28.69 2.73
C VAL A 517 -0.36 -29.49 2.37
N VAL A 518 -0.58 -29.67 1.07
CA VAL A 518 -1.57 -30.61 0.55
C VAL A 518 -0.81 -31.84 0.08
N ASN A 519 -1.20 -33.00 0.58
CA ASN A 519 -0.58 -34.27 0.23
C ASN A 519 -1.36 -34.96 -0.87
N PHE A 520 -0.64 -35.55 -1.81
CA PHE A 520 -1.25 -36.35 -2.86
C PHE A 520 -0.36 -37.57 -3.10
N VAL A 521 -0.89 -38.52 -3.87
CA VAL A 521 -0.14 -39.70 -4.26
C VAL A 521 -0.10 -39.75 -5.78
N SER A 522 1.11 -39.89 -6.33
CA SER A 522 1.34 -39.86 -7.76
C SER A 522 1.75 -41.24 -8.26
N MET A 523 1.14 -41.65 -9.38
CA MET A 523 1.43 -42.91 -10.04
C MET A 523 1.81 -42.60 -11.48
N GLU A 524 2.92 -43.15 -11.96
CA GLU A 524 3.38 -42.87 -13.30
C GLU A 524 3.96 -44.13 -13.94
N PHE A 525 3.56 -44.37 -15.19
CA PHE A 525 4.11 -45.50 -15.94
C PHE A 525 5.54 -45.21 -16.35
N SER A 526 6.33 -46.26 -16.51
CA SER A 526 7.70 -46.10 -16.96
C SER A 526 8.22 -47.45 -17.43
N LEU A 527 9.37 -47.43 -18.10
CA LEU A 527 10.07 -48.64 -18.49
C LEU A 527 11.43 -48.78 -17.82
N THR A 528 11.90 -47.74 -17.13
CA THR A 528 13.23 -47.77 -16.51
C THR A 528 13.19 -48.67 -15.29
N ASP A 529 14.00 -49.72 -15.30
CA ASP A 529 14.06 -50.63 -14.16
C ASP A 529 14.66 -49.91 -12.95
N PRO A 530 14.01 -49.92 -11.80
CA PRO A 530 14.55 -49.25 -10.61
C PRO A 530 15.62 -50.04 -9.88
N ARG A 531 16.05 -51.19 -10.41
CA ARG A 531 17.06 -52.01 -9.76
C ARG A 531 18.48 -51.60 -10.12
N LEU A 532 18.64 -50.57 -10.96
CA LEU A 532 19.96 -50.12 -11.38
C LEU A 532 20.44 -48.87 -10.64
N GLU A 533 19.53 -47.98 -10.26
CA GLU A 533 19.88 -46.78 -9.49
C GLU A 533 18.92 -46.64 -8.31
N PRO A 534 18.95 -47.61 -7.39
CA PRO A 534 17.98 -47.59 -6.29
C PRO A 534 18.04 -46.35 -5.42
N HIS A 535 19.25 -45.80 -5.22
CA HIS A 535 19.39 -44.65 -4.32
C HIS A 535 18.65 -43.42 -4.84
N LYS A 536 18.33 -43.38 -6.14
CA LYS A 536 17.59 -42.25 -6.68
C LYS A 536 16.10 -42.34 -6.38
N TRP A 537 15.62 -43.50 -5.96
CA TRP A 537 14.20 -43.73 -5.72
C TRP A 537 13.93 -44.10 -4.26
N GLU A 538 14.54 -43.35 -3.34
CA GLU A 538 14.42 -43.68 -1.93
C GLU A 538 12.97 -43.58 -1.45
N LYS A 539 12.22 -42.61 -1.96
CA LYS A 539 10.88 -42.33 -1.48
C LYS A 539 9.79 -42.88 -2.40
N TYR A 540 10.15 -43.69 -3.38
CA TYR A 540 9.20 -44.24 -4.34
C TYR A 540 8.92 -45.71 -4.02
N CYS A 541 7.71 -46.16 -4.35
CA CYS A 541 7.37 -47.57 -4.39
C CYS A 541 7.06 -47.94 -5.84
N VAL A 542 7.77 -48.93 -6.37
CA VAL A 542 7.70 -49.28 -7.79
C VAL A 542 7.17 -50.69 -7.93
N LEU A 543 6.09 -50.83 -8.69
CA LEU A 543 5.45 -52.11 -8.98
C LEU A 543 5.72 -52.52 -10.41
N GLU A 544 5.37 -53.76 -10.73
CA GLU A 544 5.37 -54.26 -12.11
C GLU A 544 3.93 -54.41 -12.55
N ILE A 545 3.54 -53.68 -13.59
CA ILE A 545 2.14 -53.63 -14.00
C ILE A 545 1.90 -54.18 -15.39
N GLY A 546 2.91 -54.26 -16.25
CA GLY A 546 2.66 -54.84 -17.55
C GLY A 546 3.91 -55.06 -18.38
N ASP A 547 3.69 -55.30 -19.67
CA ASP A 547 4.77 -55.46 -20.64
C ASP A 547 4.42 -54.66 -21.88
N MET A 548 5.44 -54.03 -22.48
CA MET A 548 5.26 -53.18 -23.66
C MET A 548 6.08 -53.72 -24.81
N LEU A 549 5.56 -53.58 -26.02
CA LEU A 549 6.22 -54.05 -27.24
C LEU A 549 6.39 -52.86 -28.17
N LEU A 550 7.61 -52.33 -28.26
CA LEU A 550 7.94 -51.26 -29.18
C LEU A 550 8.74 -51.82 -30.34
N ARG A 551 8.37 -51.41 -31.56
CA ARG A 551 8.97 -51.98 -32.77
C ARG A 551 10.46 -51.68 -32.80
N SER A 552 11.27 -52.74 -32.83
CA SER A 552 12.72 -52.61 -32.95
C SER A 552 13.23 -53.71 -33.86
N ALA A 553 14.39 -53.46 -34.47
CA ALA A 553 14.98 -54.43 -35.38
C ALA A 553 15.39 -55.72 -34.69
N ILE A 554 15.54 -55.71 -33.37
CA ILE A 554 15.91 -56.92 -32.62
C ILE A 554 14.59 -57.61 -32.26
N GLY A 555 14.07 -58.37 -33.22
CA GLY A 555 12.76 -58.97 -33.05
C GLY A 555 11.77 -57.93 -32.56
N GLN A 556 11.29 -58.11 -31.34
CA GLN A 556 10.60 -57.03 -30.63
C GLN A 556 10.91 -57.18 -29.15
N VAL A 557 11.21 -56.05 -28.50
CA VAL A 557 11.86 -56.08 -27.19
C VAL A 557 10.99 -56.78 -26.17
N SER A 558 9.70 -56.43 -26.11
CA SER A 558 8.80 -56.92 -25.07
C SER A 558 9.35 -56.59 -23.69
N ARG A 559 9.63 -55.30 -23.48
CA ARG A 559 10.19 -54.82 -22.23
C ARG A 559 9.17 -54.89 -21.10
N PRO A 560 9.63 -54.95 -19.85
CA PRO A 560 8.72 -54.76 -18.72
C PRO A 560 8.24 -53.32 -18.66
N MET A 561 7.16 -53.11 -17.92
CA MET A 561 6.56 -51.78 -17.83
C MET A 561 6.06 -51.60 -16.40
N PHE A 562 6.75 -50.74 -15.65
CA PHE A 562 6.60 -50.59 -14.22
C PHE A 562 5.78 -49.35 -13.89
N LEU A 563 5.35 -49.27 -12.64
CA LEU A 563 4.57 -48.15 -12.12
C LEU A 563 5.30 -47.56 -10.93
N TYR A 564 5.77 -46.32 -11.07
CA TYR A 564 6.37 -45.59 -9.97
C TYR A 564 5.26 -44.90 -9.18
N VAL A 565 5.09 -45.31 -7.92
CA VAL A 565 4.05 -44.81 -7.04
C VAL A 565 4.71 -44.18 -5.82
N ARG A 566 4.29 -42.97 -5.47
CA ARG A 566 4.87 -42.31 -4.31
C ARG A 566 3.87 -41.36 -3.68
N THR A 567 4.13 -41.01 -2.42
CA THR A 567 3.39 -39.98 -1.72
C THR A 567 4.21 -38.69 -1.74
N ASN A 568 3.63 -37.63 -2.30
CA ASN A 568 4.30 -36.35 -2.41
C ASN A 568 3.38 -35.27 -1.83
N GLY A 569 3.88 -34.06 -1.75
CA GLY A 569 3.11 -32.95 -1.23
C GLY A 569 3.56 -31.64 -1.82
N THR A 570 2.67 -30.66 -1.78
CA THR A 570 2.98 -29.32 -2.26
C THR A 570 2.28 -28.31 -1.39
N SER A 571 2.35 -27.04 -1.78
CA SER A 571 1.70 -25.97 -1.04
C SER A 571 1.20 -24.93 -2.04
N LYS A 572 0.36 -24.02 -1.55
CA LYS A 572 -0.22 -23.00 -2.42
C LYS A 572 0.87 -22.23 -3.15
N ILE A 573 1.92 -21.82 -2.44
CA ILE A 573 3.01 -21.09 -3.08
C ILE A 573 3.71 -21.97 -4.12
N LYS A 574 3.98 -23.23 -3.77
CA LYS A 574 4.64 -24.12 -4.71
C LYS A 574 3.77 -24.38 -5.93
N MET A 575 2.47 -24.58 -5.74
CA MET A 575 1.58 -24.78 -6.88
C MET A 575 1.56 -23.55 -7.77
N LYS A 576 1.44 -22.36 -7.16
CA LYS A 576 1.39 -21.13 -7.95
C LYS A 576 2.67 -20.94 -8.75
N TRP A 577 3.82 -21.20 -8.13
CA TRP A 577 5.09 -20.98 -8.83
C TRP A 577 5.37 -22.07 -9.86
N GLY A 578 4.89 -23.29 -9.64
CA GLY A 578 5.03 -24.32 -10.64
C GLY A 578 4.08 -24.18 -11.81
N MET A 579 2.97 -23.46 -11.61
CA MET A 579 2.08 -23.16 -12.72
C MET A 579 2.53 -21.95 -13.53
N GLU A 580 3.62 -21.30 -13.14
CA GLU A 580 4.23 -20.23 -13.91
C GLU A 580 5.60 -20.66 -14.42
N MET A 581 5.73 -21.93 -14.81
CA MET A 581 6.99 -22.43 -15.33
C MET A 581 7.29 -21.94 -16.74
N ARG A 582 6.32 -21.33 -17.42
CA ARG A 582 6.55 -20.89 -18.79
C ARG A 582 7.52 -19.71 -18.87
N ARG A 583 7.77 -19.02 -17.75
CA ARG A 583 8.73 -17.93 -17.77
C ARG A 583 10.18 -18.42 -17.84
N CYS A 584 10.40 -19.73 -17.70
CA CYS A 584 11.72 -20.27 -18.01
C CYS A 584 12.05 -20.07 -19.48
N LEU A 585 11.07 -20.29 -20.35
CA LEU A 585 11.24 -19.95 -21.76
C LEU A 585 11.70 -18.50 -21.91
N LEU A 586 11.03 -17.59 -21.20
CA LEU A 586 11.43 -16.19 -21.27
C LEU A 586 12.88 -16.08 -20.86
N GLN A 587 13.20 -16.36 -19.59
CA GLN A 587 14.57 -16.24 -19.12
C GLN A 587 15.59 -16.71 -20.15
N SER A 588 15.44 -17.97 -20.60
CA SER A 588 16.41 -18.54 -21.53
C SER A 588 16.51 -17.71 -22.81
N LEU A 589 15.36 -17.42 -23.42
CA LEU A 589 15.40 -16.83 -24.75
C LEU A 589 15.74 -15.36 -24.69
N GLN A 590 15.43 -14.70 -23.58
CA GLN A 590 15.94 -13.36 -23.33
C GLN A 590 17.46 -13.37 -23.27
N GLN A 591 18.05 -14.36 -22.60
CA GLN A 591 19.51 -14.45 -22.58
C GLN A 591 20.06 -14.61 -23.99
N ILE A 592 19.46 -15.52 -24.77
CA ILE A 592 19.96 -15.75 -26.12
C ILE A 592 19.78 -14.51 -27.00
N GLU A 593 18.65 -13.83 -26.86
CA GLU A 593 18.41 -12.64 -27.66
C GLU A 593 19.34 -11.50 -27.25
N SER A 594 19.69 -11.43 -25.97
CA SER A 594 20.70 -10.48 -25.54
C SER A 594 22.04 -10.79 -26.18
N MET A 595 22.41 -12.06 -26.24
CA MET A 595 23.62 -12.45 -26.95
C MET A 595 23.57 -11.98 -28.40
N ILE A 596 22.46 -12.27 -29.08
CA ILE A 596 22.34 -11.95 -30.49
C ILE A 596 22.42 -10.44 -30.71
N GLU A 597 21.72 -9.66 -29.88
CA GLU A 597 21.75 -8.21 -30.02
C GLU A 597 23.14 -7.66 -29.74
N ALA A 598 23.80 -8.17 -28.70
CA ALA A 598 25.15 -7.69 -28.39
C ALA A 598 26.10 -7.96 -29.55
N GLU A 599 26.01 -9.14 -30.14
CA GLU A 599 26.88 -9.44 -31.29
C GLU A 599 26.50 -8.60 -32.50
N SER A 600 25.21 -8.34 -32.71
CA SER A 600 24.75 -7.56 -33.85
C SER A 600 25.03 -6.08 -33.70
N SER A 601 25.24 -5.59 -32.48
CA SER A 601 25.69 -4.21 -32.31
C SER A 601 27.09 -4.02 -32.85
N VAL A 602 27.86 -5.09 -33.01
CA VAL A 602 29.19 -4.99 -33.59
C VAL A 602 29.10 -4.86 -35.10
N LYS A 603 28.50 -5.84 -35.76
CA LYS A 603 28.25 -5.79 -37.20
C LYS A 603 26.87 -5.16 -37.42
N GLU A 604 26.83 -4.05 -38.15
CA GLU A 604 25.60 -3.29 -38.27
C GLU A 604 24.60 -4.03 -39.14
N LYS A 605 24.03 -5.11 -38.60
CA LYS A 605 23.08 -5.95 -39.32
C LYS A 605 22.53 -7.01 -38.36
N ASP A 606 21.28 -7.43 -38.58
CA ASP A 606 20.72 -8.50 -37.78
C ASP A 606 21.42 -9.80 -38.08
N MET A 607 21.80 -10.53 -37.04
CA MET A 607 22.69 -11.68 -37.16
C MET A 607 22.00 -12.99 -36.77
N THR A 608 20.67 -12.97 -36.68
CA THR A 608 19.95 -14.14 -36.18
C THR A 608 20.01 -15.30 -37.18
N LYS A 609 19.75 -15.01 -38.46
CA LYS A 609 19.59 -16.08 -39.44
C LYS A 609 20.86 -16.90 -39.58
N GLU A 610 22.01 -16.24 -39.69
CA GLU A 610 23.26 -16.98 -39.85
C GLU A 610 23.63 -17.71 -38.56
N PHE A 611 23.34 -17.11 -37.41
CA PHE A 611 23.55 -17.83 -36.14
C PHE A 611 22.78 -19.15 -36.13
N PHE A 612 21.51 -19.12 -36.54
CA PHE A 612 20.68 -20.31 -36.42
C PHE A 612 20.86 -21.30 -37.57
N GLU A 613 21.32 -20.86 -38.74
CA GLU A 613 21.51 -21.76 -39.87
C GLU A 613 22.97 -22.18 -40.07
N ASN A 614 23.88 -21.21 -40.22
CA ASN A 614 25.27 -21.57 -40.47
C ASN A 614 25.88 -22.34 -39.32
N LYS A 615 25.55 -21.97 -38.08
CA LYS A 615 26.03 -22.68 -36.90
C LYS A 615 27.56 -22.66 -36.81
N SER A 616 28.18 -21.63 -37.39
CA SER A 616 29.64 -21.52 -37.34
C SER A 616 30.11 -21.23 -35.93
N GLU A 617 29.54 -20.20 -35.30
CA GLU A 617 29.93 -19.84 -33.94
C GLU A 617 29.34 -20.82 -32.95
N THR A 618 30.11 -21.15 -31.91
CA THR A 618 29.67 -22.08 -30.88
C THR A 618 30.16 -21.59 -29.53
N TRP A 619 29.44 -21.97 -28.48
CA TRP A 619 29.76 -21.58 -27.11
C TRP A 619 30.09 -22.82 -26.27
N PRO A 620 31.00 -22.71 -25.30
CA PRO A 620 31.24 -23.86 -24.40
C PRO A 620 30.00 -24.18 -23.58
N ILE A 621 29.40 -25.34 -23.81
CA ILE A 621 28.13 -25.69 -23.17
C ILE A 621 28.24 -27.06 -22.51
N GLY A 622 29.44 -27.50 -22.21
CA GLY A 622 29.65 -28.79 -21.56
C GLY A 622 31.05 -29.29 -21.80
N GLU A 623 31.44 -30.26 -20.99
CA GLU A 623 32.78 -30.85 -21.03
C GLU A 623 32.68 -32.35 -21.19
N SER A 624 33.45 -32.89 -22.13
CA SER A 624 33.59 -34.32 -22.33
C SER A 624 34.98 -34.77 -21.87
N PRO A 625 35.15 -36.06 -21.57
CA PRO A 625 36.49 -36.53 -21.15
C PRO A 625 37.59 -36.09 -22.09
N LYS A 626 37.30 -35.93 -23.38
CA LYS A 626 38.30 -35.37 -24.29
C LYS A 626 38.60 -33.91 -23.96
N GLY A 627 37.59 -33.15 -23.58
CA GLY A 627 37.79 -31.74 -23.26
C GLY A 627 36.46 -31.01 -23.28
N VAL A 628 36.56 -29.68 -23.35
CA VAL A 628 35.38 -28.83 -23.38
C VAL A 628 34.73 -28.93 -24.75
N GLU A 629 33.42 -29.11 -24.77
CA GLU A 629 32.64 -29.25 -26.00
C GLU A 629 31.79 -28.01 -26.21
N GLU A 630 31.78 -27.52 -27.45
CA GLU A 630 31.00 -26.35 -27.83
C GLU A 630 29.86 -26.75 -28.75
N GLY A 631 28.73 -26.06 -28.61
CA GLY A 631 27.56 -26.34 -29.40
C GLY A 631 27.00 -25.07 -30.03
N SER A 632 26.13 -25.28 -31.02
CA SER A 632 25.53 -24.15 -31.73
C SER A 632 24.63 -23.35 -30.80
N ILE A 633 24.08 -22.26 -31.34
CA ILE A 633 23.26 -21.38 -30.52
C ILE A 633 21.99 -22.08 -30.06
N GLY A 634 21.44 -22.96 -30.89
CA GLY A 634 20.25 -23.70 -30.49
C GLY A 634 20.49 -24.58 -29.28
N LYS A 635 21.64 -25.24 -29.23
CA LYS A 635 21.97 -26.05 -28.07
C LYS A 635 22.13 -25.19 -26.82
N VAL A 636 22.68 -23.98 -26.97
CA VAL A 636 22.75 -23.06 -25.84
C VAL A 636 21.34 -22.68 -25.38
N CYS A 637 20.44 -22.42 -26.34
CA CYS A 637 19.05 -22.14 -25.99
C CYS A 637 18.47 -23.26 -25.15
N ARG A 638 18.62 -24.50 -25.63
CA ARG A 638 18.04 -25.64 -24.92
C ARG A 638 18.70 -25.82 -23.55
N THR A 639 20.00 -25.61 -23.46
CA THR A 639 20.70 -25.78 -22.18
C THR A 639 20.20 -24.75 -21.17
N LEU A 640 20.08 -23.49 -21.57
CA LEU A 640 19.60 -22.47 -20.65
C LEU A 640 18.14 -22.73 -20.26
N LEU A 641 17.33 -23.18 -21.22
CA LEU A 641 15.94 -23.51 -20.90
C LEU A 641 15.88 -24.64 -19.87
N ALA A 642 16.71 -25.66 -20.05
CA ALA A 642 16.74 -26.76 -19.09
C ALA A 642 17.21 -26.28 -17.72
N LYS A 643 18.21 -25.39 -17.70
CA LYS A 643 18.68 -24.86 -16.43
C LYS A 643 17.57 -24.11 -15.70
N SER A 644 16.83 -23.28 -16.43
CA SER A 644 15.72 -22.54 -15.82
C SER A 644 14.63 -23.50 -15.34
N VAL A 645 14.33 -24.52 -16.13
CA VAL A 645 13.28 -25.47 -15.75
C VAL A 645 13.69 -26.20 -14.48
N PHE A 646 14.95 -26.63 -14.38
CA PHE A 646 15.40 -27.31 -13.17
C PHE A 646 15.47 -26.37 -11.98
N ASN A 647 15.78 -25.09 -12.22
CA ASN A 647 15.70 -24.11 -11.14
C ASN A 647 14.28 -24.02 -10.62
N SER A 648 13.29 -24.02 -11.51
CA SER A 648 11.90 -23.95 -11.09
C SER A 648 11.42 -25.25 -10.45
N LEU A 649 12.04 -26.37 -10.80
CA LEU A 649 11.59 -27.67 -10.27
C LEU A 649 12.23 -27.96 -8.91
N TYR A 650 13.54 -27.77 -8.80
CA TYR A 650 14.27 -28.05 -7.57
C TYR A 650 14.54 -26.79 -6.75
N ALA A 651 13.61 -25.83 -6.79
CA ALA A 651 13.82 -24.58 -6.07
C ALA A 651 13.89 -24.85 -4.56
N SER A 652 14.76 -24.09 -3.89
CA SER A 652 14.93 -24.24 -2.44
C SER A 652 15.80 -23.11 -1.90
N PRO A 653 15.77 -22.85 -0.60
CA PRO A 653 16.64 -21.79 -0.04
C PRO A 653 18.11 -22.05 -0.31
N GLN A 654 18.53 -23.32 -0.30
CA GLN A 654 19.91 -23.65 -0.64
C GLN A 654 20.28 -23.09 -2.00
N LEU A 655 19.38 -23.23 -2.98
CA LEU A 655 19.67 -22.74 -4.32
C LEU A 655 19.89 -21.23 -4.31
N GLU A 656 19.03 -20.49 -3.63
CA GLU A 656 19.18 -19.03 -3.58
C GLU A 656 20.49 -18.64 -2.92
N GLY A 657 20.78 -19.22 -1.75
CA GLY A 657 22.00 -18.86 -1.06
C GLY A 657 23.25 -19.18 -1.88
N PHE A 658 23.29 -20.38 -2.44
CA PHE A 658 24.44 -20.76 -3.26
C PHE A 658 24.55 -19.86 -4.48
N SER A 659 23.41 -19.54 -5.11
CA SER A 659 23.46 -18.70 -6.30
C SER A 659 24.08 -17.35 -5.97
N ALA A 660 23.65 -16.72 -4.89
CA ALA A 660 24.19 -15.41 -4.53
C ALA A 660 25.68 -15.51 -4.18
N GLU A 661 26.02 -16.41 -3.27
CA GLU A 661 27.39 -16.47 -2.78
C GLU A 661 28.35 -17.03 -3.81
N SER A 662 27.86 -17.68 -4.85
CA SER A 662 28.70 -18.14 -5.96
C SER A 662 28.75 -17.14 -7.09
N ARG A 663 27.71 -16.33 -7.26
CA ARG A 663 27.80 -15.21 -8.20
C ARG A 663 28.85 -14.22 -7.73
N LYS A 664 28.97 -14.01 -6.42
CA LYS A 664 30.05 -13.16 -5.92
C LYS A 664 31.42 -13.68 -6.37
N LEU A 665 31.67 -14.97 -6.14
CA LEU A 665 32.97 -15.55 -6.51
C LEU A 665 33.14 -15.58 -8.02
N LEU A 666 32.06 -15.77 -8.77
CA LEU A 666 32.14 -15.74 -10.22
C LEU A 666 32.55 -14.36 -10.71
N LEU A 667 32.00 -13.31 -10.11
CA LEU A 667 32.40 -11.95 -10.46
C LEU A 667 33.87 -11.73 -10.12
N ILE A 668 34.32 -12.21 -8.97
CA ILE A 668 35.73 -12.07 -8.62
C ILE A 668 36.62 -12.77 -9.65
N VAL A 669 36.24 -13.99 -10.04
CA VAL A 669 37.03 -14.75 -11.00
C VAL A 669 37.02 -14.06 -12.36
N GLN A 670 35.88 -13.50 -12.76
CA GLN A 670 35.81 -12.76 -14.01
C GLN A 670 36.73 -11.54 -13.98
N ALA A 671 36.75 -10.84 -12.84
CA ALA A 671 37.68 -9.71 -12.71
C ALA A 671 39.12 -10.18 -12.83
N LEU A 672 39.44 -11.34 -12.25
CA LEU A 672 40.78 -11.89 -12.39
C LEU A 672 41.10 -12.18 -13.86
N ARG A 673 40.17 -12.81 -14.57
CA ARG A 673 40.40 -13.15 -15.97
C ARG A 673 40.48 -11.92 -16.86
N ASP A 674 39.94 -10.79 -16.40
CA ASP A 674 39.97 -9.56 -17.17
C ASP A 674 41.21 -8.71 -16.87
N ASN A 675 42.12 -9.21 -16.05
CA ASN A 675 43.35 -8.49 -15.70
C ASN A 675 43.02 -7.17 -15.01
N LEU A 676 42.21 -7.25 -13.95
CA LEU A 676 41.78 -6.08 -13.20
C LEU A 676 42.29 -6.10 -11.77
N GLU A 677 43.34 -6.87 -11.49
CA GLU A 677 43.99 -6.94 -10.19
C GLU A 677 42.96 -7.06 -9.06
N PRO A 678 42.12 -8.10 -9.10
CA PRO A 678 41.12 -8.26 -8.04
C PRO A 678 41.76 -8.54 -6.70
N GLY A 679 41.06 -8.12 -5.65
CA GLY A 679 41.54 -8.35 -4.29
C GLY A 679 40.36 -8.66 -3.38
N THR A 680 40.68 -9.34 -2.29
CA THR A 680 39.68 -9.76 -1.32
C THR A 680 40.16 -9.44 0.08
N PHE A 681 39.20 -9.18 0.97
CA PHE A 681 39.50 -8.92 2.37
C PHE A 681 39.42 -10.17 3.23
N ASP A 682 38.45 -11.05 2.96
CA ASP A 682 38.37 -12.35 3.64
C ASP A 682 37.75 -13.33 2.65
N LEU A 683 38.60 -14.05 1.92
CA LEU A 683 38.11 -15.02 0.96
C LEU A 683 37.62 -16.30 1.65
N GLY A 684 38.27 -16.67 2.75
CA GLY A 684 37.81 -17.82 3.50
C GLY A 684 36.38 -17.66 3.99
N GLY A 685 36.03 -16.44 4.41
CA GLY A 685 34.66 -16.19 4.82
C GLY A 685 33.67 -16.40 3.68
N LEU A 686 34.02 -15.91 2.48
CA LEU A 686 33.15 -16.13 1.34
C LEU A 686 33.02 -17.61 1.01
N TYR A 687 34.13 -18.35 1.08
CA TYR A 687 34.08 -19.78 0.82
C TYR A 687 33.17 -20.49 1.81
N GLU A 688 33.31 -20.14 3.10
CA GLU A 688 32.46 -20.74 4.12
C GLU A 688 31.00 -20.37 3.89
N ALA A 689 30.74 -19.15 3.43
CA ALA A 689 29.37 -18.76 3.12
C ALA A 689 28.80 -19.57 1.97
N ILE A 690 29.61 -19.86 0.96
CA ILE A 690 29.14 -20.68 -0.17
C ILE A 690 28.90 -22.12 0.28
N GLU A 691 29.84 -22.68 1.05
CA GLU A 691 29.81 -24.09 1.37
C GLU A 691 28.69 -24.45 2.35
N GLU A 692 28.13 -23.47 3.07
CA GLU A 692 27.06 -23.76 4.00
C GLU A 692 25.70 -23.92 3.32
N CYS A 693 25.58 -23.54 2.06
CA CYS A 693 24.34 -23.70 1.31
C CYS A 693 24.19 -25.10 0.71
N LEU A 694 25.28 -25.86 0.61
CA LEU A 694 25.26 -27.18 0.00
C LEU A 694 24.99 -28.21 1.09
N ILE A 695 23.76 -28.72 1.15
CA ILE A 695 23.40 -29.66 2.20
C ILE A 695 22.92 -30.97 1.62
N ASN A 696 21.76 -30.96 0.95
CA ASN A 696 21.21 -32.19 0.38
C ASN A 696 20.47 -32.03 -0.94
N ASP A 697 20.41 -30.83 -1.50
CA ASP A 697 19.61 -30.67 -2.72
C ASP A 697 20.42 -31.13 -3.93
N PRO A 698 19.91 -32.08 -4.73
CA PRO A 698 20.69 -32.52 -5.89
C PRO A 698 21.04 -31.38 -6.84
N TRP A 699 20.12 -30.44 -7.06
CA TRP A 699 20.35 -29.39 -8.04
C TRP A 699 21.47 -28.46 -7.59
N VAL A 700 21.47 -28.04 -6.34
CA VAL A 700 22.51 -27.13 -5.87
C VAL A 700 23.86 -27.83 -5.85
N LEU A 701 23.90 -29.10 -5.48
CA LEU A 701 25.16 -29.84 -5.50
C LEU A 701 25.68 -29.98 -6.92
N LEU A 702 24.79 -30.23 -7.89
CA LEU A 702 25.22 -30.28 -9.28
C LEU A 702 25.74 -28.93 -9.73
N ASN A 703 25.09 -27.85 -9.31
CA ASN A 703 25.58 -26.52 -9.64
C ASN A 703 26.96 -26.26 -9.04
N ALA A 704 27.19 -26.72 -7.81
CA ALA A 704 28.50 -26.57 -7.19
C ALA A 704 29.56 -27.37 -7.94
N SER A 705 29.22 -28.59 -8.37
CA SER A 705 30.16 -29.37 -9.16
C SER A 705 30.47 -28.68 -10.48
N TRP A 706 29.45 -28.10 -11.12
CA TRP A 706 29.67 -27.32 -12.33
C TRP A 706 30.59 -26.14 -12.07
N PHE A 707 30.39 -25.47 -10.94
CA PHE A 707 31.24 -24.33 -10.60
C PHE A 707 32.69 -24.76 -10.39
N ASN A 708 32.89 -25.90 -9.72
CA ASN A 708 34.25 -26.41 -9.56
C ASN A 708 34.87 -26.74 -10.90
N SER A 709 34.10 -27.35 -11.80
CA SER A 709 34.63 -27.66 -13.13
C SER A 709 34.97 -26.38 -13.89
N PHE A 710 34.14 -25.35 -13.76
CA PHE A 710 34.40 -24.08 -14.43
C PHE A 710 35.67 -23.43 -13.88
N LEU A 711 35.87 -23.49 -12.57
CA LEU A 711 37.11 -22.98 -11.99
C LEU A 711 38.31 -23.75 -12.52
N THR A 712 38.19 -25.08 -12.59
CA THR A 712 39.31 -25.88 -13.08
C THR A 712 39.64 -25.53 -14.53
N HIS A 713 38.61 -25.39 -15.38
CA HIS A 713 38.84 -25.04 -16.77
C HIS A 713 39.27 -23.58 -16.91
N ALA A 714 38.71 -22.69 -16.10
CA ALA A 714 39.16 -21.31 -16.05
C ALA A 714 40.48 -21.25 -15.29
N LEU A 715 40.99 -20.05 -15.03
CA LEU A 715 42.23 -19.85 -14.30
C LEU A 715 43.39 -20.53 -15.04
N ARG A 716 43.54 -20.17 -16.31
CA ARG A 716 44.59 -20.73 -17.14
C ARG A 716 45.15 -19.68 -18.09
N MET B 1 29.03 -36.75 -23.63
CA MET B 1 29.23 -35.33 -23.26
C MET B 1 28.23 -34.90 -22.18
N ASP B 2 28.74 -34.22 -21.15
CA ASP B 2 27.92 -33.73 -20.06
C ASP B 2 27.70 -32.23 -20.22
N VAL B 3 26.44 -31.82 -20.19
CA VAL B 3 26.08 -30.42 -20.39
C VAL B 3 26.35 -29.66 -19.10
N ASN B 4 26.91 -28.46 -19.22
CA ASN B 4 27.23 -27.63 -18.06
C ASN B 4 27.06 -26.16 -18.43
N PRO B 5 25.96 -25.53 -18.04
CA PRO B 5 25.75 -24.12 -18.43
C PRO B 5 26.83 -23.18 -17.90
N THR B 6 27.40 -23.45 -16.73
CA THR B 6 28.36 -22.53 -16.15
C THR B 6 29.55 -22.32 -17.06
N LEU B 7 29.95 -23.35 -17.81
CA LEU B 7 31.08 -23.20 -18.73
C LEU B 7 30.84 -22.13 -19.77
N LEU B 8 29.58 -21.74 -19.98
CA LEU B 8 29.27 -20.64 -20.88
C LEU B 8 29.99 -19.37 -20.50
N PHE B 9 30.34 -19.22 -19.21
CA PHE B 9 31.05 -18.02 -18.78
C PHE B 9 32.49 -17.98 -19.29
N LEU B 10 33.01 -19.07 -19.83
CA LEU B 10 34.36 -19.06 -20.38
C LEU B 10 34.45 -18.28 -21.68
N LYS B 11 33.33 -18.03 -22.35
CA LYS B 11 33.29 -17.24 -23.57
C LYS B 11 32.51 -15.95 -23.41
N VAL B 12 31.40 -15.97 -22.68
CA VAL B 12 30.61 -14.79 -22.41
C VAL B 12 31.03 -14.25 -21.04
N PRO B 13 31.45 -12.98 -20.93
CA PRO B 13 31.82 -12.45 -19.62
C PRO B 13 30.72 -12.65 -18.58
N ALA B 14 31.09 -12.62 -17.29
CA ALA B 14 30.14 -12.96 -16.25
C ALA B 14 28.95 -12.00 -16.25
N GLN B 15 29.22 -10.70 -16.38
CA GLN B 15 28.14 -9.71 -16.32
C GLN B 15 27.25 -9.75 -17.55
N ASN B 16 27.79 -10.10 -18.71
CA ASN B 16 26.98 -10.17 -19.92
C ASN B 16 26.01 -11.34 -19.89
N ALA B 17 26.17 -12.29 -18.98
CA ALA B 17 25.25 -13.41 -18.83
C ALA B 17 24.89 -13.64 -17.37
N ILE B 18 24.91 -12.57 -16.57
CA ILE B 18 24.63 -12.68 -15.15
C ILE B 18 23.19 -13.12 -14.89
N SER B 19 22.29 -12.89 -15.85
CA SER B 19 20.90 -13.29 -15.67
C SER B 19 20.77 -14.79 -15.41
N THR B 20 21.70 -15.58 -15.95
CA THR B 20 21.67 -17.03 -15.75
C THR B 20 21.91 -17.40 -14.29
N THR B 21 22.52 -16.53 -13.50
CA THR B 21 22.85 -16.82 -12.11
C THR B 21 21.78 -16.36 -11.13
N PHE B 22 20.56 -16.13 -11.61
CA PHE B 22 19.45 -15.66 -10.77
C PHE B 22 18.30 -16.66 -10.87
N PRO B 23 18.22 -17.62 -9.95
CA PRO B 23 17.13 -18.62 -10.00
C PRO B 23 15.80 -18.07 -9.52
N TYR B 24 15.28 -17.07 -10.25
CA TYR B 24 14.04 -16.40 -9.90
C TYR B 24 12.84 -16.98 -10.65
N THR B 25 12.92 -18.25 -11.04
CA THR B 25 11.80 -18.94 -11.68
C THR B 25 11.14 -19.95 -10.76
N GLY B 26 11.60 -20.08 -9.51
CA GLY B 26 11.04 -21.02 -8.56
C GLY B 26 10.47 -20.28 -7.36
N ASP B 27 9.84 -21.05 -6.48
CA ASP B 27 9.22 -20.46 -5.30
C ASP B 27 10.29 -19.89 -4.38
N PRO B 28 10.18 -18.64 -3.95
CA PRO B 28 11.17 -18.09 -3.03
C PRO B 28 10.99 -18.67 -1.64
N PRO B 29 12.05 -18.66 -0.81
CA PRO B 29 11.93 -19.23 0.54
C PRO B 29 10.91 -18.48 1.38
N TYR B 30 10.18 -19.24 2.19
CA TYR B 30 9.22 -18.68 3.13
C TYR B 30 9.46 -19.23 4.53
N SER B 31 9.16 -18.41 5.53
CA SER B 31 9.12 -18.87 6.90
C SER B 31 7.80 -19.57 7.18
N HIS B 32 7.84 -20.56 8.05
CA HIS B 32 6.68 -21.40 8.32
C HIS B 32 6.03 -21.12 9.68
N GLY B 33 6.82 -20.90 10.73
CA GLY B 33 6.28 -20.75 12.06
C GLY B 33 6.65 -19.45 12.74
N THR B 34 6.96 -19.52 14.03
CA THR B 34 7.22 -18.34 14.82
C THR B 34 8.52 -17.67 14.39
N GLY B 35 8.59 -16.36 14.62
CA GLY B 35 9.80 -15.60 14.42
C GLY B 35 10.46 -15.22 15.73
N THR B 36 10.01 -15.85 16.82
CA THR B 36 10.54 -15.52 18.14
C THR B 36 12.03 -15.85 18.23
N GLY B 37 12.44 -16.98 17.68
CA GLY B 37 13.85 -17.34 17.73
C GLY B 37 14.72 -16.30 17.07
N TYR B 38 14.32 -15.84 15.88
CA TYR B 38 15.08 -14.81 15.19
C TYR B 38 15.10 -13.51 15.97
N THR B 39 13.97 -13.13 16.58
CA THR B 39 13.93 -11.90 17.36
C THR B 39 14.90 -11.98 18.54
N MET B 40 14.87 -13.10 19.26
CA MET B 40 15.78 -13.26 20.39
C MET B 40 17.23 -13.26 19.93
N ASP B 41 17.53 -13.94 18.82
CA ASP B 41 18.89 -13.96 18.31
C ASP B 41 19.35 -12.56 17.94
N THR B 42 18.48 -11.79 17.28
CA THR B 42 18.85 -10.43 16.90
C THR B 42 19.09 -9.56 18.12
N VAL B 43 18.23 -9.69 19.14
CA VAL B 43 18.42 -8.89 20.35
C VAL B 43 19.75 -9.23 21.02
N ASN B 44 20.03 -10.52 21.17
CA ASN B 44 21.28 -10.93 21.80
C ASN B 44 22.49 -10.47 20.99
N ARG B 45 22.41 -10.60 19.67
CA ARG B 45 23.52 -10.20 18.82
C ARG B 45 23.76 -8.69 18.90
N THR B 46 22.68 -7.90 18.89
CA THR B 46 22.83 -6.46 19.03
C THR B 46 23.41 -6.09 20.39
N HIS B 47 23.04 -6.81 21.44
CA HIS B 47 23.56 -6.48 22.76
C HIS B 47 24.99 -6.95 22.97
N GLN B 48 25.44 -7.98 22.27
CA GLN B 48 26.80 -8.49 22.48
C GLN B 48 27.82 -7.83 21.55
N TYR B 49 27.38 -7.19 20.47
CA TYR B 49 28.28 -6.35 19.71
C TYR B 49 28.64 -5.07 20.44
N SER B 50 27.95 -4.76 21.53
CA SER B 50 28.19 -3.56 22.32
C SER B 50 28.40 -3.93 23.80
N GLU B 51 28.94 -5.13 24.04
CA GLU B 51 29.03 -5.63 25.41
C GLU B 51 29.90 -4.73 26.29
N LYS B 52 30.92 -4.10 25.72
CA LYS B 52 31.85 -3.32 26.50
C LYS B 52 31.33 -1.93 26.86
N GLY B 53 30.07 -1.62 26.55
CA GLY B 53 29.49 -0.36 26.95
C GLY B 53 29.24 -0.30 28.45
N ARG B 54 28.32 0.56 28.87
CA ARG B 54 27.97 0.69 30.28
C ARG B 54 26.48 0.45 30.47
N TRP B 55 26.13 -0.24 31.54
CA TRP B 55 24.76 -0.63 31.82
C TRP B 55 24.08 0.38 32.74
N THR B 56 22.79 0.59 32.51
CA THR B 56 21.98 1.45 33.37
C THR B 56 20.57 0.87 33.41
N THR B 57 19.77 1.38 34.34
CA THR B 57 18.37 0.98 34.46
C THR B 57 17.50 2.23 34.37
N ASN B 58 16.64 2.27 33.35
CA ASN B 58 15.77 3.43 33.18
C ASN B 58 14.84 3.58 34.37
N THR B 59 14.73 4.82 34.87
CA THR B 59 13.89 5.08 36.02
C THR B 59 12.41 5.07 35.68
N GLU B 60 12.06 5.25 34.41
CA GLU B 60 10.66 5.23 33.99
C GLU B 60 10.19 3.84 33.61
N THR B 61 10.86 3.21 32.65
CA THR B 61 10.48 1.88 32.20
C THR B 61 11.09 0.76 33.04
N GLY B 62 12.09 1.06 33.85
CA GLY B 62 12.70 0.04 34.68
C GLY B 62 13.43 -1.04 33.91
N ALA B 63 13.75 -0.80 32.64
CA ALA B 63 14.41 -1.80 31.82
C ALA B 63 15.91 -1.55 31.76
N PRO B 64 16.72 -2.61 31.65
CA PRO B 64 18.17 -2.42 31.52
C PRO B 64 18.53 -1.96 30.12
N GLN B 65 19.36 -0.92 30.05
CA GLN B 65 19.81 -0.34 28.79
C GLN B 65 21.33 -0.28 28.76
N LEU B 66 21.89 -0.50 27.57
CA LEU B 66 23.33 -0.57 27.37
C LEU B 66 23.75 0.59 26.48
N ASN B 67 24.65 1.43 26.99
CA ASN B 67 25.15 2.58 26.23
C ASN B 67 26.60 2.34 25.86
N PRO B 68 26.91 2.09 24.58
CA PRO B 68 28.32 1.86 24.20
C PRO B 68 29.00 3.11 23.68
N ILE B 69 28.24 4.19 23.50
CA ILE B 69 28.81 5.40 22.90
C ILE B 69 29.99 5.86 23.72
N ASP B 70 31.03 6.33 23.03
CA ASP B 70 32.29 6.74 23.65
C ASP B 70 32.94 5.60 24.44
N GLY B 71 32.62 4.36 24.09
CA GLY B 71 33.22 3.22 24.73
C GLY B 71 34.62 2.97 24.22
N PRO B 72 35.24 1.90 24.73
CA PRO B 72 36.61 1.59 24.31
C PRO B 72 36.69 1.36 22.80
N LEU B 73 37.77 1.85 22.20
CA LEU B 73 37.95 1.68 20.77
C LEU B 73 38.14 0.20 20.43
N PRO B 74 37.60 -0.24 19.30
CA PRO B 74 37.75 -1.66 18.94
C PRO B 74 39.21 -2.03 18.70
N GLU B 75 39.55 -3.26 19.08
CA GLU B 75 40.89 -3.80 18.86
C GLU B 75 40.88 -5.00 17.92
N ASP B 76 39.75 -5.28 17.27
CA ASP B 76 39.63 -6.37 16.33
C ASP B 76 38.68 -5.97 15.21
N ASN B 77 38.67 -6.76 14.15
CA ASN B 77 37.86 -6.46 12.97
C ASN B 77 36.42 -6.96 13.10
N GLU B 78 36.04 -7.48 14.26
CA GLU B 78 34.67 -7.92 14.46
C GLU B 78 33.73 -6.72 14.52
N PRO B 79 32.44 -6.92 14.27
CA PRO B 79 31.50 -5.81 14.33
C PRO B 79 31.50 -5.16 15.69
N SER B 80 31.38 -3.83 15.70
CA SER B 80 31.42 -3.07 16.95
C SER B 80 30.47 -1.88 16.83
N GLY B 81 29.72 -1.61 17.90
CA GLY B 81 28.80 -0.50 17.92
C GLY B 81 29.29 0.64 18.81
N TYR B 82 30.60 0.71 19.05
CA TYR B 82 31.16 1.72 19.93
C TYR B 82 31.49 2.98 19.12
N ALA B 83 30.43 3.68 18.74
CA ALA B 83 30.58 4.94 18.03
C ALA B 83 31.01 6.04 18.99
N GLN B 84 31.83 6.96 18.50
CA GLN B 84 32.36 8.05 19.30
C GLN B 84 31.61 9.33 18.96
N THR B 85 31.09 10.00 19.99
CA THR B 85 30.26 11.18 19.78
C THR B 85 31.04 12.28 19.06
N ASP B 86 32.27 12.55 19.53
CA ASP B 86 33.05 13.64 18.95
C ASP B 86 33.36 13.37 17.48
N CYS B 87 33.71 12.13 17.15
CA CYS B 87 34.04 11.81 15.76
C CYS B 87 32.86 12.04 14.84
N VAL B 88 31.67 11.61 15.25
CA VAL B 88 30.49 11.76 14.39
C VAL B 88 30.08 13.23 14.31
N LEU B 89 30.19 13.97 15.41
CA LEU B 89 29.92 15.40 15.35
C LEU B 89 30.87 16.09 14.39
N GLU B 90 32.15 15.71 14.42
CA GLU B 90 33.12 16.28 13.49
C GLU B 90 32.81 15.90 12.05
N ALA B 91 32.37 14.66 11.83
CA ALA B 91 31.99 14.25 10.48
C ALA B 91 30.82 15.07 9.97
N MET B 92 29.82 15.29 10.81
CA MET B 92 28.69 16.13 10.42
C MET B 92 29.12 17.56 10.18
N ALA B 93 30.05 18.07 10.99
CA ALA B 93 30.55 19.43 10.78
C ALA B 93 31.26 19.55 9.44
N PHE B 94 32.08 18.57 9.08
CA PHE B 94 32.74 18.59 7.78
C PHE B 94 31.72 18.46 6.65
N LEU B 95 30.69 17.64 6.85
CA LEU B 95 29.62 17.55 5.85
C LEU B 95 28.97 18.92 5.63
N GLU B 96 28.71 19.64 6.73
CA GLU B 96 28.13 20.98 6.61
C GLU B 96 29.10 21.93 5.90
N GLU B 97 30.39 21.85 6.26
CA GLU B 97 31.37 22.75 5.65
C GLU B 97 31.47 22.54 4.15
N SER B 98 31.49 21.27 3.71
CA SER B 98 31.54 20.98 2.28
C SER B 98 30.25 21.34 1.57
N HIS B 99 29.13 21.43 2.30
CA HIS B 99 27.84 21.80 1.74
C HIS B 99 27.19 22.85 2.62
N PRO B 100 27.70 24.08 2.58
CA PRO B 100 27.16 25.13 3.45
C PRO B 100 25.67 25.37 3.18
N GLY B 101 24.94 25.65 4.25
CA GLY B 101 23.52 25.94 4.15
C GLY B 101 22.62 24.74 4.02
N ILE B 102 23.18 23.53 4.05
CA ILE B 102 22.36 22.32 3.87
C ILE B 102 21.41 22.16 5.05
N PHE B 103 21.96 22.18 6.27
CA PHE B 103 21.14 21.89 7.44
C PHE B 103 20.10 22.99 7.67
N GLU B 104 20.49 24.25 7.55
CA GLU B 104 19.55 25.33 7.80
C GLU B 104 18.38 25.27 6.82
N ASN B 105 18.67 25.12 5.53
CA ASN B 105 17.59 25.03 4.56
C ASN B 105 16.70 23.83 4.87
N SER B 106 17.29 22.64 4.96
CA SER B 106 16.49 21.44 5.17
C SER B 106 15.61 21.59 6.40
N CYS B 107 16.15 22.19 7.47
CA CYS B 107 15.34 22.45 8.65
C CYS B 107 14.20 23.42 8.36
N LEU B 108 14.44 24.41 7.50
CA LEU B 108 13.37 25.35 7.17
C LEU B 108 12.21 24.65 6.48
N GLU B 109 12.50 23.88 5.43
CA GLU B 109 11.40 23.16 4.76
C GLU B 109 10.75 22.15 5.71
N THR B 110 11.55 21.47 6.53
CA THR B 110 10.97 20.52 7.47
C THR B 110 10.05 21.23 8.46
N MET B 111 10.45 22.41 8.92
CA MET B 111 9.61 23.18 9.84
C MET B 111 8.30 23.56 9.18
N GLU B 112 8.36 24.01 7.92
CA GLU B 112 7.14 24.30 7.18
C GLU B 112 6.22 23.08 7.15
N VAL B 113 6.78 21.94 6.76
CA VAL B 113 5.96 20.73 6.61
C VAL B 113 5.38 20.31 7.95
N VAL B 114 6.19 20.33 9.01
CA VAL B 114 5.71 19.89 10.32
C VAL B 114 4.58 20.79 10.81
N GLN B 115 4.71 22.10 10.61
CA GLN B 115 3.67 22.98 11.11
C GLN B 115 2.47 23.07 10.19
N GLN B 116 2.53 22.51 8.97
CA GLN B 116 1.36 22.44 8.12
C GLN B 116 0.89 21.01 7.87
N THR B 117 1.56 20.00 8.43
CA THR B 117 1.14 18.63 8.23
C THR B 117 -0.16 18.34 8.99
N ARG B 118 -0.90 17.36 8.49
CA ARG B 118 -2.18 16.96 9.07
C ARG B 118 -2.07 15.56 9.67
N VAL B 119 -3.08 15.20 10.45
CA VAL B 119 -3.10 13.88 11.09
C VAL B 119 -3.31 12.78 10.05
N ASP B 120 -4.15 13.04 9.05
CA ASP B 120 -4.51 11.99 8.09
C ASP B 120 -3.31 11.42 7.36
N LYS B 121 -2.19 12.16 7.32
CA LYS B 121 -0.99 11.64 6.68
C LYS B 121 -0.51 10.34 7.31
N LEU B 122 -0.88 10.08 8.57
CA LEU B 122 -0.49 8.83 9.21
C LEU B 122 -1.27 7.63 8.70
N THR B 123 -2.43 7.87 8.07
CA THR B 123 -3.21 6.75 7.54
C THR B 123 -2.55 6.15 6.30
N GLN B 124 -1.71 6.92 5.61
CA GLN B 124 -1.04 6.44 4.40
C GLN B 124 0.20 5.61 4.77
N GLY B 125 -0.06 4.49 5.45
CA GLY B 125 1.00 3.59 5.86
C GLY B 125 0.50 2.18 5.96
N ARG B 126 1.43 1.24 5.86
CA ARG B 126 1.10 -0.19 5.94
C ARG B 126 0.98 -0.61 7.39
N GLN B 127 0.93 -1.92 7.64
CA GLN B 127 0.64 -2.44 8.97
C GLN B 127 1.43 -1.70 10.04
N THR B 128 0.75 -1.40 11.15
CA THR B 128 1.37 -0.78 12.31
C THR B 128 0.89 -1.51 13.56
N TYR B 129 1.73 -1.50 14.60
CA TYR B 129 1.44 -2.23 15.82
C TYR B 129 0.49 -1.41 16.69
N ASP B 130 -0.79 -1.77 16.68
CA ASP B 130 -1.76 -1.16 17.57
C ASP B 130 -1.56 -1.72 18.98
N TRP B 131 -1.33 -0.83 19.93
CA TRP B 131 -1.18 -1.20 21.33
C TRP B 131 -2.51 -1.37 22.06
N THR B 132 -3.59 -0.83 21.50
CA THR B 132 -4.89 -1.03 22.11
C THR B 132 -5.28 -2.50 22.11
N LEU B 133 -4.82 -3.25 21.11
CA LEU B 133 -5.09 -4.68 21.01
C LEU B 133 -3.83 -5.51 21.04
N ASN B 134 -2.65 -4.89 21.10
CA ASN B 134 -1.38 -5.61 21.09
C ASN B 134 -1.24 -6.48 19.86
N ARG B 135 -1.45 -5.88 18.69
CA ARG B 135 -1.34 -6.65 17.46
C ARG B 135 -1.20 -5.70 16.27
N ASN B 136 -0.72 -6.25 15.16
CA ASN B 136 -0.57 -5.47 13.94
C ASN B 136 -1.91 -5.27 13.26
N GLN B 137 -2.20 -4.03 12.89
CA GLN B 137 -3.44 -3.69 12.21
C GLN B 137 -3.14 -2.60 11.19
N PRO B 138 -4.03 -2.38 10.24
CA PRO B 138 -3.80 -1.32 9.24
C PRO B 138 -3.61 0.03 9.92
N ALA B 139 -2.79 0.88 9.30
CA ALA B 139 -2.43 2.15 9.92
C ALA B 139 -3.66 2.96 10.31
N ALA B 140 -4.65 3.02 9.40
CA ALA B 140 -5.85 3.80 9.69
C ALA B 140 -6.59 3.26 10.91
N THR B 141 -6.72 1.93 11.00
CA THR B 141 -7.43 1.33 12.12
C THR B 141 -6.73 1.62 13.45
N ALA B 142 -5.41 1.46 13.47
CA ALA B 142 -4.65 1.72 14.69
C ALA B 142 -4.76 3.19 15.08
N LEU B 143 -4.65 4.10 14.11
CA LEU B 143 -4.77 5.52 14.40
C LEU B 143 -6.14 5.83 14.98
N ALA B 144 -7.20 5.26 14.39
CA ALA B 144 -8.54 5.52 14.89
C ALA B 144 -8.70 5.00 16.31
N ASN B 145 -8.20 3.80 16.58
CA ASN B 145 -8.32 3.24 17.93
C ASN B 145 -7.57 4.10 18.95
N THR B 146 -6.35 4.53 18.61
CA THR B 146 -5.58 5.36 19.53
C THR B 146 -6.28 6.70 19.77
N ILE B 147 -6.83 7.30 18.71
CA ILE B 147 -7.54 8.56 18.87
C ILE B 147 -8.76 8.37 19.77
N GLU B 148 -9.49 7.27 19.58
CA GLU B 148 -10.65 7.01 20.41
C GLU B 148 -10.26 6.86 21.87
N VAL B 149 -9.18 6.12 22.13
CA VAL B 149 -8.73 5.92 23.51
C VAL B 149 -8.29 7.25 24.12
N PHE B 150 -7.56 8.05 23.36
CA PHE B 150 -7.11 9.36 23.87
C PHE B 150 -8.31 10.24 24.21
N ARG B 151 -9.29 10.30 23.31
CA ARG B 151 -10.47 11.11 23.58
C ARG B 151 -11.24 10.60 24.79
N SER B 152 -11.32 9.28 24.95
CA SER B 152 -11.97 8.73 26.14
C SER B 152 -11.19 9.04 27.41
N ASN B 153 -9.88 9.20 27.33
CA ASN B 153 -9.06 9.51 28.50
C ASN B 153 -8.96 11.00 28.78
N GLY B 154 -9.37 11.85 27.86
CA GLY B 154 -9.35 13.29 28.06
C GLY B 154 -8.34 14.04 27.21
N LEU B 155 -7.62 13.38 26.30
CA LEU B 155 -6.65 14.04 25.43
C LEU B 155 -7.32 14.29 24.09
N THR B 156 -7.82 15.51 23.90
CA THR B 156 -8.61 15.87 22.74
C THR B 156 -7.99 17.02 21.95
N ALA B 157 -6.69 17.26 22.14
CA ALA B 157 -6.03 18.29 21.34
C ALA B 157 -5.93 17.87 19.86
N ASN B 158 -5.91 16.56 19.60
CA ASN B 158 -5.85 16.08 18.23
C ASN B 158 -7.08 16.50 17.43
N GLU B 159 -8.15 16.92 18.12
CA GLU B 159 -9.32 17.42 17.41
C GLU B 159 -8.98 18.68 16.59
N SER B 160 -7.85 19.32 16.88
CA SER B 160 -7.40 20.43 16.04
C SER B 160 -7.05 19.97 14.63
N GLY B 161 -6.91 18.66 14.41
CA GLY B 161 -6.63 18.16 13.08
C GLY B 161 -5.20 18.33 12.63
N ARG B 162 -4.28 18.58 13.57
CA ARG B 162 -2.88 18.80 13.26
C ARG B 162 -2.04 17.67 13.84
N LEU B 163 -1.10 17.17 13.05
CA LEU B 163 -0.22 16.10 13.52
C LEU B 163 0.63 16.56 14.69
N ILE B 164 1.05 17.82 14.70
CA ILE B 164 1.82 18.35 15.83
C ILE B 164 0.98 18.29 17.10
N ASP B 165 -0.31 18.64 17.01
CA ASP B 165 -1.18 18.53 18.17
C ASP B 165 -1.37 17.08 18.60
N PHE B 166 -1.45 16.16 17.63
CA PHE B 166 -1.55 14.75 17.98
C PHE B 166 -0.32 14.29 18.75
N LEU B 167 0.87 14.75 18.33
CA LEU B 167 2.08 14.40 19.06
C LEU B 167 2.11 15.05 20.43
N LYS B 168 1.59 16.28 20.55
CA LYS B 168 1.49 16.92 21.86
C LYS B 168 0.63 16.07 22.79
N ASP B 169 -0.52 15.60 22.29
CA ASP B 169 -1.37 14.71 23.08
C ASP B 169 -0.64 13.42 23.43
N VAL B 170 0.10 12.87 22.47
CA VAL B 170 0.83 11.63 22.72
C VAL B 170 1.80 11.81 23.87
N MET B 171 2.59 12.90 23.84
CA MET B 171 3.53 13.15 24.92
C MET B 171 2.81 13.39 26.24
N GLU B 172 1.71 14.16 26.21
CA GLU B 172 0.96 14.40 27.44
C GLU B 172 0.44 13.09 28.02
N SER B 173 0.13 12.11 27.19
CA SER B 173 -0.32 10.82 27.68
C SER B 173 0.75 10.13 28.51
N MET B 174 2.02 10.44 28.25
CA MET B 174 3.12 9.80 28.97
C MET B 174 3.10 10.15 30.45
N ASP B 175 2.50 11.28 30.84
CA ASP B 175 2.51 11.76 32.21
C ASP B 175 1.20 11.50 32.94
N LYS B 176 0.40 10.55 32.44
CA LYS B 176 -0.89 10.25 33.05
C LYS B 176 -0.74 9.08 34.02
N GLU B 177 -1.50 9.14 35.12
CA GLU B 177 -1.40 8.11 36.15
C GLU B 177 -2.07 6.82 35.73
N GLU B 178 -3.17 6.89 34.98
CA GLU B 178 -3.97 5.70 34.69
C GLU B 178 -4.76 5.95 33.41
N MET B 179 -4.49 5.18 32.37
CA MET B 179 -5.28 5.21 31.15
C MET B 179 -6.22 4.00 31.12
N GLU B 180 -7.17 4.02 30.19
CA GLU B 180 -8.15 2.96 30.06
C GLU B 180 -8.24 2.49 28.62
N ILE B 181 -8.30 1.17 28.43
CA ILE B 181 -8.39 0.55 27.13
C ILE B 181 -9.59 -0.40 27.13
N THR B 182 -9.98 -0.81 25.92
CA THR B 182 -11.12 -1.69 25.71
C THR B 182 -10.65 -3.03 25.15
N THR B 183 -11.23 -4.12 25.65
CA THR B 183 -10.91 -5.45 25.14
C THR B 183 -12.19 -6.26 24.96
N HIS B 184 -12.25 -7.04 23.89
CA HIS B 184 -13.38 -7.90 23.61
C HIS B 184 -12.97 -9.36 23.76
N PHE B 185 -13.90 -10.16 24.31
CA PHE B 185 -13.66 -11.58 24.51
C PHE B 185 -14.97 -12.36 24.43
N LYS B 207 -17.83 -6.04 26.23
CA LYS B 207 -16.49 -5.45 26.25
C LYS B 207 -16.07 -5.12 27.68
N LYS B 208 -14.76 -5.22 27.93
CA LYS B 208 -14.19 -5.01 29.25
C LYS B 208 -13.27 -3.79 29.20
N LYS B 209 -13.42 -2.90 30.17
CA LYS B 209 -12.56 -1.74 30.33
C LYS B 209 -11.42 -2.10 31.29
N GLN B 210 -10.18 -1.99 30.82
CA GLN B 210 -9.02 -2.32 31.61
C GLN B 210 -8.18 -1.06 31.83
N ARG B 211 -7.54 -0.98 32.99
CA ARG B 211 -6.75 0.18 33.38
C ARG B 211 -5.27 -0.13 33.27
N LEU B 212 -4.54 0.75 32.60
CA LEU B 212 -3.11 0.65 32.41
C LEU B 212 -2.43 1.74 33.23
N ASN B 213 -1.49 1.34 34.07
CA ASN B 213 -0.74 2.29 34.88
C ASN B 213 0.29 3.01 34.01
N LYS B 214 1.10 3.86 34.64
CA LYS B 214 2.05 4.67 33.89
C LYS B 214 3.09 3.79 33.20
N ARG B 215 3.74 2.90 33.95
CA ARG B 215 4.84 2.12 33.38
C ARG B 215 4.36 1.19 32.28
N SER B 216 3.20 0.55 32.48
CA SER B 216 2.68 -0.37 31.48
C SER B 216 2.39 0.36 30.18
N TYR B 217 1.78 1.55 30.27
CA TYR B 217 1.51 2.32 29.06
C TYR B 217 2.80 2.81 28.42
N LEU B 218 3.79 3.20 29.22
CA LEU B 218 5.08 3.59 28.66
C LEU B 218 5.67 2.46 27.83
N ILE B 219 5.69 1.25 28.40
CA ILE B 219 6.25 0.11 27.67
C ILE B 219 5.40 -0.24 26.44
N ARG B 220 4.08 -0.08 26.53
CA ARG B 220 3.23 -0.36 25.38
C ARG B 220 3.42 0.66 24.27
N ALA B 221 3.80 1.89 24.62
CA ALA B 221 4.06 2.92 23.62
C ALA B 221 5.47 2.86 23.07
N LEU B 222 6.40 2.28 23.82
CA LEU B 222 7.79 2.17 23.39
C LEU B 222 8.13 0.83 22.76
N THR B 223 7.16 -0.04 22.56
CA THR B 223 7.43 -1.40 22.11
C THR B 223 7.27 -1.52 20.60
N LEU B 224 7.89 -2.58 20.05
CA LEU B 224 7.84 -2.90 18.63
C LEU B 224 7.33 -4.33 18.47
N ASN B 225 6.65 -4.58 17.35
CA ASN B 225 6.17 -5.92 17.04
C ASN B 225 7.09 -6.58 16.03
N THR B 226 7.51 -7.81 16.31
CA THR B 226 8.48 -8.52 15.49
C THR B 226 7.80 -9.61 14.68
N MET B 227 8.16 -9.70 13.41
CA MET B 227 7.65 -10.73 12.51
C MET B 227 8.81 -11.27 11.70
N THR B 228 8.53 -12.32 10.92
CA THR B 228 9.52 -12.95 10.06
C THR B 228 9.29 -12.51 8.62
N LYS B 229 10.36 -12.12 7.93
CA LYS B 229 10.26 -11.63 6.57
C LYS B 229 10.23 -12.81 5.61
N ASP B 230 9.19 -12.87 4.79
CA ASP B 230 9.01 -13.92 3.79
C ASP B 230 9.28 -13.36 2.40
N ALA B 231 9.40 -14.27 1.43
CA ALA B 231 9.66 -13.91 0.03
C ALA B 231 10.96 -13.11 -0.08
N GLU B 232 11.97 -13.53 0.66
CA GLU B 232 13.28 -12.88 0.66
C GLU B 232 14.25 -13.79 -0.08
N ARG B 233 14.65 -13.38 -1.28
CA ARG B 233 15.51 -14.17 -2.14
C ARG B 233 16.96 -13.71 -2.00
N GLY B 234 17.87 -14.67 -1.83
CA GLY B 234 19.28 -14.36 -1.84
C GLY B 234 20.02 -14.73 -0.57
N LYS B 235 19.43 -15.58 0.27
CA LYS B 235 20.10 -16.00 1.49
C LYS B 235 19.43 -17.26 2.01
N LEU B 236 20.24 -18.10 2.65
CA LEU B 236 19.77 -19.38 3.15
C LEU B 236 18.95 -19.24 4.43
N LYS B 237 19.28 -18.28 5.28
CA LYS B 237 18.66 -18.12 6.58
C LYS B 237 17.60 -17.03 6.54
N ARG B 238 16.57 -17.18 7.37
CA ARG B 238 15.52 -16.19 7.51
C ARG B 238 15.93 -15.12 8.50
N ARG B 239 15.31 -13.95 8.35
CA ARG B 239 15.57 -12.80 9.22
C ARG B 239 14.28 -12.33 9.86
N ALA B 240 14.42 -11.40 10.81
CA ALA B 240 13.29 -10.82 11.51
C ALA B 240 13.21 -9.33 11.20
N ILE B 241 11.98 -8.81 11.16
CA ILE B 241 11.73 -7.41 10.91
C ILE B 241 10.78 -6.90 11.98
N ALA B 242 10.71 -5.58 12.11
CA ALA B 242 9.97 -4.95 13.19
C ALA B 242 9.02 -3.90 12.64
N THR B 243 7.95 -3.66 13.40
CA THR B 243 6.94 -2.68 13.08
C THR B 243 6.65 -1.86 14.34
N PRO B 244 6.78 -0.54 14.29
CA PRO B 244 6.53 0.28 15.48
C PRO B 244 5.06 0.60 15.66
N GLY B 245 4.78 1.28 16.78
CA GLY B 245 3.42 1.67 17.11
C GLY B 245 3.01 2.94 16.40
N MET B 246 1.92 3.53 16.89
CA MET B 246 1.38 4.75 16.30
C MET B 246 1.80 6.01 17.04
N GLN B 247 2.19 5.90 18.31
CA GLN B 247 2.63 7.08 19.04
C GLN B 247 3.93 7.63 18.49
N ILE B 248 4.79 6.76 17.95
CA ILE B 248 6.12 7.16 17.52
C ILE B 248 6.23 7.37 16.02
N ARG B 249 5.18 7.08 15.25
CA ARG B 249 5.29 7.19 13.80
C ARG B 249 5.26 8.63 13.31
N GLY B 250 4.63 9.55 14.03
CA GLY B 250 4.66 10.95 13.60
C GLY B 250 6.05 11.56 13.71
N PHE B 251 6.73 11.30 14.82
CA PHE B 251 8.10 11.78 14.97
C PHE B 251 9.00 11.16 13.91
N VAL B 252 8.81 9.86 13.64
CA VAL B 252 9.58 9.19 12.59
C VAL B 252 9.31 9.84 11.25
N TYR B 253 8.04 10.17 10.97
CA TYR B 253 7.71 10.83 9.72
C TYR B 253 8.43 12.16 9.58
N PHE B 254 8.42 12.97 10.63
CA PHE B 254 9.10 14.26 10.57
C PHE B 254 10.60 14.09 10.40
N VAL B 255 11.20 13.16 11.14
CA VAL B 255 12.65 12.95 11.06
C VAL B 255 13.03 12.48 9.66
N GLU B 256 12.24 11.56 9.09
CA GLU B 256 12.53 11.08 7.75
C GLU B 256 12.29 12.16 6.71
N THR B 257 11.33 13.05 6.93
CA THR B 257 11.16 14.19 6.03
C THR B 257 12.41 15.05 6.03
N LEU B 258 12.95 15.34 7.22
CA LEU B 258 14.18 16.12 7.29
C LEU B 258 15.32 15.40 6.60
N ALA B 259 15.47 14.09 6.86
CA ALA B 259 16.57 13.34 6.27
C ALA B 259 16.44 13.27 4.76
N ARG B 260 15.23 13.12 4.24
CA ARG B 260 15.04 13.11 2.79
C ARG B 260 15.38 14.47 2.20
N SER B 261 14.93 15.55 2.84
CA SER B 261 15.28 16.88 2.34
C SER B 261 16.79 17.09 2.34
N ILE B 262 17.48 16.52 3.32
CA ILE B 262 18.94 16.65 3.38
C ILE B 262 19.59 15.84 2.25
N CYS B 263 19.20 14.56 2.14
CA CYS B 263 19.83 13.69 1.15
C CYS B 263 19.57 14.16 -0.27
N GLU B 264 18.41 14.78 -0.52
CA GLU B 264 18.14 15.32 -1.85
C GLU B 264 19.17 16.36 -2.26
N LYS B 265 19.86 16.97 -1.30
CA LYS B 265 20.91 17.93 -1.59
C LYS B 265 22.29 17.29 -1.66
N LEU B 266 22.39 15.98 -1.47
CA LEU B 266 23.65 15.26 -1.52
C LEU B 266 23.65 14.36 -2.73
N GLU B 267 24.63 14.56 -3.62
CA GLU B 267 24.76 13.72 -4.81
C GLU B 267 25.38 12.36 -4.50
N GLN B 268 26.02 12.20 -3.35
CA GLN B 268 26.62 10.92 -2.99
C GLN B 268 25.60 9.94 -2.43
N SER B 269 24.40 10.39 -2.11
CA SER B 269 23.34 9.51 -1.62
C SER B 269 22.54 8.97 -2.79
N GLY B 270 21.98 7.77 -2.60
CA GLY B 270 21.21 7.12 -3.64
C GLY B 270 19.96 6.45 -3.12
N LEU B 271 19.59 6.74 -1.88
CA LEU B 271 18.44 6.11 -1.25
C LEU B 271 17.13 6.76 -1.67
N PRO B 272 17.02 8.09 -1.70
CA PRO B 272 15.74 8.73 -2.06
C PRO B 272 15.46 8.80 -3.54
N VAL B 273 16.22 8.09 -4.38
CA VAL B 273 16.01 8.11 -5.82
C VAL B 273 15.60 6.71 -6.29
N GLY B 274 15.32 6.58 -7.58
CA GLY B 274 14.96 5.30 -8.17
C GLY B 274 16.19 4.53 -8.62
N GLY B 275 15.94 3.52 -9.45
CA GLY B 275 17.04 2.70 -9.94
C GLY B 275 17.83 3.36 -11.05
N ASN B 276 17.14 3.93 -12.03
CA ASN B 276 17.84 4.55 -13.15
C ASN B 276 18.67 5.75 -12.68
N GLU B 277 18.14 6.53 -11.75
CA GLU B 277 18.92 7.62 -11.18
C GLU B 277 20.15 7.08 -10.46
N LYS B 278 19.99 5.95 -9.76
CA LYS B 278 21.12 5.31 -9.10
C LYS B 278 22.20 4.96 -10.11
N LYS B 279 21.80 4.35 -11.24
CA LYS B 279 22.76 3.98 -12.27
C LYS B 279 23.44 5.21 -12.85
N ALA B 280 22.67 6.27 -13.10
CA ALA B 280 23.25 7.49 -13.66
C ALA B 280 24.29 8.09 -12.72
N LYS B 281 23.97 8.15 -11.42
CA LYS B 281 24.91 8.70 -10.45
C LYS B 281 26.15 7.82 -10.32
N LEU B 282 25.97 6.50 -10.37
CA LEU B 282 27.13 5.61 -10.31
C LEU B 282 28.05 5.83 -11.50
N ALA B 283 27.46 5.93 -12.70
CA ALA B 283 28.27 6.18 -13.89
C ALA B 283 28.99 7.52 -13.77
N ASN B 284 28.29 8.55 -13.32
CA ASN B 284 28.91 9.86 -13.18
C ASN B 284 30.08 9.83 -12.20
N VAL B 285 29.90 9.15 -11.06
CA VAL B 285 30.96 9.15 -10.05
C VAL B 285 32.16 8.35 -10.55
N VAL B 286 31.93 7.21 -11.20
CA VAL B 286 33.06 6.43 -11.69
C VAL B 286 33.82 7.21 -12.76
N ARG B 287 33.10 7.87 -13.67
CA ARG B 287 33.77 8.65 -14.70
C ARG B 287 34.54 9.81 -14.07
N LYS B 288 33.96 10.47 -13.09
CA LYS B 288 34.65 11.58 -12.42
C LYS B 288 35.93 11.10 -11.75
N MET B 289 35.85 9.98 -11.05
CA MET B 289 37.02 9.51 -10.30
C MET B 289 38.12 9.02 -11.24
N MET B 290 37.75 8.22 -12.24
CA MET B 290 38.78 7.66 -13.12
C MET B 290 39.31 8.72 -14.10
N THR B 291 38.42 9.53 -14.67
CA THR B 291 38.85 10.50 -15.67
C THR B 291 39.80 11.53 -15.08
N ASN B 292 39.45 12.07 -13.90
CA ASN B 292 40.32 13.06 -13.27
C ASN B 292 41.66 12.45 -12.88
N SER B 293 41.68 11.15 -12.60
CA SER B 293 42.92 10.47 -12.27
C SER B 293 43.84 10.44 -13.50
N GLN B 294 45.09 10.88 -13.31
CA GLN B 294 46.05 10.89 -14.40
C GLN B 294 46.68 9.50 -14.54
N ASP B 295 47.65 9.39 -15.45
CA ASP B 295 48.31 8.11 -15.69
C ASP B 295 49.03 7.62 -14.45
N THR B 296 49.51 8.53 -13.59
CA THR B 296 50.30 8.12 -12.45
C THR B 296 49.42 7.55 -11.34
N GLU B 297 48.20 8.05 -11.19
CA GLU B 297 47.31 7.59 -10.13
C GLU B 297 46.59 6.32 -10.55
N LEU B 298 46.62 5.32 -9.68
CA LEU B 298 45.84 4.11 -9.84
C LEU B 298 44.48 4.26 -9.17
N SER B 299 43.50 3.53 -9.70
CA SER B 299 42.12 3.60 -9.24
C SER B 299 41.62 2.20 -8.93
N PHE B 300 40.88 2.07 -7.83
CA PHE B 300 40.34 0.78 -7.43
C PHE B 300 38.92 0.97 -6.90
N THR B 301 38.03 0.05 -7.29
CA THR B 301 36.65 0.05 -6.85
C THR B 301 36.43 -1.09 -5.85
N ILE B 302 35.82 -0.73 -4.72
CA ILE B 302 35.44 -1.68 -3.68
C ILE B 302 33.92 -1.82 -3.73
N THR B 303 33.45 -3.06 -3.88
CA THR B 303 32.01 -3.36 -3.92
C THR B 303 31.60 -3.84 -2.53
N GLY B 304 31.37 -2.89 -1.64
CA GLY B 304 31.28 -3.17 -0.22
C GLY B 304 29.85 -3.36 0.26
N ASP B 305 29.68 -4.33 1.15
CA ASP B 305 28.45 -4.54 1.90
C ASP B 305 28.78 -4.45 3.38
N ASN B 306 27.85 -3.88 4.14
CA ASN B 306 28.05 -3.66 5.57
C ASN B 306 27.37 -4.77 6.36
N THR B 307 28.14 -5.47 7.18
CA THR B 307 27.62 -6.55 8.00
C THR B 307 26.94 -5.97 9.24
N LYS B 308 25.72 -6.44 9.52
CA LYS B 308 24.97 -6.02 10.69
C LYS B 308 24.83 -4.50 10.72
N TRP B 309 24.30 -3.96 9.62
CA TRP B 309 24.18 -2.52 9.47
C TRP B 309 23.25 -1.93 10.52
N ASN B 310 22.05 -2.50 10.66
CA ASN B 310 21.06 -1.91 11.56
C ASN B 310 21.39 -2.19 13.03
N GLU B 311 22.00 -3.33 13.32
CA GLU B 311 22.25 -3.70 14.71
C GLU B 311 23.34 -2.85 15.37
N ASN B 312 24.14 -2.14 14.57
CA ASN B 312 25.27 -1.38 15.09
C ASN B 312 25.05 0.13 15.04
N GLN B 313 23.84 0.58 14.71
CA GLN B 313 23.53 2.01 14.65
C GLN B 313 22.75 2.40 15.90
N ASN B 314 23.39 3.15 16.77
CA ASN B 314 22.80 3.49 18.06
C ASN B 314 21.89 4.71 17.91
N PRO B 315 20.64 4.65 18.40
CA PRO B 315 19.76 5.81 18.27
C PRO B 315 20.29 7.07 18.94
N ARG B 316 21.08 6.94 20.01
CA ARG B 316 21.66 8.13 20.63
C ARG B 316 22.51 8.90 19.64
N MET B 317 23.19 8.19 18.74
CA MET B 317 24.02 8.88 17.76
C MET B 317 23.16 9.63 16.75
N PHE B 318 22.02 9.05 16.37
CA PHE B 318 21.08 9.79 15.53
C PHE B 318 20.55 11.02 16.25
N LEU B 319 20.31 10.91 17.55
CA LEU B 319 19.93 12.09 18.32
C LEU B 319 21.01 13.17 18.24
N ALA B 320 22.27 12.77 18.39
CA ALA B 320 23.37 13.73 18.28
C ALA B 320 23.41 14.37 16.90
N MET B 321 23.26 13.56 15.85
CA MET B 321 23.29 14.10 14.50
C MET B 321 22.16 15.10 14.27
N ILE B 322 20.95 14.78 14.73
CA ILE B 322 19.84 15.69 14.49
C ILE B 322 19.98 16.97 15.33
N THR B 323 20.46 16.86 16.57
CA THR B 323 20.63 18.07 17.38
C THR B 323 21.75 18.94 16.84
N TYR B 324 22.75 18.36 16.18
CA TYR B 324 23.72 19.17 15.47
C TYR B 324 23.11 19.79 14.22
N ILE B 325 22.25 19.04 13.52
CA ILE B 325 21.62 19.56 12.32
C ILE B 325 20.70 20.73 12.66
N THR B 326 19.95 20.62 13.75
CA THR B 326 18.94 21.61 14.13
C THR B 326 19.50 22.70 15.04
N ARG B 327 20.81 22.96 14.98
CA ARG B 327 21.37 24.06 15.74
C ARG B 327 20.89 25.40 15.20
N ASN B 328 20.74 26.37 16.10
CA ASN B 328 20.28 27.71 15.73
C ASN B 328 18.92 27.65 15.03
N GLN B 329 18.01 26.88 15.62
CA GLN B 329 16.64 26.74 15.14
C GLN B 329 15.70 26.88 16.32
N PRO B 330 14.42 27.13 16.05
CA PRO B 330 13.46 27.26 17.15
C PRO B 330 13.47 26.03 18.04
N GLU B 331 13.40 26.25 19.35
CA GLU B 331 13.55 25.15 20.30
C GLU B 331 12.44 24.11 20.14
N TRP B 332 11.24 24.54 19.75
CA TRP B 332 10.15 23.57 19.57
C TRP B 332 10.45 22.62 18.43
N PHE B 333 11.04 23.14 17.34
CA PHE B 333 11.43 22.27 16.23
C PHE B 333 12.46 21.26 16.68
N ARG B 334 13.47 21.71 17.45
CA ARG B 334 14.48 20.78 17.95
C ARG B 334 13.85 19.72 18.83
N ASN B 335 12.93 20.11 19.70
CA ASN B 335 12.29 19.15 20.60
C ASN B 335 11.49 18.12 19.81
N VAL B 336 10.67 18.57 18.85
CA VAL B 336 9.82 17.64 18.12
C VAL B 336 10.65 16.70 17.27
N LEU B 337 11.77 17.18 16.70
CA LEU B 337 12.64 16.29 15.96
C LEU B 337 13.49 15.39 16.85
N SER B 338 13.71 15.77 18.10
CA SER B 338 14.50 14.97 19.02
C SER B 338 13.69 13.90 19.73
N ILE B 339 12.36 14.06 19.78
CA ILE B 339 11.54 13.10 20.50
C ILE B 339 11.73 11.68 19.94
N ALA B 340 11.85 11.57 18.61
CA ALA B 340 11.92 10.24 18.00
C ALA B 340 13.13 9.44 18.47
N PRO B 341 14.37 9.90 18.26
CA PRO B 341 15.50 9.11 18.76
C PRO B 341 15.48 8.90 20.26
N ILE B 342 14.87 9.81 21.02
CA ILE B 342 14.74 9.60 22.46
C ILE B 342 13.93 8.35 22.73
N MET B 343 12.85 8.14 21.97
CA MET B 343 12.03 6.94 22.15
C MET B 343 12.72 5.70 21.59
N PHE B 344 13.42 5.82 20.47
CA PHE B 344 14.16 4.66 19.96
C PHE B 344 15.25 4.22 20.92
N SER B 345 15.90 5.16 21.61
CA SER B 345 16.94 4.77 22.56
C SER B 345 16.38 3.92 23.69
N ASN B 346 15.09 4.08 24.00
CA ASN B 346 14.42 3.29 25.01
C ASN B 346 13.46 2.27 24.40
N LYS B 347 13.58 1.98 23.11
CA LYS B 347 12.63 1.12 22.44
C LYS B 347 12.66 -0.29 23.01
N MET B 348 11.50 -0.92 23.05
CA MET B 348 11.35 -2.32 23.41
C MET B 348 10.85 -3.09 22.21
N ALA B 349 11.13 -4.39 22.19
CA ALA B 349 10.73 -5.27 21.10
C ALA B 349 9.93 -6.43 21.66
N ARG B 350 8.75 -6.68 21.08
CA ARG B 350 8.00 -7.87 21.43
C ARG B 350 8.68 -9.10 20.84
N LEU B 351 8.80 -10.14 21.65
CA LEU B 351 9.58 -11.30 21.24
C LEU B 351 8.98 -11.94 19.99
N GLY B 352 7.65 -12.06 19.93
CA GLY B 352 7.02 -12.58 18.74
C GLY B 352 5.78 -13.41 18.99
N LYS B 353 5.43 -14.26 18.03
CA LYS B 353 4.22 -15.07 18.16
C LYS B 353 4.34 -16.04 19.33
N GLY B 354 5.49 -16.69 19.48
CA GLY B 354 5.69 -17.65 20.55
C GLY B 354 6.44 -18.87 20.07
N TYR B 355 6.15 -20.03 20.67
CA TYR B 355 6.80 -21.28 20.28
C TYR B 355 5.77 -22.41 20.31
N MET B 356 5.84 -23.28 19.31
CA MET B 356 4.95 -24.42 19.23
C MET B 356 5.71 -25.70 19.54
N PHE B 357 5.16 -26.50 20.44
CA PHE B 357 5.73 -27.76 20.89
C PHE B 357 4.90 -28.93 20.37
N GLU B 358 5.55 -30.07 20.17
CA GLU B 358 4.87 -31.29 19.75
C GLU B 358 5.29 -32.44 20.66
N SER B 359 4.32 -33.27 21.02
CA SER B 359 4.56 -34.48 21.80
C SER B 359 4.10 -35.66 20.96
N LYS B 360 5.07 -36.44 20.45
CA LYS B 360 4.73 -37.60 19.62
C LYS B 360 4.25 -38.77 20.44
N SER B 361 4.74 -38.92 21.68
CA SER B 361 4.28 -40.02 22.53
C SER B 361 2.79 -39.91 22.79
N MET B 362 2.31 -38.72 23.14
CA MET B 362 0.89 -38.47 23.32
C MET B 362 0.21 -37.92 22.07
N LYS B 363 0.98 -37.62 21.03
CA LYS B 363 0.43 -37.22 19.73
C LYS B 363 -0.44 -35.97 19.88
N LEU B 364 0.21 -34.86 20.26
CA LEU B 364 -0.49 -33.59 20.42
C LEU B 364 0.47 -32.46 20.13
N ARG B 365 -0.08 -31.26 19.99
CA ARG B 365 0.72 -30.06 19.79
C ARG B 365 0.17 -28.94 20.67
N THR B 366 1.03 -27.96 20.94
CA THR B 366 0.72 -26.86 21.83
C THR B 366 1.39 -25.60 21.32
N GLN B 367 0.82 -24.45 21.64
CA GLN B 367 1.35 -23.16 21.23
C GLN B 367 1.43 -22.26 22.46
N ILE B 368 2.65 -21.98 22.91
CA ILE B 368 2.88 -21.12 24.07
C ILE B 368 3.21 -19.71 23.57
N PRO B 369 2.57 -18.67 24.08
CA PRO B 369 2.92 -17.30 23.66
C PRO B 369 4.32 -16.92 24.12
N ALA B 370 4.90 -15.96 23.40
CA ALA B 370 6.26 -15.53 23.72
C ALA B 370 6.35 -14.89 25.10
N GLU B 371 5.25 -14.31 25.60
CA GLU B 371 5.29 -13.62 26.87
C GLU B 371 5.63 -14.56 28.02
N MET B 372 5.50 -15.87 27.83
CA MET B 372 5.84 -16.83 28.87
C MET B 372 7.33 -17.16 28.91
N LEU B 373 8.11 -16.67 27.95
CA LEU B 373 9.53 -16.98 27.91
C LEU B 373 10.26 -16.51 29.16
N ALA B 374 9.73 -15.49 29.85
CA ALA B 374 10.40 -14.98 31.04
C ALA B 374 10.35 -15.98 32.18
N SER B 375 9.23 -16.70 32.33
CA SER B 375 9.04 -17.59 33.46
C SER B 375 8.99 -19.07 33.09
N ILE B 376 8.69 -19.40 31.83
CA ILE B 376 8.57 -20.80 31.45
C ILE B 376 9.90 -21.52 31.66
N ASP B 377 9.82 -22.75 32.17
CA ASP B 377 11.01 -23.56 32.34
C ASP B 377 11.67 -23.81 31.00
N LEU B 378 12.95 -24.19 31.04
CA LEU B 378 13.75 -24.36 29.84
C LEU B 378 13.91 -25.82 29.43
N LYS B 379 13.10 -26.71 30.00
CA LYS B 379 13.18 -28.13 29.64
C LYS B 379 12.67 -28.42 28.25
N TYR B 380 11.77 -27.58 27.72
CA TYR B 380 11.17 -27.82 26.41
C TYR B 380 12.02 -27.34 25.25
N PHE B 381 13.02 -26.49 25.51
CA PHE B 381 13.77 -25.84 24.47
C PHE B 381 15.08 -26.58 24.18
N ASN B 382 15.50 -26.56 22.93
CA ASN B 382 16.76 -27.17 22.54
C ASN B 382 17.93 -26.35 23.09
N ASP B 383 19.14 -26.84 22.86
CA ASP B 383 20.33 -26.18 23.42
C ASP B 383 20.46 -24.76 22.91
N SER B 384 20.31 -24.56 21.59
CA SER B 384 20.47 -23.22 21.03
C SER B 384 19.42 -22.26 21.56
N THR B 385 18.14 -22.65 21.49
CA THR B 385 17.08 -21.79 22.01
C THR B 385 17.19 -21.65 23.52
N ARG B 386 17.59 -22.70 24.23
CA ARG B 386 17.78 -22.60 25.66
C ARG B 386 18.79 -21.51 25.99
N LYS B 387 19.94 -21.53 25.31
CA LYS B 387 20.96 -20.52 25.58
C LYS B 387 20.49 -19.13 25.17
N LYS B 388 19.78 -19.01 24.04
CA LYS B 388 19.28 -17.71 23.63
C LYS B 388 18.34 -17.13 24.69
N ILE B 389 17.43 -17.96 25.20
CA ILE B 389 16.50 -17.49 26.22
C ILE B 389 17.24 -17.13 27.50
N GLU B 390 18.22 -17.96 27.90
CA GLU B 390 18.99 -17.65 29.09
C GLU B 390 19.71 -16.32 28.96
N LYS B 391 20.22 -16.02 27.76
CA LYS B 391 20.95 -14.77 27.57
C LYS B 391 20.01 -13.57 27.46
N ILE B 392 18.81 -13.75 26.92
CA ILE B 392 17.90 -12.62 26.74
C ILE B 392 16.99 -12.37 27.93
N ARG B 393 16.87 -13.32 28.85
CA ARG B 393 15.95 -13.15 29.98
C ARG B 393 16.23 -11.89 30.79
N PRO B 394 17.48 -11.54 31.11
CA PRO B 394 17.72 -10.36 31.94
C PRO B 394 17.11 -9.09 31.38
N LEU B 395 16.93 -9.04 30.05
CA LEU B 395 16.38 -7.87 29.38
C LEU B 395 14.87 -7.94 29.23
N LEU B 396 14.22 -8.99 29.71
CA LEU B 396 12.78 -9.14 29.55
C LEU B 396 12.06 -8.29 30.60
N ILE B 397 11.19 -7.39 30.14
CA ILE B 397 10.37 -6.56 31.00
C ILE B 397 8.96 -6.58 30.46
N ASP B 398 8.05 -7.27 31.17
CA ASP B 398 6.65 -7.32 30.80
C ASP B 398 6.46 -7.95 29.41
N GLY B 399 7.14 -9.07 29.19
CA GLY B 399 6.97 -9.81 27.96
C GLY B 399 7.65 -9.22 26.75
N THR B 400 8.46 -8.18 26.92
CA THR B 400 9.18 -7.54 25.82
C THR B 400 10.61 -7.25 26.26
N ALA B 401 11.52 -7.29 25.30
CA ALA B 401 12.95 -7.15 25.57
C ALA B 401 13.42 -5.76 25.19
N SER B 402 14.20 -5.14 26.07
CA SER B 402 14.76 -3.83 25.79
C SER B 402 15.84 -3.95 24.70
N LEU B 403 15.76 -3.07 23.70
CA LEU B 403 16.67 -3.10 22.55
C LEU B 403 17.28 -1.72 22.34
N SER B 404 17.77 -1.13 23.43
CA SER B 404 18.38 0.19 23.33
C SER B 404 19.60 0.25 22.40
N PRO B 405 20.51 -0.72 22.40
CA PRO B 405 21.81 -0.48 21.75
C PRO B 405 21.73 -0.04 20.29
N GLY B 406 20.81 -0.57 19.50
CA GLY B 406 20.81 -0.24 18.08
C GLY B 406 19.46 -0.45 17.44
N MET B 407 19.35 0.07 16.22
CA MET B 407 18.11 -0.05 15.46
C MET B 407 17.83 -1.51 15.10
N MET B 408 16.55 -1.81 14.88
CA MET B 408 16.11 -3.18 14.61
C MET B 408 16.08 -3.47 13.12
N MET B 409 15.29 -2.72 12.35
CA MET B 409 15.21 -2.95 10.90
C MET B 409 14.97 -1.61 10.22
N GLY B 410 16.07 -0.98 9.81
CA GLY B 410 16.04 0.15 8.90
C GLY B 410 14.87 1.11 9.04
N MET B 411 14.51 1.47 10.27
CA MET B 411 13.50 2.52 10.43
C MET B 411 14.08 3.88 10.05
N PHE B 412 15.30 4.17 10.47
CA PHE B 412 16.01 5.37 10.03
C PHE B 412 16.96 5.02 8.88
N ASN B 413 16.34 4.71 7.73
CA ASN B 413 17.14 4.48 6.52
C ASN B 413 17.86 5.75 6.10
N MET B 414 17.13 6.87 6.09
CA MET B 414 17.67 8.09 5.49
C MET B 414 18.78 8.68 6.37
N LEU B 415 18.64 8.61 7.69
CA LEU B 415 19.71 9.10 8.57
C LEU B 415 20.95 8.22 8.46
N SER B 416 20.77 6.91 8.32
CA SER B 416 21.91 6.03 8.09
C SER B 416 22.60 6.38 6.78
N THR B 417 21.82 6.66 5.74
CA THR B 417 22.41 7.10 4.48
C THR B 417 23.15 8.42 4.65
N VAL B 418 22.63 9.32 5.49
CA VAL B 418 23.31 10.57 5.76
C VAL B 418 24.66 10.32 6.41
N LEU B 419 24.70 9.42 7.40
CA LEU B 419 25.96 9.10 8.05
C LEU B 419 26.96 8.51 7.06
N GLY B 420 26.49 7.58 6.22
CA GLY B 420 27.36 7.00 5.22
C GLY B 420 27.88 8.02 4.22
N VAL B 421 27.02 8.97 3.82
CA VAL B 421 27.46 10.02 2.91
C VAL B 421 28.47 10.92 3.59
N SER B 422 28.31 11.18 4.89
CA SER B 422 29.32 11.94 5.62
C SER B 422 30.66 11.22 5.59
N ILE B 423 30.64 9.90 5.81
CA ILE B 423 31.88 9.14 5.72
C ILE B 423 32.49 9.24 4.33
N LEU B 424 31.65 9.11 3.29
CA LEU B 424 32.16 9.17 1.93
C LEU B 424 32.78 10.54 1.65
N ASN B 425 32.13 11.61 2.09
CA ASN B 425 32.63 12.96 1.83
C ASN B 425 33.86 13.29 2.66
N LEU B 426 34.05 12.60 3.79
CA LEU B 426 35.20 12.87 4.64
C LEU B 426 36.53 12.52 3.97
N GLY B 427 36.52 12.03 2.73
CA GLY B 427 37.74 11.72 2.02
C GLY B 427 37.85 12.47 0.71
N GLN B 428 37.46 13.75 0.73
CA GLN B 428 37.46 14.58 -0.47
C GLN B 428 38.85 15.10 -0.86
N LYS B 429 39.90 14.57 -0.26
CA LYS B 429 41.30 14.97 -0.43
C LYS B 429 41.61 16.26 0.31
N ARG B 430 40.61 16.95 0.87
CA ARG B 430 40.86 18.10 1.73
C ARG B 430 40.99 17.70 3.19
N TYR B 431 40.36 16.59 3.58
CA TYR B 431 40.48 16.05 4.93
C TYR B 431 41.44 14.87 5.02
N THR B 432 41.70 14.19 3.90
CA THR B 432 42.64 13.07 3.92
C THR B 432 44.05 13.54 4.24
N LYS B 433 44.44 14.70 3.71
CA LYS B 433 45.78 15.25 3.92
C LYS B 433 46.86 14.29 3.41
N THR B 434 46.56 13.58 2.32
CA THR B 434 47.50 12.63 1.76
C THR B 434 47.19 12.46 0.27
N THR B 435 48.13 11.87 -0.45
CA THR B 435 47.97 11.70 -1.90
C THR B 435 46.71 10.91 -2.21
N TYR B 436 46.43 9.86 -1.45
CA TYR B 436 45.26 9.03 -1.72
C TYR B 436 43.99 9.79 -1.38
N TRP B 437 42.89 9.38 -2.02
CA TRP B 437 41.58 9.95 -1.75
C TRP B 437 40.54 8.95 -2.23
N TRP B 438 39.29 9.20 -1.85
CA TRP B 438 38.22 8.27 -2.20
C TRP B 438 36.91 9.03 -2.34
N ASP B 439 35.98 8.40 -3.06
CA ASP B 439 34.61 8.87 -3.18
C ASP B 439 33.74 7.64 -3.43
N GLY B 440 32.48 7.85 -3.76
CA GLY B 440 31.63 6.73 -4.13
C GLY B 440 30.18 7.03 -3.83
N LEU B 441 29.40 5.96 -3.72
CA LEU B 441 27.97 6.06 -3.50
C LEU B 441 27.55 5.11 -2.39
N GLN B 442 26.69 5.60 -1.50
CA GLN B 442 26.21 4.86 -0.35
C GLN B 442 24.69 4.76 -0.42
N SER B 443 24.16 3.55 -0.31
CA SER B 443 22.74 3.35 -0.06
C SER B 443 22.64 2.30 1.03
N SER B 444 21.92 2.61 2.10
CA SER B 444 22.04 1.90 3.38
C SER B 444 22.29 0.41 3.18
N ASP B 445 23.35 -0.10 3.83
CA ASP B 445 23.76 -1.50 3.85
C ASP B 445 24.55 -1.90 2.61
N ASP B 446 24.81 -0.97 1.69
CA ASP B 446 25.48 -1.26 0.44
C ASP B 446 26.22 -0.01 -0.01
N PHE B 447 27.40 -0.19 -0.61
CA PHE B 447 28.13 0.95 -1.11
C PHE B 447 29.14 0.54 -2.17
N ALA B 448 29.47 1.49 -3.03
CA ALA B 448 30.57 1.36 -3.98
C ALA B 448 31.57 2.47 -3.68
N LEU B 449 32.83 2.11 -3.51
CA LEU B 449 33.86 3.06 -3.09
C LEU B 449 34.98 3.07 -4.12
N ILE B 450 35.15 4.19 -4.81
CA ILE B 450 36.24 4.36 -5.77
C ILE B 450 37.35 5.14 -5.07
N VAL B 451 38.51 4.51 -4.92
CA VAL B 451 39.64 5.08 -4.22
C VAL B 451 40.81 5.19 -5.19
N ASN B 452 41.41 6.37 -5.27
CA ASN B 452 42.54 6.62 -6.14
C ASN B 452 43.77 6.99 -5.29
N ALA B 453 44.93 6.52 -5.74
CA ALA B 453 46.18 6.78 -5.05
C ALA B 453 47.33 6.50 -6.01
N PRO B 454 48.46 7.20 -5.83
CA PRO B 454 49.56 7.07 -6.80
C PRO B 454 50.15 5.66 -6.89
N ASN B 455 49.99 4.84 -5.86
CA ASN B 455 50.60 3.51 -5.86
C ASN B 455 49.73 2.57 -5.04
N HIS B 456 49.98 1.26 -5.21
CA HIS B 456 49.21 0.27 -4.48
C HIS B 456 49.28 0.51 -2.98
N GLU B 457 50.43 0.96 -2.49
CA GLU B 457 50.53 1.30 -1.07
C GLU B 457 49.56 2.42 -0.71
N GLY B 458 49.43 3.42 -1.58
CA GLY B 458 48.47 4.48 -1.34
C GLY B 458 47.04 3.98 -1.30
N ILE B 459 46.68 3.08 -2.22
CA ILE B 459 45.33 2.52 -2.22
C ILE B 459 45.09 1.73 -0.93
N GLN B 460 46.08 0.93 -0.52
CA GLN B 460 45.93 0.16 0.71
C GLN B 460 45.75 1.08 1.91
N ALA B 461 46.56 2.13 2.00
CA ALA B 461 46.43 3.07 3.11
C ALA B 461 45.06 3.76 3.09
N GLY B 462 44.59 4.15 1.91
CA GLY B 462 43.30 4.81 1.81
C GLY B 462 42.17 3.92 2.25
N VAL B 463 42.16 2.67 1.78
CA VAL B 463 41.09 1.75 2.17
C VAL B 463 41.17 1.45 3.66
N ASP B 464 42.39 1.30 4.19
CA ASP B 464 42.54 1.04 5.62
C ASP B 464 42.00 2.19 6.44
N ARG B 465 42.32 3.43 6.07
CA ARG B 465 41.83 4.57 6.82
C ARG B 465 40.32 4.70 6.68
N PHE B 466 39.76 4.42 5.50
CA PHE B 466 38.31 4.46 5.34
C PHE B 466 37.64 3.45 6.25
N TYR B 467 38.18 2.23 6.31
CA TYR B 467 37.63 1.21 7.18
C TYR B 467 37.73 1.64 8.64
N ARG B 468 38.87 2.19 9.03
CA ARG B 468 39.05 2.62 10.41
C ARG B 468 38.07 3.72 10.79
N THR B 469 37.89 4.70 9.90
CA THR B 469 36.92 5.76 10.17
C THR B 469 35.51 5.21 10.25
N CYS B 470 35.18 4.24 9.40
CA CYS B 470 33.87 3.61 9.48
C CYS B 470 33.67 2.95 10.83
N LYS B 471 34.69 2.26 11.34
CA LYS B 471 34.58 1.62 12.64
C LYS B 471 34.43 2.62 13.78
N LEU B 472 34.82 3.88 13.58
CA LEU B 472 34.65 4.90 14.61
C LEU B 472 33.23 5.46 14.63
N LEU B 473 32.41 5.15 13.62
CA LEU B 473 31.03 5.62 13.54
C LEU B 473 30.02 4.50 13.74
N GLY B 474 30.47 3.35 14.24
CA GLY B 474 29.57 2.24 14.43
C GLY B 474 29.15 1.52 13.17
N ILE B 475 29.86 1.75 12.07
CA ILE B 475 29.56 1.12 10.78
C ILE B 475 30.65 0.11 10.49
N ASN B 476 30.25 -1.10 10.12
CA ASN B 476 31.16 -2.20 9.86
C ASN B 476 31.09 -2.59 8.39
N MET B 477 32.23 -2.96 7.82
CA MET B 477 32.32 -3.41 6.44
C MET B 477 32.41 -4.93 6.42
N SER B 478 31.52 -5.56 5.65
CA SER B 478 31.49 -7.02 5.56
C SER B 478 32.64 -7.48 4.68
N LYS B 479 33.69 -8.01 5.29
CA LYS B 479 34.84 -8.48 4.53
C LYS B 479 34.50 -9.71 3.70
N LYS B 480 33.52 -10.52 4.12
CA LYS B 480 33.19 -11.73 3.38
C LYS B 480 32.41 -11.44 2.11
N LYS B 481 31.57 -10.41 2.11
CA LYS B 481 30.73 -10.06 0.97
C LYS B 481 31.28 -8.87 0.19
N SER B 482 32.56 -8.53 0.35
CA SER B 482 33.15 -7.38 -0.29
C SER B 482 34.43 -7.77 -1.01
N TYR B 483 34.71 -7.09 -2.11
CA TYR B 483 35.94 -7.32 -2.86
C TYR B 483 36.31 -6.05 -3.61
N ILE B 484 37.60 -5.92 -3.92
CA ILE B 484 38.17 -4.74 -4.55
C ILE B 484 38.86 -5.17 -5.84
N ASN B 485 38.61 -4.42 -6.91
CA ASN B 485 39.26 -4.67 -8.20
C ASN B 485 39.62 -3.31 -8.81
N ARG B 486 40.12 -3.31 -10.04
CA ARG B 486 40.33 -2.05 -10.74
C ARG B 486 39.00 -1.49 -11.21
N THR B 487 38.94 -0.15 -11.28
CA THR B 487 37.72 0.52 -11.66
C THR B 487 37.33 0.16 -13.09
N GLY B 488 36.03 0.07 -13.34
CA GLY B 488 35.52 -0.34 -14.63
C GLY B 488 34.58 -1.51 -14.51
N THR B 489 34.66 -2.22 -13.39
CA THR B 489 33.81 -3.37 -13.13
C THR B 489 33.45 -3.39 -11.66
N PHE B 490 32.16 -3.42 -11.35
CA PHE B 490 31.71 -3.47 -9.96
C PHE B 490 30.23 -3.81 -9.93
N GLU B 491 29.68 -3.84 -8.72
CA GLU B 491 28.27 -4.16 -8.50
C GLU B 491 27.70 -3.20 -7.47
N PHE B 492 26.39 -2.96 -7.56
CA PHE B 492 25.70 -2.11 -6.60
C PHE B 492 24.21 -2.45 -6.65
N THR B 493 23.71 -3.05 -5.57
CA THR B 493 22.29 -3.37 -5.45
C THR B 493 21.78 -4.11 -6.69
N SER B 494 22.43 -5.23 -6.98
CA SER B 494 22.07 -6.11 -8.09
C SER B 494 22.19 -5.41 -9.44
N PHE B 495 22.88 -4.28 -9.51
CA PHE B 495 23.20 -3.60 -10.76
C PHE B 495 24.68 -3.83 -11.04
N PHE B 496 24.98 -4.54 -12.11
CA PHE B 496 26.35 -4.92 -12.45
C PHE B 496 26.87 -3.96 -13.51
N TYR B 497 27.90 -3.19 -13.15
CA TYR B 497 28.51 -2.23 -14.04
C TYR B 497 29.78 -2.85 -14.61
N ARG B 498 29.86 -2.91 -15.94
CA ARG B 498 31.04 -3.40 -16.65
C ARG B 498 31.24 -2.46 -17.84
N TYR B 499 32.00 -1.39 -17.63
CA TYR B 499 32.18 -0.35 -18.64
C TYR B 499 30.82 0.14 -19.13
N GLY B 500 29.86 0.21 -18.22
CA GLY B 500 28.48 0.52 -18.56
C GLY B 500 27.54 -0.52 -17.98
N PHE B 501 26.41 -0.07 -17.44
CA PHE B 501 25.49 -0.98 -16.78
C PHE B 501 24.93 -1.99 -17.77
N VAL B 502 24.77 -3.23 -17.30
CA VAL B 502 24.27 -4.33 -18.12
C VAL B 502 22.91 -4.74 -17.58
N ALA B 503 21.96 -4.96 -18.47
CA ALA B 503 20.63 -5.38 -18.08
C ALA B 503 20.67 -6.78 -17.49
N ASN B 504 19.75 -7.04 -16.55
CA ASN B 504 19.65 -8.33 -15.88
C ASN B 504 18.36 -9.05 -16.28
N PHE B 505 17.21 -8.43 -16.07
CA PHE B 505 15.92 -8.97 -16.49
C PHE B 505 15.49 -10.16 -15.64
N SER B 506 16.37 -10.68 -14.78
CA SER B 506 16.02 -11.76 -13.89
C SER B 506 15.43 -11.27 -12.58
N MET B 507 15.65 -9.99 -12.25
CA MET B 507 15.04 -9.40 -11.07
C MET B 507 13.56 -9.08 -11.29
N GLU B 508 13.16 -8.82 -12.53
CA GLU B 508 11.79 -8.45 -12.86
C GLU B 508 10.97 -9.63 -13.38
N LEU B 509 11.58 -10.81 -13.47
CA LEU B 509 10.89 -12.00 -13.99
C LEU B 509 9.66 -12.31 -13.17
N PRO B 510 9.72 -12.25 -11.84
CA PRO B 510 8.53 -12.56 -11.03
C PRO B 510 7.34 -11.65 -11.29
N SER B 511 7.55 -10.50 -11.93
CA SER B 511 6.49 -9.53 -12.17
C SER B 511 5.85 -9.70 -13.55
N PHE B 512 6.09 -10.82 -14.23
CA PHE B 512 5.58 -11.05 -15.58
C PHE B 512 4.28 -11.83 -15.60
N GLY B 513 3.74 -12.19 -14.44
CA GLY B 513 2.49 -12.91 -14.35
C GLY B 513 1.31 -11.98 -14.10
N VAL B 514 0.15 -12.60 -13.85
CA VAL B 514 -1.03 -11.84 -13.49
C VAL B 514 -0.82 -11.23 -12.12
N SER B 515 -0.95 -9.90 -12.03
CA SER B 515 -0.67 -9.22 -10.77
C SER B 515 -1.61 -9.70 -9.66
N GLY B 516 -2.90 -9.79 -9.96
CA GLY B 516 -3.86 -10.27 -9.00
C GLY B 516 -4.76 -9.17 -8.45
N ILE B 517 -4.92 -8.09 -9.21
CA ILE B 517 -5.78 -6.98 -8.80
C ILE B 517 -7.18 -7.25 -9.33
N ASN B 518 -7.33 -7.33 -10.64
CA ASN B 518 -8.58 -7.68 -11.30
C ASN B 518 -8.26 -7.90 -12.77
N GLU B 519 -9.29 -8.16 -13.57
CA GLU B 519 -9.07 -8.53 -14.97
C GLU B 519 -8.44 -7.39 -15.76
N SER B 520 -9.14 -6.24 -15.83
CA SER B 520 -8.61 -5.10 -16.57
C SER B 520 -7.29 -4.63 -15.97
N ALA B 521 -7.24 -4.54 -14.64
CA ALA B 521 -6.01 -4.10 -13.99
C ALA B 521 -4.86 -5.05 -14.29
N ASP B 522 -5.12 -6.36 -14.23
CA ASP B 522 -4.05 -7.32 -14.52
C ASP B 522 -3.57 -7.20 -15.95
N MET B 523 -4.49 -7.07 -16.90
CA MET B 523 -4.10 -6.93 -18.29
C MET B 523 -3.22 -5.70 -18.49
N SER B 524 -3.69 -4.55 -17.99
CA SER B 524 -2.94 -3.31 -18.17
C SER B 524 -1.60 -3.39 -17.48
N ILE B 525 -1.54 -3.97 -16.27
CA ILE B 525 -0.29 -4.04 -15.54
C ILE B 525 0.69 -4.94 -16.26
N GLY B 526 0.22 -6.07 -16.80
CA GLY B 526 1.11 -6.96 -17.51
C GLY B 526 1.70 -6.30 -18.75
N VAL B 527 0.85 -5.67 -19.56
CA VAL B 527 1.37 -5.02 -20.77
C VAL B 527 2.31 -3.89 -20.41
N THR B 528 1.97 -3.11 -19.38
CA THR B 528 2.83 -2.01 -18.97
C THR B 528 4.16 -2.49 -18.42
N VAL B 529 4.15 -3.62 -17.69
CA VAL B 529 5.41 -4.18 -17.18
C VAL B 529 6.28 -4.63 -18.33
N ILE B 530 5.68 -5.30 -19.33
CA ILE B 530 6.45 -5.69 -20.50
C ILE B 530 7.05 -4.47 -21.16
N LYS B 531 6.26 -3.42 -21.33
CA LYS B 531 6.76 -2.19 -21.95
C LYS B 531 7.93 -1.60 -21.16
N ASN B 532 7.76 -1.47 -19.84
CA ASN B 532 8.78 -0.85 -19.02
C ASN B 532 10.08 -1.65 -19.05
N ASN B 533 9.97 -2.98 -18.89
CA ASN B 533 11.16 -3.81 -18.94
C ASN B 533 11.80 -3.80 -20.32
N MET B 534 11.02 -3.52 -21.37
CA MET B 534 11.63 -3.27 -22.67
C MET B 534 12.38 -1.94 -22.69
N ILE B 535 11.86 -0.92 -22.02
CA ILE B 535 12.51 0.39 -22.02
C ILE B 535 13.75 0.38 -21.15
N ASN B 536 13.65 -0.16 -19.94
CA ASN B 536 14.71 -0.05 -18.95
C ASN B 536 15.65 -1.26 -18.99
N ASN B 537 15.11 -2.46 -18.79
CA ASN B 537 15.92 -3.66 -18.64
C ASN B 537 16.29 -4.30 -19.97
N ASP B 538 16.22 -3.55 -21.08
CA ASP B 538 16.74 -3.99 -22.36
C ASP B 538 16.15 -5.34 -22.76
N LEU B 539 14.84 -5.49 -22.58
CA LEU B 539 14.16 -6.69 -23.03
C LEU B 539 14.02 -6.68 -24.55
N GLY B 540 14.33 -7.81 -25.17
CA GLY B 540 14.35 -7.90 -26.61
C GLY B 540 12.96 -7.90 -27.23
N PRO B 541 12.87 -7.53 -28.51
CA PRO B 541 11.55 -7.56 -29.16
C PRO B 541 10.92 -8.94 -29.21
N ALA B 542 11.64 -9.95 -29.71
CA ALA B 542 11.08 -11.29 -29.76
C ALA B 542 10.79 -11.83 -28.37
N THR B 543 11.67 -11.53 -27.41
CA THR B 543 11.42 -11.93 -26.04
C THR B 543 10.15 -11.25 -25.51
N ALA B 544 9.96 -9.98 -25.85
CA ALA B 544 8.76 -9.28 -25.41
C ALA B 544 7.50 -9.91 -26.02
N GLN B 545 7.56 -10.28 -27.30
CA GLN B 545 6.43 -10.94 -27.92
C GLN B 545 6.13 -12.28 -27.25
N MET B 546 7.17 -13.05 -26.94
CA MET B 546 6.97 -14.30 -26.22
C MET B 546 6.36 -14.06 -24.86
N ALA B 547 6.82 -13.01 -24.15
CA ALA B 547 6.26 -12.68 -22.86
C ALA B 547 4.80 -12.31 -22.98
N LEU B 548 4.44 -11.55 -24.02
CA LEU B 548 3.04 -11.22 -24.24
C LEU B 548 2.20 -12.46 -24.46
N GLN B 549 2.70 -13.39 -25.29
CA GLN B 549 1.95 -14.61 -25.57
C GLN B 549 1.75 -15.42 -24.29
N LEU B 550 2.83 -15.61 -23.52
CA LEU B 550 2.73 -16.41 -22.30
C LEU B 550 1.82 -15.74 -21.28
N PHE B 551 1.91 -14.40 -21.17
CA PHE B 551 1.06 -13.69 -20.23
C PHE B 551 -0.40 -13.82 -20.62
N ILE B 552 -0.70 -13.74 -21.92
CA ILE B 552 -2.08 -13.89 -22.37
C ILE B 552 -2.58 -15.30 -22.07
N LYS B 553 -1.74 -16.31 -22.31
CA LYS B 553 -2.13 -17.68 -22.00
C LYS B 553 -2.45 -17.84 -20.52
N ASP B 554 -1.55 -17.37 -19.66
CA ASP B 554 -1.77 -17.49 -18.22
C ASP B 554 -2.98 -16.68 -17.78
N TYR B 555 -3.19 -15.51 -18.36
CA TYR B 555 -4.35 -14.68 -18.03
C TYR B 555 -5.64 -15.39 -18.38
N ARG B 556 -5.72 -15.98 -19.56
CA ARG B 556 -6.92 -16.70 -19.96
C ARG B 556 -7.14 -17.93 -19.08
N TYR B 557 -6.05 -18.63 -18.73
CA TYR B 557 -6.18 -19.82 -17.90
C TYR B 557 -6.48 -19.49 -16.45
N THR B 558 -6.21 -18.27 -16.00
CA THR B 558 -6.44 -17.88 -14.62
C THR B 558 -7.86 -17.35 -14.41
N TYR B 559 -8.34 -16.53 -15.34
CA TYR B 559 -9.67 -15.92 -15.24
C TYR B 559 -10.73 -16.72 -15.99
N ARG B 560 -10.40 -17.91 -16.47
CA ARG B 560 -11.37 -18.79 -17.13
C ARG B 560 -12.01 -18.10 -18.33
N CYS B 561 -11.24 -17.25 -19.00
CA CYS B 561 -11.72 -16.49 -20.16
C CYS B 561 -10.91 -16.94 -21.37
N HIS B 562 -11.38 -18.01 -22.02
CA HIS B 562 -10.70 -18.56 -23.18
C HIS B 562 -11.26 -17.93 -24.46
N ARG B 563 -10.56 -18.20 -25.57
CA ARG B 563 -10.83 -17.49 -26.82
C ARG B 563 -12.29 -17.50 -27.22
N GLY B 564 -13.07 -18.46 -26.73
CA GLY B 564 -14.49 -18.55 -27.03
C GLY B 564 -14.81 -19.46 -28.21
N ASP B 565 -13.92 -19.50 -29.20
CA ASP B 565 -14.08 -20.40 -30.33
C ASP B 565 -13.53 -21.79 -30.04
N THR B 566 -13.00 -22.01 -28.84
CA THR B 566 -12.48 -23.31 -28.43
C THR B 566 -13.54 -24.09 -27.68
N GLN B 567 -13.25 -25.36 -27.43
CA GLN B 567 -14.15 -26.25 -26.70
C GLN B 567 -13.57 -26.59 -25.33
N ILE B 568 -12.95 -25.62 -24.68
CA ILE B 568 -12.38 -25.79 -23.35
C ILE B 568 -13.52 -25.51 -22.36
N GLN B 569 -14.08 -26.58 -21.78
CA GLN B 569 -15.17 -26.43 -20.83
C GLN B 569 -14.63 -25.94 -19.50
N THR B 570 -15.19 -24.83 -19.02
CA THR B 570 -14.86 -24.26 -17.72
C THR B 570 -16.14 -23.82 -17.04
N ARG B 571 -16.01 -23.23 -15.85
CA ARG B 571 -17.17 -22.68 -15.16
C ARG B 571 -17.70 -21.42 -15.83
N ARG B 572 -16.96 -20.85 -16.79
CA ARG B 572 -17.35 -19.61 -17.44
C ARG B 572 -17.37 -19.75 -18.96
N SER B 573 -17.27 -20.96 -19.49
CA SER B 573 -17.18 -21.15 -20.93
C SER B 573 -18.53 -21.10 -21.64
N PHE B 574 -19.64 -21.13 -20.90
CA PHE B 574 -20.95 -21.12 -21.53
C PHE B 574 -21.39 -19.70 -21.86
N GLU B 575 -21.40 -18.83 -20.85
CA GLU B 575 -21.77 -17.45 -21.07
C GLU B 575 -20.83 -16.79 -22.08
N ILE B 576 -19.54 -17.11 -21.99
CA ILE B 576 -18.57 -16.57 -22.93
C ILE B 576 -18.91 -17.02 -24.34
N LYS B 577 -19.28 -18.29 -24.51
CA LYS B 577 -19.59 -18.79 -25.85
C LYS B 577 -20.86 -18.16 -26.40
N LYS B 578 -21.89 -17.96 -25.56
CA LYS B 578 -23.08 -17.29 -26.07
C LYS B 578 -22.80 -15.84 -26.42
N LEU B 579 -21.99 -15.15 -25.62
CA LEU B 579 -21.60 -13.79 -25.98
C LEU B 579 -20.83 -13.79 -27.30
N TRP B 580 -19.98 -14.79 -27.51
CA TRP B 580 -19.24 -14.90 -28.76
C TRP B 580 -20.19 -15.07 -29.95
N GLU B 581 -21.13 -16.01 -29.84
CA GLU B 581 -22.05 -16.26 -30.93
C GLU B 581 -23.03 -15.10 -31.13
N GLN B 582 -23.29 -14.32 -30.09
CA GLN B 582 -24.19 -13.17 -30.21
C GLN B 582 -23.51 -12.01 -30.93
N THR B 583 -22.22 -11.80 -30.67
CA THR B 583 -21.52 -10.66 -31.24
C THR B 583 -21.30 -10.86 -32.74
N ARG B 584 -21.39 -9.77 -33.49
CA ARG B 584 -21.15 -9.81 -34.93
C ARG B 584 -19.70 -9.52 -35.26
N SER B 585 -19.15 -8.42 -34.75
CA SER B 585 -17.73 -8.10 -34.91
C SER B 585 -17.00 -8.65 -33.70
N LYS B 586 -16.62 -9.93 -33.78
CA LYS B 586 -16.00 -10.63 -32.67
C LYS B 586 -14.58 -10.16 -32.39
N ALA B 587 -13.98 -9.38 -33.29
CA ALA B 587 -12.62 -8.87 -33.06
C ALA B 587 -12.58 -7.78 -32.00
N GLY B 588 -13.73 -7.25 -31.58
CA GLY B 588 -13.75 -6.19 -30.59
C GLY B 588 -13.93 -6.68 -29.17
N LEU B 589 -14.20 -7.99 -29.02
CA LEU B 589 -14.37 -8.55 -27.69
C LEU B 589 -13.07 -8.52 -26.92
N LEU B 590 -13.15 -8.17 -25.63
CA LEU B 590 -11.96 -8.16 -24.78
C LEU B 590 -11.54 -9.58 -24.46
N VAL B 591 -10.23 -9.74 -24.18
CA VAL B 591 -9.71 -11.05 -23.80
C VAL B 591 -10.42 -11.54 -22.54
N SER B 592 -10.85 -10.62 -21.67
CA SER B 592 -11.60 -11.01 -20.49
C SER B 592 -12.94 -11.64 -20.83
N ASP B 593 -13.52 -11.29 -21.98
CA ASP B 593 -14.80 -11.83 -22.42
C ASP B 593 -14.63 -12.89 -23.50
N GLY B 594 -13.42 -13.39 -23.70
CA GLY B 594 -13.19 -14.44 -24.67
C GLY B 594 -13.07 -13.91 -26.09
N GLY B 595 -12.20 -12.92 -26.28
CA GLY B 595 -11.97 -12.36 -27.59
C GLY B 595 -10.52 -12.48 -28.01
N PRO B 596 -10.24 -12.23 -29.28
CA PRO B 596 -8.85 -12.31 -29.75
C PRO B 596 -7.99 -11.22 -29.15
N ASN B 597 -6.69 -11.50 -29.12
CA ASN B 597 -5.69 -10.57 -28.57
C ASN B 597 -5.04 -9.83 -29.72
N LEU B 598 -5.19 -8.50 -29.73
CA LEU B 598 -4.62 -7.65 -30.76
C LEU B 598 -3.35 -6.95 -30.30
N TYR B 599 -2.83 -7.29 -29.13
CA TYR B 599 -1.65 -6.62 -28.60
C TYR B 599 -0.40 -7.02 -29.38
N ASN B 600 0.56 -6.10 -29.41
CA ASN B 600 1.85 -6.33 -30.05
C ASN B 600 2.83 -5.30 -29.51
N ILE B 601 4.07 -5.37 -29.99
CA ILE B 601 5.10 -4.46 -29.47
C ILE B 601 4.70 -3.01 -29.67
N ARG B 602 3.93 -2.72 -30.71
CA ARG B 602 3.49 -1.35 -30.96
C ARG B 602 2.30 -0.93 -30.10
N ASN B 603 1.59 -1.89 -29.52
CA ASN B 603 0.35 -1.61 -28.80
C ASN B 603 0.48 -1.82 -27.29
N LEU B 604 1.71 -1.90 -26.77
CA LEU B 604 1.90 -2.19 -25.36
C LEU B 604 1.58 -1.00 -24.46
N HIS B 605 1.39 0.19 -25.01
CA HIS B 605 1.12 1.39 -24.23
C HIS B 605 -0.31 1.88 -24.37
N ILE B 606 -1.22 1.02 -24.82
CA ILE B 606 -2.61 1.38 -25.06
C ILE B 606 -3.47 0.46 -24.20
N PRO B 607 -4.46 0.98 -23.47
CA PRO B 607 -5.38 0.09 -22.75
C PRO B 607 -6.18 -0.78 -23.71
N GLU B 608 -6.56 -1.96 -23.23
CA GLU B 608 -7.27 -2.91 -24.07
C GLU B 608 -8.59 -2.34 -24.56
N VAL B 609 -9.32 -1.64 -23.69
CA VAL B 609 -10.63 -1.13 -24.07
C VAL B 609 -10.52 -0.16 -25.24
N CYS B 610 -9.55 0.75 -25.18
CA CYS B 610 -9.39 1.74 -26.23
C CYS B 610 -8.81 1.16 -27.51
N LEU B 611 -8.01 0.09 -27.41
CA LEU B 611 -7.48 -0.55 -28.60
C LEU B 611 -8.56 -1.27 -29.39
N LYS B 612 -9.60 -1.77 -28.70
CA LYS B 612 -10.69 -2.50 -29.33
C LYS B 612 -11.97 -1.67 -29.40
N TRP B 613 -11.88 -0.36 -29.16
CA TRP B 613 -13.10 0.46 -29.09
C TRP B 613 -13.83 0.49 -30.42
N GLU B 614 -13.10 0.70 -31.52
CA GLU B 614 -13.74 0.84 -32.82
C GLU B 614 -14.24 -0.49 -33.37
N LEU B 615 -13.84 -1.62 -32.80
CA LEU B 615 -14.27 -2.92 -33.28
C LEU B 615 -15.45 -3.47 -32.50
N MET B 616 -15.75 -2.92 -31.33
CA MET B 616 -16.84 -3.42 -30.51
C MET B 616 -18.20 -3.06 -31.11
N ASP B 617 -19.16 -3.96 -30.94
CA ASP B 617 -20.54 -3.65 -31.28
C ASP B 617 -21.13 -2.71 -30.23
N GLU B 618 -21.98 -1.79 -30.68
CA GLU B 618 -22.48 -0.77 -29.77
C GLU B 618 -23.24 -1.37 -28.60
N ASP B 619 -23.94 -2.49 -28.81
CA ASP B 619 -24.64 -3.13 -27.71
C ASP B 619 -23.66 -3.65 -26.66
N TYR B 620 -22.65 -4.40 -27.10
CA TYR B 620 -21.66 -4.92 -26.18
C TYR B 620 -20.84 -3.79 -25.56
N GLN B 621 -20.53 -2.75 -26.36
CA GLN B 621 -19.79 -1.62 -25.83
C GLN B 621 -20.56 -0.93 -24.72
N GLY B 622 -21.86 -0.70 -24.93
CA GLY B 622 -22.67 -0.07 -23.89
C GLY B 622 -22.84 -0.94 -22.67
N ARG B 623 -23.06 -2.25 -22.86
CA ARG B 623 -23.17 -3.14 -21.71
C ARG B 623 -21.88 -3.18 -20.90
N LEU B 624 -20.74 -3.17 -21.59
CA LEU B 624 -19.45 -3.24 -20.90
C LEU B 624 -19.20 -1.99 -20.07
N CYS B 625 -19.18 -0.83 -20.71
CA CYS B 625 -18.82 0.42 -20.04
C CYS B 625 -20.10 1.16 -19.63
N ASN B 626 -20.80 0.56 -18.67
CA ASN B 626 -22.04 1.14 -18.15
C ASN B 626 -21.78 1.67 -16.74
N PRO B 627 -21.95 2.98 -16.49
CA PRO B 627 -21.68 3.49 -15.14
C PRO B 627 -22.50 2.80 -14.05
N LEU B 628 -23.75 2.43 -14.36
CA LEU B 628 -24.62 1.80 -13.39
C LEU B 628 -24.24 0.36 -13.08
N ASN B 629 -23.13 -0.15 -13.59
CA ASN B 629 -22.76 -1.53 -13.31
C ASN B 629 -22.56 -1.73 -11.81
N PRO B 630 -23.01 -2.85 -11.23
CA PRO B 630 -22.86 -3.07 -9.79
C PRO B 630 -21.48 -3.58 -9.37
N PHE B 631 -20.54 -3.69 -10.30
CA PHE B 631 -19.22 -4.25 -10.01
C PHE B 631 -18.17 -3.19 -9.73
N VAL B 632 -18.16 -2.10 -10.48
CA VAL B 632 -17.14 -1.07 -10.31
C VAL B 632 -17.35 -0.36 -8.98
N SER B 633 -16.29 -0.22 -8.20
CA SER B 633 -16.33 0.50 -6.95
C SER B 633 -15.06 1.33 -6.81
N HIS B 634 -15.23 2.63 -6.61
CA HIS B 634 -14.12 3.56 -6.44
C HIS B 634 -14.23 4.21 -5.07
N LYS B 635 -13.14 4.18 -4.30
CA LYS B 635 -13.14 4.67 -2.93
C LYS B 635 -12.55 6.07 -2.81
N GLU B 636 -11.31 6.25 -3.29
CA GLU B 636 -10.61 7.52 -3.15
C GLU B 636 -9.78 7.77 -4.39
N ILE B 637 -9.33 9.03 -4.52
CA ILE B 637 -8.47 9.40 -5.65
C ILE B 637 -7.16 8.63 -5.61
N GLU B 638 -6.71 8.26 -4.42
CA GLU B 638 -5.43 7.56 -4.31
C GLU B 638 -5.51 6.14 -4.85
N SER B 639 -6.66 5.48 -4.71
CA SER B 639 -6.81 4.08 -5.08
C SER B 639 -7.58 3.90 -6.37
N VAL B 640 -7.49 4.86 -7.30
CA VAL B 640 -8.21 4.75 -8.56
C VAL B 640 -7.52 3.77 -9.49
N ASN B 641 -6.28 4.09 -9.87
CA ASN B 641 -5.50 3.26 -10.80
C ASN B 641 -4.08 3.08 -10.27
N ASN B 642 -3.97 2.84 -8.97
CA ASN B 642 -2.69 2.58 -8.33
C ASN B 642 -2.70 1.16 -7.77
N ALA B 643 -1.70 0.37 -8.14
CA ALA B 643 -1.59 -1.01 -7.70
C ALA B 643 -0.28 -1.18 -6.94
N VAL B 644 -0.36 -1.79 -5.76
CA VAL B 644 0.81 -1.99 -4.91
C VAL B 644 1.37 -3.38 -5.22
N MET B 645 2.48 -3.40 -5.95
CA MET B 645 3.18 -4.64 -6.28
C MET B 645 4.51 -4.66 -5.54
N MET B 646 4.66 -5.59 -4.61
CA MET B 646 5.90 -5.74 -3.88
C MET B 646 6.95 -6.34 -4.80
N PRO B 647 7.92 -5.57 -5.28
CA PRO B 647 8.90 -6.13 -6.22
C PRO B 647 9.85 -7.10 -5.52
N ALA B 648 10.33 -8.07 -6.30
CA ALA B 648 11.31 -9.00 -5.78
C ALA B 648 12.62 -8.28 -5.48
N HIS B 649 13.20 -8.56 -4.32
CA HIS B 649 14.46 -7.95 -3.91
C HIS B 649 14.33 -6.44 -3.81
N GLY B 650 13.29 -5.97 -3.12
CA GLY B 650 13.09 -4.56 -2.90
C GLY B 650 11.90 -4.27 -2.02
N PRO B 651 11.76 -3.02 -1.60
CA PRO B 651 10.60 -2.64 -0.77
C PRO B 651 9.33 -2.49 -1.60
N ALA B 652 8.21 -2.54 -0.90
CA ALA B 652 6.91 -2.44 -1.55
C ALA B 652 6.82 -1.16 -2.36
N LYS B 653 6.29 -1.27 -3.58
CA LYS B 653 6.21 -0.16 -4.50
C LYS B 653 4.82 -0.09 -5.11
N ASN B 654 4.45 1.10 -5.56
CA ASN B 654 3.16 1.37 -6.18
C ASN B 654 3.37 1.75 -7.63
N MET B 655 2.44 1.34 -8.50
CA MET B 655 2.51 1.64 -9.92
C MET B 655 1.20 2.22 -10.40
N GLU B 656 1.31 3.24 -11.26
CA GLU B 656 0.20 3.77 -12.02
C GLU B 656 -0.01 2.89 -13.25
N TYR B 657 -1.20 2.32 -13.39
CA TYR B 657 -1.55 1.51 -14.54
C TYR B 657 -2.72 2.15 -15.28
N ASP B 658 -2.59 2.25 -16.60
CA ASP B 658 -3.64 2.84 -17.43
C ASP B 658 -4.74 1.82 -17.66
N ALA B 659 -5.97 2.17 -17.28
CA ALA B 659 -7.10 1.26 -17.46
C ALA B 659 -8.37 2.09 -17.55
N VAL B 660 -9.35 1.55 -18.27
CA VAL B 660 -10.66 2.16 -18.42
C VAL B 660 -11.63 1.44 -17.48
N ALA B 661 -12.43 2.22 -16.76
CA ALA B 661 -13.36 1.65 -15.80
C ALA B 661 -14.44 0.87 -16.55
N THR B 662 -14.32 -0.44 -16.55
CA THR B 662 -15.28 -1.33 -17.19
C THR B 662 -15.95 -2.20 -16.14
N THR B 663 -16.87 -3.05 -16.60
CA THR B 663 -17.51 -4.00 -15.71
C THR B 663 -16.54 -5.03 -15.17
N HIS B 664 -15.34 -5.13 -15.75
CA HIS B 664 -14.32 -6.06 -15.29
C HIS B 664 -13.45 -5.49 -14.19
N SER B 665 -13.69 -4.25 -13.76
CA SER B 665 -12.88 -3.61 -12.72
C SER B 665 -13.36 -3.93 -11.32
N TRP B 666 -14.06 -5.04 -11.14
CA TRP B 666 -14.52 -5.45 -9.82
C TRP B 666 -13.34 -5.58 -8.86
N ILE B 667 -13.67 -5.57 -7.57
CA ILE B 667 -12.68 -5.81 -6.52
C ILE B 667 -12.96 -7.18 -5.93
N PRO B 668 -11.94 -7.96 -5.58
CA PRO B 668 -12.15 -9.35 -5.17
C PRO B 668 -12.70 -9.46 -3.76
N LYS B 669 -13.04 -10.70 -3.39
CA LYS B 669 -13.58 -10.98 -2.08
C LYS B 669 -12.55 -10.72 -0.98
N ARG B 670 -13.04 -10.38 0.21
CA ARG B 670 -12.18 -10.16 1.36
C ARG B 670 -11.97 -11.45 2.13
N ASN B 671 -11.19 -11.37 3.21
CA ASN B 671 -10.75 -12.58 3.90
C ASN B 671 -11.93 -13.36 4.47
N ARG B 672 -12.78 -12.69 5.24
CA ARG B 672 -14.01 -13.26 5.83
C ARG B 672 -13.74 -14.15 7.02
N SER B 673 -12.51 -14.25 7.51
CA SER B 673 -12.22 -15.08 8.68
C SER B 673 -12.43 -14.36 10.00
N ILE B 674 -12.74 -13.06 9.97
CA ILE B 674 -13.01 -12.32 11.20
C ILE B 674 -14.24 -12.84 11.93
N LEU B 675 -15.12 -13.57 11.22
CA LEU B 675 -16.38 -13.99 11.82
C LEU B 675 -16.19 -15.00 12.94
N ASN B 676 -15.04 -15.69 12.98
CA ASN B 676 -14.79 -16.72 13.99
C ASN B 676 -13.94 -16.20 15.14
N THR B 677 -13.67 -14.90 15.19
CA THR B 677 -12.80 -14.32 16.21
C THR B 677 -13.61 -13.42 17.13
N SER B 678 -13.10 -13.23 18.35
CA SER B 678 -13.75 -12.33 19.29
C SER B 678 -13.76 -10.90 18.77
N GLN B 679 -12.86 -10.56 17.84
CA GLN B 679 -12.87 -9.24 17.21
C GLN B 679 -13.87 -9.23 16.06
N ARG B 680 -15.11 -9.64 16.34
CA ARG B 680 -16.15 -9.69 15.32
C ARG B 680 -16.91 -8.38 15.20
N GLY B 681 -16.95 -7.59 16.26
CA GLY B 681 -17.62 -6.30 16.20
C GLY B 681 -16.95 -5.29 15.30
N ILE B 682 -15.69 -5.53 14.93
CA ILE B 682 -15.02 -4.61 14.03
C ILE B 682 -15.71 -4.55 12.68
N LEU B 683 -16.34 -5.65 12.26
CA LEU B 683 -17.05 -5.64 10.98
C LEU B 683 -18.31 -4.80 11.05
N GLU B 684 -19.04 -4.85 12.16
CA GLU B 684 -20.21 -4.00 12.31
C GLU B 684 -19.81 -2.52 12.31
N ASP B 685 -18.73 -2.19 13.02
CA ASP B 685 -18.23 -0.82 13.00
C ASP B 685 -17.81 -0.42 11.60
N GLU B 686 -17.16 -1.33 10.87
CA GLU B 686 -16.80 -1.04 9.48
C GLU B 686 -18.04 -0.72 8.66
N GLN B 687 -19.08 -1.54 8.77
CA GLN B 687 -20.28 -1.33 7.98
C GLN B 687 -20.92 0.01 8.32
N MET B 688 -21.04 0.32 9.62
CA MET B 688 -21.67 1.57 10.02
C MET B 688 -20.85 2.78 9.56
N TYR B 689 -19.53 2.71 9.72
CA TYR B 689 -18.67 3.80 9.27
C TYR B 689 -18.80 3.99 7.75
N GLN B 690 -18.84 2.89 7.00
CA GLN B 690 -18.97 3.00 5.55
C GLN B 690 -20.33 3.57 5.15
N LYS B 691 -21.39 3.19 5.86
CA LYS B 691 -22.70 3.77 5.58
C LYS B 691 -22.69 5.27 5.82
N CYS B 692 -22.13 5.70 6.95
CA CYS B 692 -22.05 7.13 7.24
C CYS B 692 -21.18 7.86 6.21
N CYS B 693 -20.07 7.24 5.81
CA CYS B 693 -19.19 7.86 4.83
C CYS B 693 -19.88 7.99 3.47
N ASN B 694 -20.62 6.96 3.07
CA ASN B 694 -21.36 7.05 1.81
C ASN B 694 -22.43 8.13 1.87
N LEU B 695 -23.13 8.24 3.01
CA LEU B 695 -24.10 9.31 3.16
C LEU B 695 -23.44 10.67 3.06
N PHE B 696 -22.30 10.84 3.73
CA PHE B 696 -21.59 12.11 3.67
C PHE B 696 -21.15 12.43 2.25
N GLU B 697 -20.63 11.43 1.54
CA GLU B 697 -20.20 11.64 0.16
C GLU B 697 -21.37 12.06 -0.72
N LYS B 698 -22.52 11.41 -0.56
CA LYS B 698 -23.70 11.86 -1.28
C LYS B 698 -24.09 13.26 -0.88
N PHE B 699 -23.81 13.65 0.36
CA PHE B 699 -24.03 15.02 0.80
C PHE B 699 -22.89 15.94 0.36
N PHE B 700 -21.65 15.44 0.39
CA PHE B 700 -20.47 16.20 0.02
C PHE B 700 -19.74 15.43 -1.09
N PRO B 701 -20.06 15.69 -2.35
CA PRO B 701 -19.47 14.89 -3.43
C PRO B 701 -17.95 14.93 -3.48
N SER B 702 -17.33 16.00 -3.02
CA SER B 702 -15.87 16.12 -3.07
C SER B 702 -15.18 15.41 -1.91
N SER B 703 -15.92 14.59 -1.15
CA SER B 703 -15.32 13.95 0.02
C SER B 703 -14.15 13.07 -0.38
N SER B 704 -14.25 12.38 -1.51
CA SER B 704 -13.20 11.45 -1.92
C SER B 704 -12.01 12.18 -2.52
N TYR B 705 -12.25 13.05 -3.51
CA TYR B 705 -11.15 13.67 -4.23
C TYR B 705 -10.31 14.55 -3.30
N ARG B 706 -10.96 15.47 -2.58
CA ARG B 706 -10.30 16.28 -1.55
C ARG B 706 -10.93 15.93 -0.21
N ARG B 707 -10.11 15.43 0.70
CA ARG B 707 -10.58 15.05 2.02
C ARG B 707 -11.12 16.28 2.74
N PRO B 708 -12.36 16.26 3.24
CA PRO B 708 -12.90 17.46 3.89
C PRO B 708 -12.12 17.82 5.15
N VAL B 709 -12.12 19.12 5.46
CA VAL B 709 -11.45 19.64 6.65
C VAL B 709 -12.44 20.53 7.40
N GLY B 710 -12.18 20.67 8.69
CA GLY B 710 -13.05 21.47 9.54
C GLY B 710 -13.04 20.92 10.96
N ILE B 711 -13.85 21.56 11.79
CA ILE B 711 -13.99 21.17 13.20
C ILE B 711 -15.44 20.91 13.59
N SER B 712 -16.39 21.01 12.66
CA SER B 712 -17.77 20.69 12.95
C SER B 712 -17.98 19.18 12.90
N SER B 713 -19.18 18.75 13.29
CA SER B 713 -19.57 17.35 13.28
C SER B 713 -20.39 17.03 12.03
N MET B 714 -20.57 15.73 11.79
CA MET B 714 -21.22 15.27 10.57
C MET B 714 -22.60 15.89 10.41
N VAL B 715 -23.49 15.62 11.36
CA VAL B 715 -24.90 15.90 11.15
C VAL B 715 -25.13 17.38 10.94
N GLU B 716 -24.33 18.24 11.56
CA GLU B 716 -24.47 19.68 11.32
C GLU B 716 -24.31 20.00 9.85
N ALA B 717 -23.19 19.57 9.25
CA ALA B 717 -22.95 19.85 7.84
C ALA B 717 -24.03 19.21 6.97
N MET B 718 -24.37 17.95 7.25
CA MET B 718 -25.33 17.26 6.39
C MET B 718 -26.70 17.93 6.44
N VAL B 719 -27.19 18.26 7.63
CA VAL B 719 -28.52 18.87 7.75
C VAL B 719 -28.51 20.26 7.13
N SER B 720 -27.46 21.04 7.37
CA SER B 720 -27.43 22.40 6.86
C SER B 720 -27.36 22.41 5.34
N ARG B 721 -26.54 21.52 4.77
CA ARG B 721 -26.50 21.41 3.32
C ARG B 721 -27.81 20.88 2.77
N ALA B 722 -28.52 20.04 3.51
CA ALA B 722 -29.86 19.64 3.08
C ALA B 722 -30.77 20.86 2.98
N ARG B 723 -30.77 21.69 4.02
CA ARG B 723 -31.51 22.96 3.98
C ARG B 723 -31.22 23.67 2.66
N ILE B 724 -29.95 24.01 2.46
CA ILE B 724 -29.60 24.91 1.36
C ILE B 724 -29.87 24.26 0.01
N ASP B 725 -29.54 22.98 -0.13
CA ASP B 725 -29.68 22.34 -1.44
C ASP B 725 -31.16 22.19 -1.80
N ALA B 726 -32.01 21.85 -0.83
CA ALA B 726 -33.44 21.84 -1.11
C ALA B 726 -33.90 23.21 -1.56
N ARG B 727 -33.52 24.26 -0.82
CA ARG B 727 -33.83 25.62 -1.22
C ARG B 727 -33.50 25.85 -2.69
N ILE B 728 -32.22 25.74 -3.02
CA ILE B 728 -31.74 26.21 -4.32
C ILE B 728 -32.24 25.30 -5.44
N ASP B 729 -32.33 24.00 -5.18
CA ASP B 729 -32.83 23.09 -6.19
C ASP B 729 -34.31 23.29 -6.44
N PHE B 730 -35.05 23.84 -5.49
CA PHE B 730 -36.31 24.48 -5.86
C PHE B 730 -36.14 25.74 -6.70
N GLU B 731 -35.32 26.67 -6.26
CA GLU B 731 -35.22 27.91 -7.03
C GLU B 731 -34.98 27.62 -8.50
N SER B 732 -34.49 26.42 -8.81
CA SER B 732 -34.61 25.84 -10.15
C SER B 732 -34.34 24.35 -10.05
N GLY B 733 -35.36 23.52 -10.26
CA GLY B 733 -35.17 22.09 -10.28
C GLY B 733 -36.43 21.33 -9.88
N ARG B 734 -36.22 20.03 -9.62
CA ARG B 734 -37.34 19.11 -9.41
C ARG B 734 -38.12 19.40 -8.13
N ILE B 735 -37.46 19.89 -7.08
CA ILE B 735 -38.12 20.06 -5.78
C ILE B 735 -39.42 20.85 -5.98
N LYS B 736 -40.35 20.70 -5.04
CA LYS B 736 -41.55 21.53 -5.00
C LYS B 736 -41.76 22.05 -3.57
N LYS B 737 -42.56 23.12 -3.45
CA LYS B 737 -42.84 23.69 -2.13
C LYS B 737 -43.19 22.60 -1.12
N GLU B 738 -44.07 21.68 -1.51
CA GLU B 738 -44.43 20.58 -0.62
C GLU B 738 -43.18 19.83 -0.16
N GLU B 739 -42.36 19.41 -1.12
CA GLU B 739 -41.14 18.69 -0.79
C GLU B 739 -40.13 19.56 -0.06
N PHE B 740 -40.00 20.84 -0.43
CA PHE B 740 -39.02 21.70 0.23
C PHE B 740 -39.38 21.87 1.71
N ALA B 741 -40.65 22.14 2.00
CA ALA B 741 -41.08 22.27 3.39
C ALA B 741 -40.95 20.94 4.12
N GLU B 742 -41.25 19.84 3.44
CA GLU B 742 -41.06 18.53 4.05
C GLU B 742 -39.61 18.33 4.47
N ILE B 743 -38.67 18.68 3.58
CA ILE B 743 -37.25 18.59 3.92
C ILE B 743 -36.89 19.53 5.06
N MET B 744 -37.41 20.75 5.07
CA MET B 744 -37.08 21.68 6.13
C MET B 744 -37.51 21.13 7.49
N LYS B 745 -38.75 20.64 7.57
CA LYS B 745 -39.23 20.12 8.85
C LYS B 745 -38.62 18.76 9.19
N ILE B 746 -38.18 17.99 8.20
CA ILE B 746 -37.43 16.77 8.49
C ILE B 746 -36.06 17.12 9.05
N CYS B 747 -35.45 18.18 8.53
CA CYS B 747 -34.20 18.67 9.11
C CYS B 747 -34.41 19.10 10.55
N SER B 748 -35.51 19.79 10.82
CA SER B 748 -35.83 20.13 12.21
C SER B 748 -36.02 18.89 13.06
N THR B 749 -36.65 17.85 12.49
CA THR B 749 -36.88 16.60 13.22
C THR B 749 -35.55 15.95 13.59
N ILE B 750 -34.62 15.85 12.65
CA ILE B 750 -33.34 15.25 12.96
C ILE B 750 -32.57 16.14 13.93
N GLU B 751 -32.78 17.45 13.86
CA GLU B 751 -32.16 18.35 14.83
C GLU B 751 -32.62 18.01 16.24
N GLU B 752 -33.93 17.93 16.45
CA GLU B 752 -34.44 17.62 17.78
C GLU B 752 -34.09 16.19 18.19
N LEU B 753 -33.90 15.30 17.23
CA LEU B 753 -33.45 13.95 17.55
C LEU B 753 -32.02 13.97 18.07
N ARG B 754 -31.14 14.75 17.43
CA ARG B 754 -29.78 14.87 17.91
C ARG B 754 -29.73 15.57 19.26
N ARG B 755 -30.65 16.50 19.51
CA ARG B 755 -30.82 17.05 20.85
C ARG B 755 -31.01 15.93 21.87
N GLN B 756 -31.81 14.93 21.54
CA GLN B 756 -32.07 13.82 22.45
C GLN B 756 -31.87 12.49 21.74
N MET C 1 -34.68 14.43 -1.47
CA MET C 1 -35.66 13.71 -0.61
C MET C 1 -35.02 12.49 0.05
N GLU C 2 -34.63 11.53 -0.79
CA GLU C 2 -34.08 10.27 -0.27
C GLU C 2 -32.93 10.51 0.69
N ARG C 3 -31.96 11.33 0.28
CA ARG C 3 -30.70 11.44 1.02
C ARG C 3 -30.93 11.76 2.49
N ILE C 4 -31.71 12.81 2.76
CA ILE C 4 -32.01 13.15 4.13
C ILE C 4 -32.83 12.05 4.78
N LYS C 5 -33.52 11.23 3.99
CA LYS C 5 -34.33 10.18 4.59
C LYS C 5 -33.47 9.05 5.12
N GLU C 6 -32.46 8.59 4.38
CA GLU C 6 -31.57 7.60 4.99
C GLU C 6 -30.73 8.25 6.08
N LEU C 7 -30.50 9.57 5.98
CA LEU C 7 -29.86 10.26 7.11
C LEU C 7 -30.69 10.11 8.38
N ARG C 8 -31.98 10.38 8.30
CA ARG C 8 -32.85 10.24 9.46
C ARG C 8 -32.92 8.79 9.92
N ASP C 9 -32.98 7.85 8.98
CA ASP C 9 -33.01 6.44 9.36
C ASP C 9 -31.73 6.05 10.10
N LEU C 10 -30.58 6.54 9.65
CA LEU C 10 -29.32 6.28 10.34
C LEU C 10 -29.36 6.87 11.75
N MET C 11 -29.77 8.13 11.87
CA MET C 11 -29.85 8.76 13.17
C MET C 11 -30.88 8.11 14.08
N SER C 12 -31.82 7.34 13.51
CA SER C 12 -32.79 6.63 14.34
C SER C 12 -32.11 5.64 15.27
N GLN C 13 -31.15 4.88 14.76
CA GLN C 13 -30.47 3.88 15.55
C GLN C 13 -29.34 4.52 16.34
N SER C 14 -29.19 4.09 17.59
CA SER C 14 -28.36 4.83 18.54
C SER C 14 -26.88 4.83 18.13
N ARG C 15 -26.36 3.68 17.69
CA ARG C 15 -24.94 3.59 17.40
C ARG C 15 -24.53 4.52 16.26
N THR C 16 -25.27 4.46 15.15
CA THR C 16 -24.97 5.36 14.03
C THR C 16 -25.20 6.81 14.42
N ARG C 17 -26.19 7.07 15.27
CA ARG C 17 -26.41 8.44 15.74
C ARG C 17 -25.19 8.95 16.50
N GLU C 18 -24.63 8.11 17.39
CA GLU C 18 -23.43 8.50 18.13
C GLU C 18 -22.26 8.72 17.17
N ILE C 19 -22.10 7.83 16.20
CA ILE C 19 -21.02 7.97 15.23
C ILE C 19 -21.14 9.29 14.49
N LEU C 20 -22.37 9.64 14.08
CA LEU C 20 -22.59 10.89 13.36
C LEU C 20 -22.38 12.10 14.25
N THR C 21 -22.71 12.00 15.53
CA THR C 21 -22.64 13.15 16.42
C THR C 21 -21.21 13.44 16.86
N LYS C 22 -20.53 12.43 17.42
CA LYS C 22 -19.24 12.68 18.03
C LYS C 22 -18.12 12.82 17.00
N THR C 23 -18.28 12.22 15.82
CA THR C 23 -17.23 12.25 14.81
C THR C 23 -17.22 13.60 14.11
N THR C 24 -16.06 14.24 14.06
CA THR C 24 -15.91 15.53 13.39
C THR C 24 -15.54 15.32 11.91
N VAL C 25 -15.70 16.38 11.14
CA VAL C 25 -15.48 16.31 9.70
C VAL C 25 -14.05 15.92 9.39
N ASP C 26 -13.10 16.44 10.16
CA ASP C 26 -11.69 16.17 9.87
C ASP C 26 -11.40 14.68 9.92
N HIS C 27 -11.96 13.98 10.90
CA HIS C 27 -11.73 12.54 11.03
C HIS C 27 -12.40 11.74 9.91
N MET C 28 -13.18 12.39 9.04
CA MET C 28 -13.81 11.71 7.91
C MET C 28 -12.90 10.67 7.28
N ALA C 29 -11.70 11.07 6.86
CA ALA C 29 -10.83 10.15 6.15
C ALA C 29 -10.52 8.93 7.02
N ILE C 30 -10.14 9.18 8.27
CA ILE C 30 -9.68 8.09 9.13
C ILE C 30 -10.73 6.99 9.19
N ILE C 31 -11.93 7.32 9.67
CA ILE C 31 -12.97 6.31 9.80
C ILE C 31 -13.34 5.71 8.45
N LYS C 32 -13.16 6.46 7.36
CA LYS C 32 -13.47 5.90 6.05
C LYS C 32 -12.47 4.81 5.67
N LYS C 33 -11.21 4.99 6.08
CA LYS C 33 -10.18 3.97 5.87
C LYS C 33 -10.14 2.96 7.00
N TYR C 34 -10.92 3.15 8.05
CA TYR C 34 -10.98 2.19 9.14
C TYR C 34 -11.49 0.85 8.63
N THR C 35 -10.61 -0.15 8.59
CA THR C 35 -10.99 -1.46 8.08
C THR C 35 -10.13 -2.52 8.74
N SER C 36 -10.69 -3.73 8.84
CA SER C 36 -9.94 -4.88 9.32
C SER C 36 -9.22 -5.61 8.20
N GLY C 37 -9.46 -5.23 6.95
CA GLY C 37 -8.85 -5.92 5.83
C GLY C 37 -7.40 -5.52 5.64
N ARG C 38 -6.49 -6.46 5.83
CA ARG C 38 -5.08 -6.20 5.57
C ARG C 38 -4.83 -6.09 4.07
N GLN C 39 -3.83 -5.29 3.71
CA GLN C 39 -3.43 -5.19 2.31
C GLN C 39 -2.66 -6.45 1.91
N GLU C 40 -3.05 -7.06 0.80
CA GLU C 40 -2.50 -8.36 0.44
C GLU C 40 -1.01 -8.25 0.14
N LYS C 41 -0.25 -9.24 0.63
CA LYS C 41 1.17 -9.28 0.37
C LYS C 41 1.49 -9.98 -0.94
N ASN C 42 0.72 -11.01 -1.30
CA ASN C 42 0.92 -11.79 -2.53
C ASN C 42 -0.38 -11.81 -3.30
N PRO C 43 -0.70 -10.74 -4.05
CA PRO C 43 -2.00 -10.71 -4.75
C PRO C 43 -2.15 -11.79 -5.79
N ALA C 44 -1.09 -12.12 -6.52
CA ALA C 44 -1.21 -13.08 -7.62
C ALA C 44 -1.61 -14.46 -7.09
N LEU C 45 -0.99 -14.89 -5.99
CA LEU C 45 -1.27 -16.22 -5.46
C LEU C 45 -2.74 -16.38 -5.11
N ARG C 46 -3.31 -15.38 -4.44
CA ARG C 46 -4.71 -15.47 -4.03
C ARG C 46 -5.67 -15.22 -5.18
N MET C 47 -5.32 -14.37 -6.14
CA MET C 47 -6.17 -14.23 -7.31
C MET C 47 -6.24 -15.53 -8.10
N LYS C 48 -5.12 -16.27 -8.17
CA LYS C 48 -5.15 -17.58 -8.79
C LYS C 48 -5.84 -18.61 -7.92
N TRP C 49 -5.95 -18.35 -6.62
CA TRP C 49 -6.59 -19.27 -5.67
C TRP C 49 -8.07 -18.95 -5.48
N MET C 50 -8.43 -17.66 -5.47
CA MET C 50 -9.83 -17.29 -5.26
C MET C 50 -10.68 -17.58 -6.49
N MET C 51 -10.13 -17.38 -7.69
CA MET C 51 -10.92 -17.57 -8.90
C MET C 51 -11.36 -19.01 -9.09
N ALA C 52 -10.77 -19.96 -8.36
CA ALA C 52 -11.22 -21.34 -8.39
C ALA C 52 -12.42 -21.58 -7.48
N MET C 53 -12.85 -20.57 -6.72
CA MET C 53 -14.02 -20.67 -5.88
C MET C 53 -15.27 -20.22 -6.63
N LYS C 54 -16.42 -20.55 -6.08
CA LYS C 54 -17.69 -20.01 -6.55
C LYS C 54 -18.00 -18.73 -5.78
N TYR C 55 -18.46 -17.71 -6.51
CA TYR C 55 -18.67 -16.39 -5.93
C TYR C 55 -17.35 -15.80 -5.45
N PRO C 56 -16.38 -15.56 -6.34
CA PRO C 56 -15.11 -14.98 -5.91
C PRO C 56 -15.03 -13.47 -5.96
N ILE C 57 -15.97 -12.78 -6.60
CA ILE C 57 -15.89 -11.32 -6.71
C ILE C 57 -16.99 -10.71 -5.87
N THR C 58 -17.01 -9.38 -5.78
CA THR C 58 -18.00 -8.67 -4.97
C THR C 58 -18.70 -7.62 -5.83
N ALA C 59 -19.98 -7.40 -5.52
CA ALA C 59 -20.77 -6.42 -6.27
C ALA C 59 -21.81 -5.82 -5.35
N ASP C 60 -22.31 -4.65 -5.74
CA ASP C 60 -23.30 -3.95 -4.94
C ASP C 60 -24.57 -4.78 -4.81
N LYS C 61 -25.37 -4.47 -3.79
CA LYS C 61 -26.61 -5.21 -3.57
C LYS C 61 -27.54 -5.11 -4.76
N ARG C 62 -27.46 -4.02 -5.51
CA ARG C 62 -28.41 -3.79 -6.60
C ARG C 62 -28.34 -4.91 -7.63
N ILE C 63 -27.23 -5.64 -7.69
CA ILE C 63 -27.10 -6.73 -8.65
C ILE C 63 -28.19 -7.76 -8.44
N MET C 64 -28.68 -7.91 -7.20
CA MET C 64 -29.73 -8.88 -6.91
C MET C 64 -31.04 -8.55 -7.59
N GLU C 65 -31.20 -7.33 -8.11
CA GLU C 65 -32.44 -6.91 -8.77
C GLU C 65 -32.22 -6.50 -10.22
N MET C 66 -31.08 -6.86 -10.83
CA MET C 66 -30.88 -6.63 -12.25
C MET C 66 -30.51 -7.93 -12.97
N ILE C 67 -29.82 -8.83 -12.27
CA ILE C 67 -29.33 -10.07 -12.85
C ILE C 67 -30.02 -11.22 -12.14
N PRO C 68 -30.56 -12.21 -12.86
CA PRO C 68 -31.20 -13.34 -12.19
C PRO C 68 -30.21 -14.15 -11.38
N GLU C 69 -30.73 -14.80 -10.35
CA GLU C 69 -29.88 -15.60 -9.47
C GLU C 69 -29.17 -16.73 -10.19
N ARG C 70 -29.74 -17.21 -11.30
CA ARG C 70 -29.15 -18.31 -12.06
C ARG C 70 -29.37 -18.09 -13.54
N ASN C 71 -28.49 -18.69 -14.34
CA ASN C 71 -28.55 -18.59 -15.79
C ASN C 71 -29.36 -19.77 -16.34
N GLU C 72 -29.26 -19.99 -17.65
CA GLU C 72 -30.17 -20.94 -18.32
C GLU C 72 -30.03 -22.34 -17.74
N GLN C 73 -28.81 -22.83 -17.56
CA GLN C 73 -28.61 -24.18 -17.05
C GLN C 73 -28.70 -24.25 -15.54
N GLY C 74 -28.77 -23.12 -14.85
CA GLY C 74 -28.82 -23.11 -13.41
C GLY C 74 -27.52 -22.76 -12.73
N GLN C 75 -26.49 -22.35 -13.47
CA GLN C 75 -25.27 -21.87 -12.83
C GLN C 75 -25.58 -20.58 -12.09
N THR C 76 -25.29 -20.54 -10.80
CA THR C 76 -25.60 -19.37 -10.00
C THR C 76 -24.71 -18.20 -10.41
N LEU C 77 -25.31 -17.02 -10.48
CA LEU C 77 -24.60 -15.80 -10.86
C LEU C 77 -24.24 -14.93 -9.67
N TRP C 78 -25.09 -14.88 -8.65
CA TRP C 78 -24.79 -14.09 -7.47
C TRP C 78 -25.36 -14.79 -6.24
N SER C 79 -24.80 -14.45 -5.08
CA SER C 79 -25.26 -14.95 -3.80
C SER C 79 -25.72 -13.78 -2.94
N LYS C 80 -26.62 -14.08 -2.00
CA LYS C 80 -27.16 -13.06 -1.12
C LYS C 80 -26.33 -12.86 0.15
N THR C 81 -25.28 -13.65 0.34
CA THR C 81 -24.43 -13.50 1.50
C THR C 81 -23.49 -12.31 1.30
N ASN C 82 -23.55 -11.35 2.23
CA ASN C 82 -22.80 -10.12 2.08
C ASN C 82 -21.31 -10.34 2.37
N ASP C 83 -20.50 -9.39 1.94
CA ASP C 83 -19.06 -9.44 2.19
C ASP C 83 -18.80 -9.31 3.69
N ALA C 84 -17.51 -9.40 4.05
CA ALA C 84 -17.12 -9.37 5.46
C ALA C 84 -17.52 -8.05 6.11
N GLY C 85 -16.94 -6.94 5.65
CA GLY C 85 -17.18 -5.66 6.28
C GLY C 85 -17.86 -4.65 5.37
N SER C 86 -18.83 -5.12 4.58
CA SER C 86 -19.56 -4.25 3.68
C SER C 86 -20.93 -4.85 3.40
N ASP C 87 -21.82 -4.02 2.87
CA ASP C 87 -23.15 -4.47 2.49
C ASP C 87 -23.16 -5.13 1.10
N ARG C 88 -22.04 -5.12 0.39
CA ARG C 88 -21.98 -5.73 -0.92
C ARG C 88 -22.05 -7.26 -0.80
N VAL C 89 -22.53 -7.89 -1.87
CA VAL C 89 -22.73 -9.33 -1.91
C VAL C 89 -21.69 -9.97 -2.81
N MET C 90 -21.27 -11.16 -2.45
CA MET C 90 -20.31 -11.92 -3.24
C MET C 90 -21.02 -12.57 -4.42
N VAL C 91 -20.44 -12.44 -5.61
CA VAL C 91 -21.03 -12.93 -6.84
C VAL C 91 -19.96 -13.63 -7.67
N SER C 92 -20.44 -14.46 -8.61
CA SER C 92 -19.61 -15.26 -9.48
C SER C 92 -19.14 -14.44 -10.67
N PRO C 93 -18.02 -14.82 -11.31
CA PRO C 93 -17.55 -14.04 -12.46
C PRO C 93 -18.49 -14.10 -13.65
N LEU C 94 -19.34 -15.13 -13.74
CA LEU C 94 -20.29 -15.19 -14.84
C LEU C 94 -21.22 -13.98 -14.83
N ALA C 95 -21.58 -13.49 -13.64
CA ALA C 95 -22.42 -12.30 -13.57
C ALA C 95 -21.80 -11.12 -14.29
N VAL C 96 -20.47 -11.11 -14.44
CA VAL C 96 -19.83 -10.11 -15.28
C VAL C 96 -20.16 -10.36 -16.75
N THR C 97 -19.83 -11.56 -17.25
CA THR C 97 -20.06 -11.85 -18.65
C THR C 97 -21.54 -11.76 -19.00
N TRP C 98 -22.41 -12.23 -18.10
CA TRP C 98 -23.84 -12.08 -18.32
C TRP C 98 -24.19 -10.61 -18.55
N TRP C 99 -23.66 -9.72 -17.70
CA TRP C 99 -23.94 -8.30 -17.86
C TRP C 99 -23.49 -7.78 -19.22
N ASN C 100 -22.53 -8.45 -19.85
CA ASN C 100 -22.02 -8.02 -21.14
C ASN C 100 -22.77 -8.63 -22.32
N ARG C 101 -23.74 -9.49 -22.07
CA ARG C 101 -24.51 -10.11 -23.14
C ARG C 101 -26.01 -9.88 -23.04
N ASN C 102 -26.55 -9.65 -21.84
CA ASN C 102 -27.95 -9.29 -21.70
C ASN C 102 -28.19 -8.20 -20.68
N GLY C 103 -27.15 -7.59 -20.11
CA GLY C 103 -27.32 -6.54 -19.14
C GLY C 103 -27.81 -5.26 -19.80
N PRO C 104 -28.20 -4.28 -19.01
CA PRO C 104 -28.68 -3.01 -19.57
C PRO C 104 -27.60 -2.34 -20.42
N THR C 105 -28.05 -1.68 -21.48
CA THR C 105 -27.16 -0.96 -22.39
C THR C 105 -27.39 0.53 -22.27
N THR C 106 -26.35 1.29 -22.59
CA THR C 106 -26.39 2.75 -22.49
C THR C 106 -25.69 3.32 -23.72
N SER C 107 -25.47 4.63 -23.71
CA SER C 107 -24.79 5.34 -24.79
C SER C 107 -23.39 5.68 -24.31
N ALA C 108 -22.39 4.92 -24.79
CA ALA C 108 -21.00 5.11 -24.42
C ALA C 108 -20.28 6.10 -25.34
N VAL C 109 -21.02 7.00 -26.00
CA VAL C 109 -20.40 7.92 -26.94
C VAL C 109 -19.48 8.90 -26.23
N HIS C 110 -19.74 9.17 -24.94
CA HIS C 110 -18.99 10.19 -24.22
C HIS C 110 -17.74 9.65 -23.53
N TYR C 111 -17.57 8.34 -23.45
CA TYR C 111 -16.33 7.79 -22.90
C TYR C 111 -15.11 8.26 -23.68
N PRO C 112 -15.12 8.29 -25.02
CA PRO C 112 -13.99 8.90 -25.73
C PRO C 112 -13.70 10.32 -25.29
N LYS C 113 -14.74 11.11 -25.00
CA LYS C 113 -14.52 12.47 -24.51
C LYS C 113 -13.92 12.49 -23.12
N ILE C 114 -14.29 11.53 -22.27
CA ILE C 114 -13.74 11.49 -20.91
C ILE C 114 -12.28 11.00 -20.95
N TYR C 115 -12.07 9.76 -21.40
CA TYR C 115 -10.74 9.17 -21.45
C TYR C 115 -9.97 9.76 -22.63
N LYS C 116 -9.70 11.07 -22.52
CA LYS C 116 -9.05 11.79 -23.62
C LYS C 116 -7.64 11.26 -23.88
N THR C 117 -6.88 10.98 -22.82
CA THR C 117 -5.49 10.59 -22.98
C THR C 117 -5.37 9.30 -23.79
N TYR C 118 -6.11 8.27 -23.40
CA TYR C 118 -5.97 6.97 -24.05
C TYR C 118 -6.42 7.02 -25.50
N PHE C 119 -7.55 7.69 -25.77
CA PHE C 119 -8.03 7.78 -27.15
C PHE C 119 -7.09 8.63 -28.00
N GLU C 120 -6.48 9.66 -27.42
CA GLU C 120 -5.47 10.42 -28.14
C GLU C 120 -4.27 9.55 -28.47
N LYS C 121 -3.85 8.69 -27.54
CA LYS C 121 -2.77 7.75 -27.82
C LYS C 121 -3.15 6.85 -29.00
N VAL C 122 -4.38 6.32 -28.98
CA VAL C 122 -4.81 5.42 -30.05
C VAL C 122 -4.82 6.15 -31.39
N GLU C 123 -5.35 7.38 -31.41
CA GLU C 123 -5.39 8.14 -32.65
C GLU C 123 -3.99 8.46 -33.15
N ARG C 124 -3.08 8.81 -32.24
CA ARG C 124 -1.71 9.12 -32.64
C ARG C 124 -1.05 7.89 -33.25
N LEU C 125 -1.24 6.72 -32.66
CA LEU C 125 -0.60 5.51 -33.18
C LEU C 125 -1.24 5.04 -34.48
N LYS C 126 -2.56 5.21 -34.64
CA LYS C 126 -3.23 4.67 -35.81
C LYS C 126 -2.72 5.32 -37.08
N HIS C 127 -2.36 6.60 -37.02
CA HIS C 127 -1.89 7.34 -38.19
C HIS C 127 -0.38 7.43 -38.25
N GLY C 128 0.34 6.69 -37.40
CA GLY C 128 1.79 6.69 -37.46
C GLY C 128 2.31 5.99 -38.69
N THR C 129 3.54 6.36 -39.07
CA THR C 129 4.21 5.79 -40.24
C THR C 129 5.56 5.26 -39.79
N PHE C 130 5.78 3.96 -39.99
CA PHE C 130 7.04 3.34 -39.61
C PHE C 130 8.09 3.53 -40.70
N GLY C 131 9.31 3.12 -40.39
CA GLY C 131 10.41 3.21 -41.31
C GLY C 131 11.35 2.03 -41.18
N PRO C 132 12.46 2.07 -41.93
CA PRO C 132 13.41 0.95 -41.85
C PRO C 132 14.06 0.85 -40.48
N VAL C 133 14.42 -0.36 -40.11
CA VAL C 133 15.13 -0.62 -38.86
C VAL C 133 16.63 -0.58 -39.14
N HIS C 134 17.34 0.26 -38.39
CA HIS C 134 18.78 0.42 -38.55
C HIS C 134 19.49 -0.22 -37.36
N PHE C 135 20.41 -1.12 -37.65
CA PHE C 135 21.11 -1.89 -36.61
C PHE C 135 22.47 -1.22 -36.35
N ARG C 136 22.58 -0.58 -35.19
CA ARG C 136 23.85 0.00 -34.77
C ARG C 136 23.77 0.25 -33.26
N ASN C 137 24.92 0.23 -32.61
CA ASN C 137 24.96 0.41 -31.17
C ASN C 137 24.32 1.73 -30.78
N GLN C 138 23.42 1.69 -29.81
CA GLN C 138 22.72 2.87 -29.32
C GLN C 138 23.31 3.29 -27.99
N VAL C 139 23.74 4.54 -27.89
CA VAL C 139 24.31 5.08 -26.65
C VAL C 139 23.13 5.64 -25.85
N LYS C 140 22.52 4.77 -25.07
CA LYS C 140 21.40 5.16 -24.21
C LYS C 140 21.94 5.95 -23.02
N ILE C 141 21.57 7.21 -22.93
CA ILE C 141 21.95 8.04 -21.80
C ILE C 141 20.70 8.41 -21.03
N ARG C 142 20.81 8.44 -19.72
CA ARG C 142 19.66 8.60 -18.85
C ARG C 142 19.36 10.09 -18.63
N ARG C 143 18.09 10.45 -18.83
CA ARG C 143 17.66 11.83 -18.80
C ARG C 143 16.28 11.93 -18.17
N ARG C 144 15.98 13.10 -17.61
CA ARG C 144 14.66 13.39 -17.08
C ARG C 144 13.77 13.92 -18.19
N VAL C 145 12.64 13.25 -18.44
CA VAL C 145 11.74 13.61 -19.52
C VAL C 145 10.30 13.55 -19.03
N ASP C 146 9.43 14.30 -19.71
CA ASP C 146 8.01 14.32 -19.39
C ASP C 146 7.31 13.22 -20.18
N ILE C 147 6.54 12.39 -19.48
CA ILE C 147 5.88 11.27 -20.16
C ILE C 147 4.50 11.68 -20.67
N ASN C 148 3.79 12.50 -19.92
CA ASN C 148 2.42 12.87 -20.29
C ASN C 148 2.46 13.82 -21.47
N PRO C 149 1.88 13.46 -22.62
CA PRO C 149 1.96 14.34 -23.81
C PRO C 149 0.85 15.38 -23.89
N GLY C 150 -0.06 15.42 -22.92
CA GLY C 150 -1.17 16.36 -22.98
C GLY C 150 -1.20 17.30 -21.79
N HIS C 151 -0.14 17.33 -21.00
CA HIS C 151 -0.08 18.22 -19.84
C HIS C 151 -0.26 19.65 -20.28
N ALA C 152 -1.14 20.38 -19.58
CA ALA C 152 -1.49 21.74 -19.92
C ALA C 152 -0.61 22.77 -19.24
N ASP C 153 0.61 22.38 -18.84
CA ASP C 153 1.54 23.28 -18.16
C ASP C 153 1.02 23.63 -16.76
N LEU C 154 0.49 22.63 -16.05
CA LEU C 154 -0.02 22.80 -14.71
C LEU C 154 0.55 21.73 -13.80
N SER C 155 0.76 22.10 -12.54
CA SER C 155 1.21 21.15 -11.53
C SER C 155 0.01 20.43 -10.93
N ALA C 156 0.28 19.55 -9.97
CA ALA C 156 -0.80 18.80 -9.32
C ALA C 156 -1.75 19.74 -8.61
N LYS C 157 -1.24 20.49 -7.63
CA LYS C 157 -2.09 21.42 -6.89
C LYS C 157 -2.65 22.50 -7.82
N GLU C 158 -1.83 22.98 -8.75
CA GLU C 158 -2.26 24.05 -9.64
C GLU C 158 -3.50 23.67 -10.43
N ALA C 159 -3.56 22.42 -10.92
CA ALA C 159 -4.71 21.95 -11.68
C ALA C 159 -5.78 21.32 -10.80
N GLN C 160 -5.50 21.07 -9.52
CA GLN C 160 -6.51 20.46 -8.66
C GLN C 160 -7.68 21.41 -8.44
N ASP C 161 -7.41 22.70 -8.26
CA ASP C 161 -8.49 23.67 -8.13
C ASP C 161 -9.31 23.75 -9.42
N VAL C 162 -8.63 23.72 -10.57
CA VAL C 162 -9.33 23.69 -11.85
C VAL C 162 -10.24 22.49 -11.93
N ILE C 163 -9.74 21.32 -11.52
CA ILE C 163 -10.53 20.10 -11.59
C ILE C 163 -11.75 20.20 -10.69
N MET C 164 -11.57 20.70 -9.46
CA MET C 164 -12.73 20.84 -8.59
C MET C 164 -13.76 21.77 -9.19
N GLU C 165 -13.33 22.95 -9.64
CA GLU C 165 -14.28 23.90 -10.21
C GLU C 165 -14.96 23.34 -11.45
N VAL C 166 -14.31 22.42 -12.17
CA VAL C 166 -14.92 21.81 -13.33
C VAL C 166 -15.94 20.76 -12.91
N VAL C 167 -15.64 19.97 -11.89
CA VAL C 167 -16.49 18.87 -11.45
C VAL C 167 -17.30 19.25 -10.22
N PHE C 168 -16.64 19.78 -9.19
CA PHE C 168 -17.31 20.15 -7.95
C PHE C 168 -17.29 21.66 -7.79
N PRO C 169 -18.14 22.39 -8.52
CA PRO C 169 -18.06 23.86 -8.50
C PRO C 169 -18.37 24.47 -7.15
N ASN C 170 -19.09 23.77 -6.27
CA ASN C 170 -19.53 24.36 -5.01
C ASN C 170 -18.55 24.19 -3.87
N GLU C 171 -17.69 23.16 -3.93
CA GLU C 171 -16.72 22.90 -2.87
C GLU C 171 -15.38 23.59 -3.11
N VAL C 172 -15.31 24.50 -4.09
CA VAL C 172 -14.05 25.18 -4.38
C VAL C 172 -13.56 25.97 -3.17
N GLY C 173 -14.47 26.62 -2.46
CA GLY C 173 -14.10 27.41 -1.30
C GLY C 173 -13.60 28.80 -1.66
N ALA C 174 -12.48 29.21 -1.05
CA ALA C 174 -11.96 30.55 -1.29
C ALA C 174 -11.47 30.70 -2.71
N ARG C 175 -10.83 29.66 -3.26
CA ARG C 175 -10.10 29.80 -4.50
C ARG C 175 -11.03 30.20 -5.64
N ILE C 176 -10.63 31.24 -6.38
CA ILE C 176 -11.19 31.57 -7.67
C ILE C 176 -10.02 31.75 -8.62
N LEU C 177 -9.97 30.94 -9.67
CA LEU C 177 -8.74 30.78 -10.43
C LEU C 177 -8.41 32.06 -11.17
N THR C 178 -7.15 32.50 -11.05
CA THR C 178 -6.76 33.78 -11.64
C THR C 178 -6.25 33.62 -13.06
N SER C 179 -5.35 32.67 -13.29
CA SER C 179 -4.76 32.49 -14.61
C SER C 179 -5.84 32.23 -15.65
N GLU C 180 -5.74 32.95 -16.78
CA GLU C 180 -6.74 32.84 -17.83
C GLU C 180 -6.66 31.51 -18.59
N SER C 181 -5.48 30.91 -18.65
CA SER C 181 -5.39 29.55 -19.20
C SER C 181 -6.31 28.61 -18.44
N GLN C 182 -6.29 28.71 -17.11
CA GLN C 182 -7.19 27.92 -16.30
C GLN C 182 -8.65 28.29 -16.60
N LEU C 183 -8.93 29.56 -16.86
CA LEU C 183 -10.28 29.97 -17.21
C LEU C 183 -10.76 29.23 -18.45
N THR C 184 -9.95 29.25 -19.52
CA THR C 184 -10.36 28.61 -20.77
C THR C 184 -10.47 27.09 -20.59
N ILE C 185 -9.55 26.49 -19.83
CA ILE C 185 -9.64 25.05 -19.59
C ILE C 185 -10.92 24.71 -18.85
N THR C 186 -11.26 25.50 -17.83
CA THR C 186 -12.51 25.27 -17.10
C THR C 186 -13.70 25.39 -18.04
N LYS C 187 -13.74 26.44 -18.86
CA LYS C 187 -14.87 26.61 -19.77
C LYS C 187 -15.00 25.42 -20.71
N GLU C 188 -13.89 25.00 -21.33
CA GLU C 188 -13.96 23.92 -22.30
C GLU C 188 -14.37 22.61 -21.65
N LYS C 189 -13.71 22.23 -20.56
CA LYS C 189 -14.03 20.96 -19.92
C LYS C 189 -15.34 21.00 -19.16
N LYS C 190 -15.91 22.19 -18.94
CA LYS C 190 -17.23 22.30 -18.35
C LYS C 190 -18.31 22.08 -19.41
N GLU C 191 -18.21 22.80 -20.52
CA GLU C 191 -19.20 22.63 -21.58
C GLU C 191 -19.10 21.27 -22.24
N GLU C 192 -17.91 20.65 -22.22
CA GLU C 192 -17.75 19.36 -22.88
C GLU C 192 -18.34 18.22 -22.06
N LEU C 193 -18.19 18.26 -20.74
CA LEU C 193 -18.62 17.20 -19.85
C LEU C 193 -19.83 17.61 -19.02
N GLN C 194 -20.77 18.34 -19.62
CA GLN C 194 -21.81 19.00 -18.84
C GLN C 194 -22.80 17.99 -18.25
N ASP C 195 -23.10 16.91 -18.98
CA ASP C 195 -24.03 15.90 -18.51
C ASP C 195 -23.44 14.50 -18.42
N CYS C 196 -22.12 14.36 -18.56
CA CYS C 196 -21.52 13.04 -18.47
C CYS C 196 -21.76 12.44 -17.09
N LYS C 197 -22.16 11.18 -17.06
CA LYS C 197 -22.63 10.51 -15.85
C LYS C 197 -21.78 9.28 -15.53
N ILE C 198 -20.49 9.34 -15.82
CA ILE C 198 -19.62 8.19 -15.55
C ILE C 198 -19.39 8.11 -14.04
N SER C 199 -18.69 9.09 -13.50
CA SER C 199 -18.55 9.27 -12.06
C SER C 199 -17.79 10.56 -11.81
N PRO C 200 -18.13 11.34 -10.78
CA PRO C 200 -17.31 12.54 -10.49
C PRO C 200 -15.86 12.20 -10.18
N LEU C 201 -15.63 11.10 -9.46
CA LEU C 201 -14.27 10.77 -9.05
C LEU C 201 -13.40 10.39 -10.22
N MET C 202 -13.91 9.53 -11.11
CA MET C 202 -13.11 9.14 -12.28
C MET C 202 -12.89 10.32 -13.22
N VAL C 203 -13.91 11.17 -13.39
CA VAL C 203 -13.72 12.36 -14.22
C VAL C 203 -12.62 13.23 -13.65
N ALA C 204 -12.64 13.45 -12.33
CA ALA C 204 -11.60 14.25 -11.70
C ALA C 204 -10.23 13.61 -11.86
N TYR C 205 -10.15 12.28 -11.69
CA TYR C 205 -8.87 11.60 -11.81
C TYR C 205 -8.31 11.73 -13.21
N MET C 206 -9.15 11.54 -14.23
CA MET C 206 -8.65 11.63 -15.59
C MET C 206 -8.32 13.06 -15.98
N LEU C 207 -9.06 14.05 -15.49
CA LEU C 207 -8.67 15.44 -15.71
C LEU C 207 -7.33 15.73 -15.07
N GLU C 208 -7.10 15.21 -13.86
CA GLU C 208 -5.81 15.38 -13.21
C GLU C 208 -4.70 14.77 -14.06
N ARG C 209 -4.93 13.55 -14.57
CA ARG C 209 -3.92 12.90 -15.38
C ARG C 209 -3.64 13.69 -16.65
N GLU C 210 -4.68 14.21 -17.31
CA GLU C 210 -4.50 14.90 -18.58
C GLU C 210 -3.81 16.23 -18.40
N LEU C 211 -4.26 17.05 -17.44
CA LEU C 211 -3.76 18.41 -17.33
C LEU C 211 -2.46 18.49 -16.55
N VAL C 212 -2.29 17.69 -15.51
CA VAL C 212 -1.12 17.79 -14.65
C VAL C 212 0.10 17.26 -15.37
N ARG C 213 1.20 18.01 -15.30
CA ARG C 213 2.46 17.57 -15.86
C ARG C 213 3.14 16.57 -14.92
N LYS C 214 3.71 15.52 -15.52
CA LYS C 214 4.41 14.50 -14.75
C LYS C 214 5.70 14.18 -15.48
N THR C 215 6.74 13.87 -14.72
CA THR C 215 8.08 13.72 -15.25
C THR C 215 8.73 12.50 -14.61
N ARG C 216 9.55 11.79 -15.39
CA ARG C 216 10.26 10.63 -14.89
C ARG C 216 11.61 10.52 -15.59
N PHE C 217 12.51 9.81 -14.95
CA PHE C 217 13.87 9.66 -15.41
C PHE C 217 13.98 8.34 -16.18
N LEU C 218 14.46 8.40 -17.42
CA LEU C 218 14.45 7.23 -18.30
C LEU C 218 15.72 7.22 -19.15
N PRO C 219 16.16 6.03 -19.57
CA PRO C 219 17.28 5.94 -20.52
C PRO C 219 16.80 6.17 -21.94
N VAL C 220 17.23 7.28 -22.55
CA VAL C 220 16.78 7.67 -23.87
C VAL C 220 17.98 7.80 -24.79
N ALA C 221 17.72 7.69 -26.09
CA ALA C 221 18.70 7.93 -27.14
C ALA C 221 17.98 8.62 -28.29
N GLY C 222 18.16 9.93 -28.42
CA GLY C 222 17.39 10.70 -29.38
C GLY C 222 16.01 11.04 -28.84
N GLY C 223 15.10 11.32 -29.76
CA GLY C 223 13.73 11.64 -29.37
C GLY C 223 13.64 12.83 -28.44
N THR C 224 13.35 12.56 -27.17
CA THR C 224 13.23 13.53 -26.08
C THR C 224 11.90 14.28 -26.13
N SER C 225 11.09 14.07 -27.16
CA SER C 225 9.78 14.72 -27.25
C SER C 225 8.74 13.90 -26.50
N SER C 226 7.69 14.59 -26.05
CA SER C 226 6.64 13.91 -25.28
C SER C 226 5.98 12.82 -26.11
N VAL C 227 5.65 13.11 -27.36
CA VAL C 227 5.01 12.13 -28.22
C VAL C 227 5.97 10.99 -28.56
N TYR C 228 7.27 11.26 -28.62
CA TYR C 228 8.26 10.25 -28.95
C TYR C 228 8.70 9.42 -27.75
N ILE C 229 8.29 9.78 -26.54
CA ILE C 229 8.69 9.04 -25.35
C ILE C 229 7.67 7.94 -25.01
N GLU C 230 6.39 8.15 -25.33
CA GLU C 230 5.39 7.13 -25.06
C GLU C 230 5.67 5.86 -25.86
N VAL C 231 6.26 5.99 -27.04
CA VAL C 231 6.64 4.86 -27.88
C VAL C 231 8.13 4.56 -27.77
N LEU C 232 8.76 4.99 -26.68
CA LEU C 232 10.19 4.76 -26.52
C LEU C 232 10.53 3.27 -26.53
N HIS C 233 9.59 2.41 -26.15
CA HIS C 233 9.82 0.97 -26.20
C HIS C 233 9.86 0.43 -27.62
N LEU C 234 9.22 1.12 -28.57
CA LEU C 234 9.11 0.65 -29.93
C LEU C 234 10.13 1.26 -30.88
N THR C 235 10.67 2.43 -30.54
CA THR C 235 11.59 3.14 -31.43
C THR C 235 13.06 2.92 -31.08
N GLN C 236 13.38 2.66 -29.82
CA GLN C 236 14.76 2.52 -29.38
C GLN C 236 14.96 1.17 -28.71
N GLY C 237 16.08 0.52 -29.03
CA GLY C 237 16.42 -0.75 -28.43
C GLY C 237 17.89 -0.84 -28.06
N THR C 238 18.37 -2.06 -27.80
CA THR C 238 19.77 -2.23 -27.41
C THR C 238 20.71 -2.07 -28.61
N CYS C 239 20.32 -2.59 -29.77
CA CYS C 239 21.18 -2.53 -30.96
C CYS C 239 20.39 -2.20 -32.22
N TRP C 240 19.19 -1.67 -32.09
CA TRP C 240 18.35 -1.38 -33.24
C TRP C 240 17.56 -0.10 -32.99
N GLU C 241 17.38 0.68 -34.05
CA GLU C 241 16.56 1.88 -34.01
C GLU C 241 15.49 1.79 -35.08
N GLN C 242 14.25 2.08 -34.67
CA GLN C 242 13.08 2.00 -35.54
C GLN C 242 12.53 3.41 -35.72
N MET C 243 12.77 4.00 -36.88
CA MET C 243 12.27 5.34 -37.16
C MET C 243 10.74 5.34 -37.13
N TYR C 244 10.17 6.32 -36.45
CA TYR C 244 8.74 6.40 -36.26
C TYR C 244 8.31 7.86 -36.21
N THR C 245 7.11 8.14 -36.72
CA THR C 245 6.55 9.48 -36.73
C THR C 245 5.08 9.38 -36.33
N PRO C 246 4.73 9.72 -35.09
CA PRO C 246 3.33 9.61 -34.66
C PRO C 246 2.38 10.36 -35.57
N GLY C 247 1.08 10.05 -35.46
CA GLY C 247 0.11 10.67 -36.34
C GLY C 247 -0.04 12.16 -36.14
N GLY C 248 0.30 12.66 -34.95
CA GLY C 248 0.16 14.08 -34.69
C GLY C 248 0.99 14.93 -35.62
N GLU C 249 2.22 14.49 -35.90
CA GLU C 249 3.12 15.22 -36.78
C GLU C 249 2.91 14.82 -38.23
N VAL F 2 -31.59 43.82 34.53
CA VAL F 2 -32.98 44.24 34.62
C VAL F 2 -33.43 44.27 36.08
N GLN F 3 -33.63 45.51 36.58
CA GLN F 3 -34.26 45.85 37.85
C GLN F 3 -35.75 45.97 37.59
N LEU F 4 -36.65 45.89 38.59
CA LEU F 4 -38.07 46.03 38.31
C LEU F 4 -38.69 46.72 39.51
N GLN F 5 -39.61 47.66 39.30
CA GLN F 5 -40.34 48.32 40.37
C GLN F 5 -41.82 48.29 40.09
N GLU F 6 -42.60 47.60 40.94
CA GLU F 6 -44.03 47.59 40.90
C GLU F 6 -44.68 48.77 41.63
N SER F 7 -45.80 49.24 41.07
CA SER F 7 -46.64 50.31 41.59
C SER F 7 -48.09 49.90 41.48
N GLY F 8 -48.99 50.62 42.17
CA GLY F 8 -50.44 50.49 41.94
C GLY F 8 -51.18 49.53 42.84
N GLY F 9 -50.49 48.83 43.77
CA GLY F 9 -51.16 48.02 44.79
C GLY F 9 -51.82 48.83 45.90
N GLY F 10 -52.47 48.15 46.85
CA GLY F 10 -53.11 48.80 47.98
C GLY F 10 -54.28 48.02 48.54
N LEU F 11 -55.04 48.68 49.42
CA LEU F 11 -56.28 48.15 49.98
C LEU F 11 -57.45 48.50 49.08
N VAL F 12 -58.28 47.52 48.74
CA VAL F 12 -59.43 47.74 47.88
C VAL F 12 -60.62 46.94 48.33
N GLN F 13 -61.81 47.50 48.02
CA GLN F 13 -63.09 46.85 48.12
C GLN F 13 -63.23 45.64 47.22
N ALA F 14 -63.93 44.59 47.68
CA ALA F 14 -64.40 43.50 46.86
C ALA F 14 -65.34 43.97 45.76
N GLY F 15 -65.12 43.47 44.54
CA GLY F 15 -65.78 43.96 43.33
C GLY F 15 -65.14 45.19 42.75
N GLY F 16 -64.11 45.74 43.41
CA GLY F 16 -63.34 46.89 42.94
C GLY F 16 -62.38 46.61 41.83
N SER F 17 -61.59 47.63 41.45
CA SER F 17 -60.66 47.54 40.34
C SER F 17 -59.35 48.16 40.77
N LEU F 18 -58.24 47.68 40.19
CA LEU F 18 -56.91 48.11 40.56
C LEU F 18 -56.01 48.03 39.34
N ARG F 19 -55.12 49.02 39.12
CA ARG F 19 -54.21 48.98 37.99
C ARG F 19 -52.80 48.92 38.52
N LEU F 20 -52.17 47.75 38.38
CA LEU F 20 -50.79 47.53 38.72
C LEU F 20 -49.92 47.93 37.55
N SER F 21 -48.72 48.43 37.83
CA SER F 21 -47.77 48.77 36.79
C SER F 21 -46.40 48.40 37.27
N CYS F 22 -45.53 47.97 36.36
CA CYS F 22 -44.18 47.60 36.66
C CYS F 22 -43.29 48.33 35.70
N ALA F 23 -42.43 49.21 36.23
CA ALA F 23 -41.44 49.92 35.46
C ALA F 23 -40.14 49.13 35.50
N ALA F 24 -39.34 49.21 34.44
CA ALA F 24 -38.14 48.46 34.28
C ALA F 24 -37.08 49.40 33.69
N TYR F 34 -37.96 41.69 25.28
CA TYR F 34 -38.06 40.77 26.40
C TYR F 34 -39.50 40.67 26.82
N VAL F 35 -39.83 39.48 27.30
CA VAL F 35 -41.15 39.12 27.68
C VAL F 35 -41.43 39.32 29.16
N MET F 36 -42.67 39.72 29.52
CA MET F 36 -43.00 40.15 30.86
C MET F 36 -44.20 39.41 31.39
N GLY F 37 -44.33 39.35 32.72
CA GLY F 37 -45.52 38.85 33.34
C GLY F 37 -45.71 39.22 34.75
N TRP F 38 -46.80 38.73 35.30
CA TRP F 38 -47.20 39.01 36.64
C TRP F 38 -47.46 37.70 37.34
N PHE F 39 -46.94 37.60 38.57
CA PHE F 39 -47.14 36.46 39.43
C PHE F 39 -47.63 37.02 40.74
N ARG F 40 -48.20 36.17 41.60
CA ARG F 40 -48.60 36.61 42.90
C ARG F 40 -48.20 35.60 43.96
N GLN F 41 -48.02 36.08 45.19
CA GLN F 41 -47.64 35.26 46.31
C GLN F 41 -48.56 35.60 47.47
N ALA F 42 -49.43 34.68 47.89
CA ALA F 42 -50.29 34.89 49.03
C ALA F 42 -49.50 34.52 50.29
N PRO F 43 -49.81 35.00 51.49
CA PRO F 43 -48.97 34.82 52.68
C PRO F 43 -48.69 33.38 53.09
N GLY F 44 -49.53 32.42 52.69
CA GLY F 44 -49.41 31.01 53.03
C GLY F 44 -48.94 30.13 51.89
N LYS F 45 -48.29 30.67 50.83
CA LYS F 45 -47.97 29.84 49.68
C LYS F 45 -46.78 30.38 48.89
N GLU F 46 -46.31 29.59 47.90
CA GLU F 46 -45.29 30.01 46.95
C GLU F 46 -45.87 30.82 45.80
N ARG F 47 -45.22 30.82 44.62
CA ARG F 47 -45.70 31.61 43.50
C ARG F 47 -46.92 31.03 42.79
N GLU F 48 -47.82 31.92 42.35
CA GLU F 48 -48.96 31.59 41.53
C GLU F 48 -48.88 32.42 40.27
N PHE F 49 -49.00 31.78 39.08
CA PHE F 49 -49.11 32.44 37.79
C PHE F 49 -50.39 33.29 37.72
N VAL F 50 -50.27 34.55 37.23
CA VAL F 50 -51.41 35.43 37.04
C VAL F 50 -51.62 35.66 35.56
N ALA F 51 -50.72 36.43 34.93
CA ALA F 51 -50.95 36.89 33.60
C ALA F 51 -49.62 37.19 32.98
N ALA F 52 -49.49 37.10 31.65
CA ALA F 52 -48.20 37.38 31.06
C ALA F 52 -48.26 37.76 29.56
N ILE F 53 -47.26 38.49 28.99
CA ILE F 53 -47.39 39.23 27.71
C ILE F 53 -46.17 39.33 26.77
N ASP F 61 -51.66 35.56 28.06
CA ASP F 61 -52.13 34.36 28.71
C ASP F 61 -52.51 34.78 30.13
N TYR F 62 -53.49 34.07 30.73
CA TYR F 62 -54.03 34.34 32.05
C TYR F 62 -54.44 33.04 32.73
N ALA F 63 -54.13 32.85 34.02
CA ALA F 63 -54.59 31.73 34.82
C ALA F 63 -56.11 31.68 35.03
N ASP F 64 -56.70 30.47 35.23
CA ASP F 64 -58.14 30.24 35.33
C ASP F 64 -58.82 31.07 36.44
N SER F 65 -58.13 31.25 37.57
CA SER F 65 -58.61 32.00 38.73
C SER F 65 -58.78 33.49 38.48
N VAL F 66 -58.10 34.04 37.44
CA VAL F 66 -58.09 35.46 37.12
C VAL F 66 -58.59 35.79 35.71
N LYS F 67 -58.80 34.80 34.80
CA LYS F 67 -59.23 35.07 33.44
C LYS F 67 -60.59 35.77 33.31
N GLY F 68 -60.66 36.74 32.37
CA GLY F 68 -61.83 37.59 32.16
C GLY F 68 -61.88 38.77 33.09
N ARG F 69 -61.41 38.61 34.33
CA ARG F 69 -61.31 39.70 35.27
C ARG F 69 -60.12 40.60 34.97
N PHE F 70 -58.95 40.00 34.67
CA PHE F 70 -57.67 40.70 34.64
C PHE F 70 -57.10 40.75 33.24
N THR F 71 -56.55 41.92 32.86
CA THR F 71 -55.95 42.18 31.55
C THR F 71 -54.52 42.61 31.72
N ILE F 72 -53.59 42.06 30.91
CA ILE F 72 -52.20 42.47 30.91
C ILE F 72 -51.91 43.23 29.63
N SER F 73 -51.13 44.32 29.75
CA SER F 73 -50.77 45.14 28.61
C SER F 73 -49.40 45.72 28.86
N ARG F 74 -48.74 46.27 27.84
CA ARG F 74 -47.40 46.79 28.03
C ARG F 74 -47.22 47.92 27.07
N ASP F 75 -46.38 48.88 27.47
CA ASP F 75 -45.92 49.95 26.62
C ASP F 75 -44.41 49.74 26.54
N ASN F 76 -43.89 49.56 25.31
CA ASN F 76 -42.48 49.36 25.07
C ASN F 76 -41.76 50.68 24.83
N ALA F 77 -42.48 51.83 24.82
CA ALA F 77 -41.92 53.15 24.66
C ALA F 77 -41.90 53.88 26.00
N LYS F 78 -42.66 53.36 26.98
CA LYS F 78 -42.55 53.75 28.38
C LYS F 78 -41.75 52.74 29.18
N ASN F 79 -41.66 51.52 28.63
CA ASN F 79 -40.95 50.40 29.21
C ASN F 79 -41.58 49.88 30.49
N THR F 80 -42.90 49.69 30.39
CA THR F 80 -43.78 49.42 31.53
C THR F 80 -44.72 48.31 31.15
N VAL F 81 -44.91 47.30 32.02
CA VAL F 81 -45.95 46.31 31.87
C VAL F 81 -47.03 46.59 32.92
N TYR F 82 -48.31 46.51 32.52
CA TYR F 82 -49.46 46.87 33.32
C TYR F 82 -50.31 45.64 33.54
N LEU F 83 -50.93 45.53 34.72
CA LEU F 83 -51.94 44.53 34.99
C LEU F 83 -53.17 45.26 35.48
N GLU F 84 -54.23 45.25 34.66
CA GLU F 84 -55.49 45.88 34.99
C GLU F 84 -56.39 44.82 35.58
N MET F 85 -56.76 45.00 36.85
CA MET F 85 -57.48 44.02 37.61
C MET F 85 -58.87 44.57 37.89
N SER F 86 -59.94 43.83 37.55
CA SER F 86 -61.31 44.27 37.80
C SER F 86 -62.04 43.18 38.54
N SER F 87 -63.20 43.56 39.14
CA SER F 87 -64.08 42.68 39.92
C SER F 87 -63.37 41.82 40.95
N LEU F 88 -62.51 42.47 41.77
CA LEU F 88 -61.61 41.82 42.70
C LEU F 88 -62.28 41.00 43.79
N LYS F 89 -61.65 39.89 44.19
CA LYS F 89 -62.14 38.99 45.20
C LYS F 89 -61.18 38.99 46.39
N PRO F 90 -61.60 38.64 47.62
CA PRO F 90 -60.70 38.49 48.77
C PRO F 90 -59.57 37.50 48.55
N GLU F 91 -59.75 36.54 47.62
CA GLU F 91 -58.82 35.51 47.18
C GLU F 91 -57.69 36.07 46.32
N ASP F 92 -57.79 37.33 45.87
CA ASP F 92 -56.74 37.96 45.09
C ASP F 92 -55.72 38.64 45.99
N THR F 93 -55.97 38.67 47.31
CA THR F 93 -55.05 39.21 48.32
C THR F 93 -53.69 38.54 48.33
N ALA F 94 -52.67 39.26 47.82
CA ALA F 94 -51.35 38.71 47.60
C ALA F 94 -50.34 39.81 47.37
N VAL F 95 -49.05 39.47 47.45
CA VAL F 95 -47.99 40.32 46.91
C VAL F 95 -47.88 40.01 45.43
N TYR F 96 -48.09 41.00 44.55
CA TYR F 96 -48.01 40.80 43.12
C TYR F 96 -46.63 41.21 42.65
N VAL F 97 -45.87 40.24 42.12
CA VAL F 97 -44.52 40.44 41.62
C VAL F 97 -44.56 40.51 40.10
N CYS F 98 -43.77 41.42 39.55
CA CYS F 98 -43.46 41.52 38.16
C CYS F 98 -42.20 40.74 37.88
N ALA F 99 -42.03 40.27 36.64
CA ALA F 99 -40.87 39.50 36.28
C ALA F 99 -40.56 39.68 34.80
N ALA F 100 -39.26 39.58 34.46
CA ALA F 100 -38.74 39.71 33.11
C ALA F 100 -37.83 38.54 32.75
N ARG F 118 -36.75 39.52 38.73
CA ARG F 118 -37.96 39.55 39.52
C ARG F 118 -37.99 40.87 40.24
N GLY F 119 -39.17 41.51 40.33
CA GLY F 119 -39.38 42.66 41.19
C GLY F 119 -39.45 42.31 42.64
N GLN F 120 -39.69 43.32 43.50
CA GLN F 120 -39.81 43.12 44.93
C GLN F 120 -41.26 42.84 45.30
N GLY F 121 -42.20 43.22 44.41
CA GLY F 121 -43.61 42.99 44.57
C GLY F 121 -44.36 44.12 45.22
N THR F 122 -45.63 44.26 44.81
CA THR F 122 -46.52 45.27 45.38
C THR F 122 -47.69 44.58 46.05
N GLN F 123 -47.99 44.98 47.30
CA GLN F 123 -49.05 44.38 48.09
C GLN F 123 -50.44 44.75 47.60
N VAL F 124 -51.28 43.76 47.30
CA VAL F 124 -52.67 43.98 46.96
C VAL F 124 -53.50 43.29 48.00
N THR F 125 -54.42 44.01 48.65
CA THR F 125 -55.25 43.43 49.70
C THR F 125 -56.68 43.76 49.40
N VAL F 126 -57.51 42.74 49.21
CA VAL F 126 -58.89 42.89 48.77
C VAL F 126 -59.79 42.42 49.89
#